data_9G5G
#
_entry.id   9G5G
#
_cell.length_a   208.628
_cell.length_b   208.628
_cell.length_c   165.285
_cell.angle_alpha   90.00
_cell.angle_beta   90.00
_cell.angle_gamma   120.00
#
_symmetry.space_group_name_H-M   'H 3'
#
loop_
_entity.id
_entity.type
_entity.pdbx_description
1 polymer 'Glycoside hydrolase family 2 catalytic domain-containing protein'
2 branched beta-D-glucopyranose-(1-3)-beta-D-glucopyranose
3 non-polymer 'MALONIC ACID'
4 non-polymer GLYCEROL
5 non-polymer beta-D-glucopyranose
6 non-polymer 'TETRAETHYLENE GLYCOL'
7 water water
#
_entity_poly.entity_id   1
_entity_poly.type   'polypeptide(L)'
_entity_poly.pdbx_seq_one_letter_code
;MQSKTKIELKDNWYHLDGEKYFIKAIGYEIGARPGQAPYEDERKDELELMKFDLENIKEGGYNTIRTWSQYSENQLKLVQ
ESGLKLIMGIDIKPEEDYGDPEFVKDSEIELKRVLNYAKKYDCIITYLVINEPQTDHIHSVTGKAFVDLMNTLINIIHKG
HPGIPVTLSANAMISDYMDESIFDVYAYNCYDHNEGQTATMGFKDYIKGLNELNGLDKPFITTEFGYSVSPEGGNGQYGS
NTLKQQSDGLISNYRDLIDAGAVGMCPFYYADGWWKGGEKSDHSLNQPEEWFGFWGYSDLNDKYGTPRPVWFAMRDYMKG
LIISPKNKSIHTNTKIPLELYNDKDVKKVVVKFRDKVIYSKNITSEGYMADELTIDPVGIEDMELAFEFYDSDNKIIKNE
SINILASKTAFELPELTIEVTPEKDLNEGKIASIKTKIETSENFTLLDDLKISYNTHLGWAIGSQASVSISDQLDKKIIT
SENFFNIPDNCWVVNASAGISVRYGKFTFKIHDQKIIYRGDWAKEVGRKLEHHHHHH
;
_entity_poly.pdbx_strand_id   A,B,C,D
#
loop_
_chem_comp.id
_chem_comp.type
_chem_comp.name
_chem_comp.formula
BGC D-saccharide, beta linking beta-D-glucopyranose 'C6 H12 O6'
GOL non-polymer GLYCEROL 'C3 H8 O3'
MLA non-polymer 'MALONIC ACID' 'C3 H4 O4'
PG4 non-polymer 'TETRAETHYLENE GLYCOL' 'C8 H18 O5'
#
# COMPACT_ATOMS: atom_id res chain seq x y z
N SER A 3 -23.76 13.30 25.11
CA SER A 3 -22.89 12.73 26.17
C SER A 3 -21.44 12.78 25.74
N LYS A 4 -20.61 13.48 26.52
CA LYS A 4 -19.27 13.84 26.07
C LYS A 4 -18.22 13.53 27.14
N THR A 5 -16.97 13.40 26.72
CA THR A 5 -15.94 12.89 27.59
C THR A 5 -15.90 13.70 28.88
N LYS A 6 -15.86 12.97 30.00
CA LYS A 6 -15.62 13.50 31.32
C LYS A 6 -14.20 13.16 31.74
N ILE A 7 -13.49 14.18 32.23
CA ILE A 7 -12.08 14.09 32.54
C ILE A 7 -11.86 14.55 33.96
N GLU A 8 -11.34 13.65 34.80
CA GLU A 8 -10.90 14.03 36.14
C GLU A 8 -9.50 13.46 36.43
N LEU A 9 -8.78 14.22 37.26
CA LEU A 9 -7.39 14.00 37.62
C LEU A 9 -7.36 13.65 39.11
N LYS A 10 -6.98 12.43 39.44
CA LYS A 10 -6.89 12.05 40.84
C LYS A 10 -5.97 10.87 40.88
N ASP A 11 -5.34 10.67 42.05
CA ASP A 11 -4.12 9.90 42.12
C ASP A 11 -3.21 10.27 40.93
N ASN A 12 -3.14 11.55 40.59
CA ASN A 12 -2.16 12.06 39.62
C ASN A 12 -2.24 11.35 38.26
N TRP A 13 -3.45 11.03 37.77
CA TRP A 13 -3.62 10.41 36.47
C TRP A 13 -4.77 11.08 35.73
N TYR A 14 -4.69 11.16 34.40
CA TYR A 14 -5.86 11.54 33.63
C TYR A 14 -6.83 10.36 33.71
N HIS A 15 -8.11 10.66 33.84
CA HIS A 15 -9.15 9.69 33.63
C HIS A 15 -10.01 10.12 32.45
N LEU A 16 -10.60 9.17 31.73
CA LEU A 16 -11.46 9.52 30.63
C LEU A 16 -12.69 8.64 30.71
N ASP A 17 -13.79 9.28 31.13
CA ASP A 17 -14.97 8.52 31.53
C ASP A 17 -14.62 7.44 32.55
N GLY A 18 -13.84 7.80 33.59
CA GLY A 18 -13.69 6.93 34.75
C GLY A 18 -12.43 6.07 34.72
N GLU A 19 -11.88 5.81 33.52
CA GLU A 19 -10.78 4.87 33.37
C GLU A 19 -9.49 5.65 33.14
N LYS A 20 -8.39 5.17 33.72
CA LYS A 20 -7.09 5.81 33.59
C LYS A 20 -6.72 5.82 32.11
N TYR A 21 -6.27 6.99 31.62
CA TYR A 21 -5.78 7.16 30.26
C TYR A 21 -4.36 7.71 30.25
N PHE A 22 -3.49 6.99 29.54
CA PHE A 22 -2.09 7.32 29.46
C PHE A 22 -1.90 8.00 28.12
N ILE A 23 -1.43 9.24 28.13
CA ILE A 23 -1.47 10.03 26.92
C ILE A 23 -0.26 9.65 26.07
N LYS A 24 -0.52 8.86 25.00
CA LYS A 24 0.52 8.45 24.06
C LYS A 24 0.47 9.42 22.88
N ALA A 25 1.19 10.55 23.05
CA ALA A 25 1.05 11.67 22.15
C ALA A 25 2.28 11.81 21.24
N ILE A 26 2.19 12.69 20.24
CA ILE A 26 3.35 13.15 19.47
C ILE A 26 3.14 14.63 19.17
N GLY A 27 4.22 15.41 19.22
CA GLY A 27 4.17 16.77 18.71
C GLY A 27 3.75 16.75 17.23
N TYR A 28 2.90 17.70 16.80
CA TYR A 28 2.45 17.77 15.41
C TYR A 28 2.19 19.22 15.05
N GLU A 29 2.62 19.64 13.83
CA GLU A 29 2.49 21.01 13.33
C GLU A 29 2.22 21.01 11.83
N ILE A 30 0.98 21.32 11.44
CA ILE A 30 0.59 21.52 10.06
C ILE A 30 1.14 22.85 9.54
N GLY A 31 1.19 22.99 8.20
CA GLY A 31 1.66 24.18 7.52
C GLY A 31 3.16 24.36 7.73
N ALA A 32 3.89 23.26 7.81
CA ALA A 32 5.35 23.35 8.09
C ALA A 32 6.11 22.41 7.16
N ARG A 33 5.49 22.01 6.05
CA ARG A 33 6.20 21.21 5.04
C ARG A 33 7.30 22.08 4.43
N PRO A 34 8.23 21.52 3.63
CA PRO A 34 9.22 22.34 2.95
C PRO A 34 8.54 23.43 2.10
N GLY A 35 9.00 24.69 2.22
CA GLY A 35 8.34 25.80 1.54
C GLY A 35 7.55 26.66 2.52
N GLN A 36 6.95 26.04 3.53
CA GLN A 36 5.99 26.69 4.40
C GLN A 36 6.65 27.24 5.68
N ALA A 37 6.12 28.34 6.18
CA ALA A 37 6.37 28.80 7.54
C ALA A 37 5.01 29.05 8.24
N PRO A 38 4.75 28.32 9.33
CA PRO A 38 3.43 28.33 9.96
C PRO A 38 3.03 29.66 10.58
N TYR A 39 3.96 30.39 11.20
CA TYR A 39 3.69 31.66 11.86
C TYR A 39 3.90 32.86 10.95
N GLU A 40 4.25 32.63 9.67
CA GLU A 40 4.49 33.74 8.75
C GLU A 40 3.45 33.72 7.63
N ASP A 41 3.09 32.51 7.18
CA ASP A 41 2.17 32.35 6.05
C ASP A 41 0.74 32.66 6.45
N GLU A 42 0.00 33.20 5.47
CA GLU A 42 -1.45 33.21 5.52
C GLU A 42 -1.98 31.85 5.97
N ARG A 43 -2.86 31.86 6.98
CA ARG A 43 -3.36 30.65 7.60
C ARG A 43 -4.30 29.88 6.66
N LYS A 44 -4.08 28.57 6.54
CA LYS A 44 -4.94 27.67 5.80
C LYS A 44 -5.14 26.38 6.58
N ASP A 45 -6.28 25.74 6.36
CA ASP A 45 -6.68 24.58 7.16
C ASP A 45 -5.77 23.39 6.83
N GLU A 46 -5.54 23.15 5.54
CA GLU A 46 -4.67 22.09 5.07
C GLU A 46 -5.29 20.72 5.31
N LEU A 47 -6.60 20.58 5.15
CA LEU A 47 -7.29 19.32 5.37
C LEU A 47 -6.58 18.16 4.67
N GLU A 48 -6.23 18.30 3.40
CA GLU A 48 -5.84 17.14 2.59
C GLU A 48 -4.61 16.48 3.19
N LEU A 49 -3.65 17.31 3.66
CA LEU A 49 -2.46 16.82 4.32
C LEU A 49 -2.78 16.37 5.75
N MET A 50 -3.74 16.99 6.43
CA MET A 50 -4.07 16.57 7.78
C MET A 50 -4.65 15.15 7.78
N LYS A 51 -5.44 14.76 6.75
CA LYS A 51 -5.98 13.41 6.64
C LYS A 51 -4.84 12.40 6.52
N PHE A 52 -3.78 12.78 5.79
CA PHE A 52 -2.64 11.91 5.59
C PHE A 52 -1.88 11.76 6.91
N ASP A 53 -1.62 12.90 7.57
CA ASP A 53 -0.78 12.92 8.76
C ASP A 53 -1.42 12.22 9.95
N LEU A 54 -2.69 12.57 10.21
CA LEU A 54 -3.49 12.02 11.29
C LEU A 54 -3.55 10.52 11.16
N GLU A 55 -3.83 10.02 9.97
CA GLU A 55 -3.87 8.60 9.71
C GLU A 55 -2.49 7.99 9.96
N ASN A 56 -1.41 8.65 9.52
CA ASN A 56 -0.09 8.14 9.83
C ASN A 56 0.08 8.03 11.36
N ILE A 57 -0.26 9.12 12.05
CA ILE A 57 -0.04 9.21 13.48
C ILE A 57 -0.87 8.15 14.18
N LYS A 58 -2.02 7.77 13.60
CA LYS A 58 -2.79 6.66 14.13
C LYS A 58 -1.97 5.38 13.98
N GLU A 59 -1.73 4.91 12.75
CA GLU A 59 -0.90 3.73 12.49
C GLU A 59 0.45 3.79 13.22
N GLY A 60 0.87 4.98 13.65
CA GLY A 60 2.17 5.17 14.26
C GLY A 60 2.20 4.74 15.72
N GLY A 61 1.00 4.59 16.30
CA GLY A 61 0.80 3.98 17.60
C GLY A 61 0.32 4.98 18.65
N TYR A 62 0.06 6.23 18.23
CA TYR A 62 -0.27 7.32 19.14
C TYR A 62 -1.79 7.37 19.33
N ASN A 63 -2.23 8.12 20.35
CA ASN A 63 -3.63 8.31 20.67
C ASN A 63 -3.98 9.80 20.86
N THR A 64 -2.94 10.66 20.77
CA THR A 64 -3.09 12.10 20.98
C THR A 64 -2.12 12.90 20.10
N ILE A 65 -2.43 14.18 19.88
CA ILE A 65 -1.49 15.08 19.15
C ILE A 65 -1.28 16.32 20.04
N ARG A 66 -0.05 16.83 20.10
CA ARG A 66 0.26 18.04 20.90
C ARG A 66 0.52 19.18 19.90
N THR A 67 0.08 20.41 20.21
CA THR A 67 0.22 21.53 19.26
C THR A 67 0.78 22.75 19.95
N TRP A 68 1.09 23.78 19.17
CA TRP A 68 1.69 25.01 19.69
C TRP A 68 0.82 26.21 19.34
N SER A 69 -0.13 25.96 18.43
CA SER A 69 -0.91 26.96 17.74
C SER A 69 -2.32 26.41 17.63
N GLN A 70 -3.31 27.29 17.76
CA GLN A 70 -4.70 26.89 17.90
C GLN A 70 -5.25 26.46 16.54
N TYR A 71 -6.02 25.37 16.48
CA TYR A 71 -6.63 24.91 15.24
C TYR A 71 -7.92 25.69 14.99
N SER A 72 -8.32 25.83 13.70
CA SER A 72 -9.61 26.39 13.34
C SER A 72 -10.72 25.39 13.68
N GLU A 73 -11.98 25.79 13.51
CA GLU A 73 -13.09 24.86 13.64
C GLU A 73 -12.99 23.73 12.62
N ASN A 74 -12.57 24.02 11.38
CA ASN A 74 -12.59 23.04 10.31
C ASN A 74 -11.55 21.96 10.56
N GLN A 75 -10.41 22.40 11.11
CA GLN A 75 -9.32 21.52 11.47
C GLN A 75 -9.69 20.60 12.65
N LEU A 76 -10.42 21.14 13.65
CA LEU A 76 -10.84 20.39 14.81
C LEU A 76 -11.69 19.22 14.36
N LYS A 77 -12.58 19.52 13.41
CA LYS A 77 -13.57 18.55 12.96
C LYS A 77 -12.86 17.31 12.47
N LEU A 78 -11.72 17.51 11.79
CA LEU A 78 -10.97 16.43 11.17
C LEU A 78 -10.26 15.60 12.22
N VAL A 79 -9.84 16.28 13.29
CA VAL A 79 -9.28 15.62 14.45
C VAL A 79 -10.39 14.79 15.10
N GLN A 80 -11.42 15.50 15.61
CA GLN A 80 -12.57 14.87 16.24
C GLN A 80 -12.93 13.59 15.52
N GLU A 81 -12.94 13.61 14.18
CA GLU A 81 -13.39 12.47 13.39
C GLU A 81 -12.36 11.36 13.41
N SER A 82 -11.09 11.71 13.62
CA SER A 82 -9.98 10.80 13.40
C SER A 82 -9.98 9.66 14.41
N GLY A 83 -10.44 9.97 15.63
CA GLY A 83 -10.23 9.11 16.76
C GLY A 83 -9.21 9.74 17.70
N LEU A 84 -8.49 10.78 17.27
CA LEU A 84 -7.33 11.20 18.05
C LEU A 84 -7.72 12.27 19.06
N LYS A 85 -7.02 12.25 20.20
CA LYS A 85 -7.14 13.26 21.25
C LYS A 85 -6.22 14.43 20.90
N LEU A 86 -6.52 15.60 21.46
CA LEU A 86 -5.74 16.79 21.16
C LEU A 86 -5.28 17.45 22.46
N ILE A 87 -4.00 17.78 22.51
CA ILE A 87 -3.49 18.76 23.44
C ILE A 87 -3.24 20.06 22.65
N MET A 88 -4.04 21.10 22.90
CA MET A 88 -4.05 22.23 22.00
C MET A 88 -3.27 23.39 22.62
N GLY A 89 -2.20 23.82 21.94
CA GLY A 89 -1.46 25.01 22.32
C GLY A 89 -2.12 26.28 21.79
N ILE A 90 -2.01 27.37 22.57
CA ILE A 90 -2.54 28.68 22.21
C ILE A 90 -1.35 29.60 21.94
N ASP A 91 -1.29 30.18 20.74
CA ASP A 91 -0.14 30.95 20.33
C ASP A 91 -0.10 32.28 21.07
N ILE A 92 0.45 32.23 22.29
CA ILE A 92 0.82 33.43 23.02
C ILE A 92 2.32 33.64 22.80
N LYS A 93 2.66 34.65 22.00
CA LYS A 93 4.06 34.89 21.65
C LYS A 93 4.85 35.00 22.95
N PRO A 94 5.89 34.18 23.13
CA PRO A 94 6.63 34.23 24.38
C PRO A 94 7.37 35.54 24.60
N GLU A 95 7.51 36.38 23.56
CA GLU A 95 8.44 37.50 23.66
C GLU A 95 7.70 38.80 23.90
N GLU A 96 6.36 38.76 23.97
CA GLU A 96 5.52 39.93 24.18
C GLU A 96 5.54 40.35 25.65
N ASP A 97 5.19 41.62 25.92
CA ASP A 97 5.17 42.09 27.29
C ASP A 97 3.86 41.60 27.89
N TYR A 98 3.95 40.59 28.76
CA TYR A 98 2.78 39.98 29.34
C TYR A 98 2.00 41.01 30.15
N GLY A 99 2.68 42.11 30.54
CA GLY A 99 2.10 43.16 31.36
C GLY A 99 1.47 44.28 30.53
N ASP A 100 1.61 44.21 29.20
CA ASP A 100 1.07 45.25 28.33
C ASP A 100 -0.44 45.06 28.13
N PRO A 101 -1.28 45.96 28.67
CA PRO A 101 -2.74 45.83 28.58
C PRO A 101 -3.35 45.45 27.24
N GLU A 102 -2.72 45.95 26.15
CA GLU A 102 -3.20 45.75 24.79
C GLU A 102 -3.06 44.28 24.42
N PHE A 103 -1.90 43.71 24.80
CA PHE A 103 -1.55 42.33 24.52
C PHE A 103 -2.45 41.39 25.31
N VAL A 104 -2.77 41.77 26.56
CA VAL A 104 -3.68 41.00 27.39
C VAL A 104 -5.04 40.96 26.70
N LYS A 105 -5.49 42.11 26.22
CA LYS A 105 -6.84 42.24 25.69
C LYS A 105 -6.95 41.39 24.41
N ASP A 106 -6.01 41.60 23.48
CA ASP A 106 -5.90 40.75 22.30
C ASP A 106 -5.85 39.26 22.66
N SER A 107 -5.23 38.90 23.77
CA SER A 107 -5.12 37.48 24.08
C SER A 107 -6.47 36.98 24.57
N GLU A 108 -7.05 37.70 25.55
CA GLU A 108 -8.40 37.43 26.03
C GLU A 108 -9.34 37.25 24.82
N ILE A 109 -9.31 38.19 23.85
CA ILE A 109 -10.24 38.13 22.72
C ILE A 109 -9.92 36.95 21.80
N GLU A 110 -8.63 36.70 21.52
CA GLU A 110 -8.29 35.59 20.65
C GLU A 110 -8.76 34.27 21.28
N LEU A 111 -8.31 34.00 22.51
CA LEU A 111 -8.63 32.77 23.19
C LEU A 111 -10.14 32.55 23.23
N LYS A 112 -10.89 33.62 23.56
CA LYS A 112 -12.35 33.55 23.72
C LYS A 112 -13.03 33.13 22.43
N ARG A 113 -12.41 33.51 21.29
CA ARG A 113 -12.96 33.20 19.99
C ARG A 113 -12.74 31.72 19.71
N VAL A 114 -11.58 31.22 20.09
CA VAL A 114 -11.30 29.81 19.86
C VAL A 114 -12.22 28.94 20.71
N LEU A 115 -12.38 29.33 21.98
CA LEU A 115 -13.09 28.50 22.93
C LEU A 115 -14.54 28.39 22.48
N ASN A 116 -15.01 29.47 21.86
CA ASN A 116 -16.42 29.60 21.52
C ASN A 116 -16.87 28.47 20.59
N TYR A 117 -15.92 27.99 19.72
CA TYR A 117 -16.14 26.80 18.89
C TYR A 117 -15.43 25.54 19.44
N ALA A 118 -14.29 25.69 20.13
CA ALA A 118 -13.54 24.49 20.53
C ALA A 118 -14.25 23.69 21.64
N LYS A 119 -15.15 24.36 22.37
CA LYS A 119 -15.85 23.73 23.49
C LYS A 119 -16.88 22.69 23.02
N LYS A 120 -17.06 22.54 21.71
CA LYS A 120 -17.94 21.52 21.17
C LYS A 120 -17.13 20.32 20.64
N TYR A 121 -15.82 20.26 20.90
CA TYR A 121 -15.01 19.15 20.42
C TYR A 121 -14.36 18.45 21.62
N ASP A 122 -14.88 17.29 22.02
CA ASP A 122 -14.48 16.69 23.28
C ASP A 122 -13.14 15.99 23.12
N CYS A 123 -12.59 16.06 21.89
CA CYS A 123 -11.28 15.50 21.59
C CYS A 123 -10.24 16.30 22.35
N ILE A 124 -10.53 17.56 22.66
CA ILE A 124 -9.59 18.37 23.40
C ILE A 124 -9.50 17.88 24.85
N ILE A 125 -8.30 17.39 25.24
CA ILE A 125 -8.10 16.88 26.60
C ILE A 125 -7.12 17.74 27.38
N THR A 126 -6.46 18.73 26.75
CA THR A 126 -5.64 19.69 27.48
C THR A 126 -5.34 20.93 26.62
N TYR A 127 -5.40 22.11 27.26
CA TYR A 127 -4.94 23.37 26.70
C TYR A 127 -3.55 23.70 27.25
N LEU A 128 -2.59 23.92 26.35
CA LEU A 128 -1.32 24.55 26.71
C LEU A 128 -1.40 26.05 26.45
N VAL A 129 -1.18 26.82 27.52
CA VAL A 129 -1.41 28.25 27.54
C VAL A 129 -0.24 29.03 26.94
N ILE A 130 0.99 28.50 26.94
CA ILE A 130 2.15 29.20 26.40
C ILE A 130 3.29 28.20 26.28
N ASN A 131 4.28 28.48 25.44
CA ASN A 131 5.42 27.59 25.30
C ASN A 131 6.74 28.30 25.62
N GLU A 132 7.66 27.56 26.25
CA GLU A 132 9.01 28.01 26.53
C GLU A 132 9.12 29.48 26.90
N PRO A 133 8.51 29.97 27.99
CA PRO A 133 8.83 31.30 28.51
C PRO A 133 10.24 31.37 29.09
N GLN A 134 10.98 32.38 28.64
CA GLN A 134 12.41 32.52 28.89
C GLN A 134 12.57 33.34 30.17
N THR A 135 13.67 33.08 30.87
CA THR A 135 13.85 33.53 32.24
C THR A 135 14.30 34.99 32.31
N ASP A 136 15.22 35.43 31.42
CA ASP A 136 15.58 36.84 31.36
C ASP A 136 14.34 37.69 31.04
N HIS A 137 13.52 37.12 30.16
CA HIS A 137 12.32 37.80 29.71
C HIS A 137 11.45 38.14 30.90
N ILE A 138 11.20 37.11 31.70
CA ILE A 138 10.27 37.21 32.82
C ILE A 138 10.87 38.18 33.84
N HIS A 139 12.20 38.27 33.92
CA HIS A 139 12.81 39.25 34.79
C HIS A 139 12.43 40.64 34.29
N SER A 140 12.52 40.83 32.97
CA SER A 140 12.43 42.15 32.36
C SER A 140 11.03 42.70 32.49
N VAL A 141 10.03 41.86 32.12
CA VAL A 141 8.62 42.21 32.13
C VAL A 141 7.98 41.90 33.49
N THR A 142 8.74 41.26 34.39
CA THR A 142 8.36 41.00 35.78
C THR A 142 7.55 39.72 35.82
N GLY A 143 7.83 38.94 36.89
CA GLY A 143 7.08 37.75 37.21
C GLY A 143 5.61 38.08 37.45
N LYS A 144 5.34 39.24 38.04
CA LYS A 144 3.97 39.59 38.36
C LYS A 144 3.15 39.48 37.09
N ALA A 145 3.70 40.07 36.02
CA ALA A 145 3.00 40.14 34.74
C ALA A 145 2.74 38.72 34.24
N PHE A 146 3.76 37.88 34.38
CA PHE A 146 3.66 36.51 33.88
C PHE A 146 2.49 35.78 34.55
N VAL A 147 2.43 35.76 35.89
CA VAL A 147 1.39 35.00 36.58
C VAL A 147 0.00 35.55 36.22
N ASP A 148 -0.14 36.88 36.28
CA ASP A 148 -1.44 37.51 36.07
C ASP A 148 -2.01 37.10 34.71
N LEU A 149 -1.12 36.94 33.72
CA LEU A 149 -1.53 36.50 32.40
C LEU A 149 -2.07 35.08 32.49
N MET A 150 -1.18 34.15 32.88
CA MET A 150 -1.56 32.77 33.12
C MET A 150 -2.89 32.72 33.90
N ASN A 151 -3.05 33.52 34.95
CA ASN A 151 -4.31 33.44 35.68
C ASN A 151 -5.47 33.88 34.79
N THR A 152 -5.30 35.00 34.06
CA THR A 152 -6.31 35.44 33.13
C THR A 152 -6.65 34.28 32.20
N LEU A 153 -5.62 33.71 31.56
CA LEU A 153 -5.84 32.76 30.48
C LEU A 153 -6.48 31.49 31.05
N ILE A 154 -5.90 30.93 32.12
CA ILE A 154 -6.46 29.76 32.76
C ILE A 154 -7.96 30.00 33.02
N ASN A 155 -8.26 31.03 33.80
CA ASN A 155 -9.62 31.27 34.22
C ASN A 155 -10.54 31.25 33.00
N ILE A 156 -10.25 32.08 31.99
CA ILE A 156 -11.00 32.13 30.74
C ILE A 156 -11.24 30.72 30.17
N ILE A 157 -10.23 29.86 30.16
CA ILE A 157 -10.44 28.54 29.60
C ILE A 157 -11.37 27.74 30.52
N HIS A 158 -11.22 27.89 31.84
CA HIS A 158 -12.07 27.13 32.75
C HIS A 158 -13.54 27.43 32.46
N LYS A 159 -13.89 28.72 32.36
CA LYS A 159 -15.28 29.11 32.15
C LYS A 159 -15.70 28.70 30.73
N GLY A 160 -14.77 28.84 29.78
CA GLY A 160 -15.08 28.77 28.36
C GLY A 160 -15.15 27.34 27.84
N HIS A 161 -14.26 26.46 28.32
CA HIS A 161 -14.32 25.06 28.00
C HIS A 161 -14.25 24.24 29.30
N PRO A 162 -15.36 24.23 30.10
CA PRO A 162 -15.35 23.57 31.41
C PRO A 162 -15.06 22.09 31.19
N GLY A 163 -14.22 21.52 32.04
CA GLY A 163 -13.92 20.11 31.97
C GLY A 163 -12.43 19.86 31.79
N ILE A 164 -11.72 20.81 31.14
CA ILE A 164 -10.48 20.50 30.43
C ILE A 164 -9.27 21.05 31.18
N PRO A 165 -8.29 20.21 31.55
CA PRO A 165 -7.03 20.73 32.10
C PRO A 165 -6.28 21.79 31.29
N VAL A 166 -5.77 22.81 32.02
CA VAL A 166 -4.93 23.86 31.47
C VAL A 166 -3.58 23.76 32.16
N THR A 167 -2.50 23.69 31.37
CA THR A 167 -1.14 23.78 31.88
C THR A 167 -0.33 24.52 30.82
N LEU A 168 0.98 24.61 31.01
CA LEU A 168 1.88 25.28 30.08
C LEU A 168 3.03 24.35 29.68
N SER A 169 3.67 24.67 28.57
CA SER A 169 4.76 23.88 28.01
C SER A 169 6.09 24.56 28.37
N ALA A 170 6.43 24.54 29.66
CA ALA A 170 7.65 25.18 30.16
C ALA A 170 8.82 24.21 30.05
N ASN A 171 10.02 24.77 29.86
CA ASN A 171 11.23 24.00 29.68
C ASN A 171 11.91 23.66 31.01
N ALA A 172 12.03 22.33 31.29
CA ALA A 172 12.61 21.79 32.51
C ALA A 172 13.98 22.38 32.85
N MET A 173 14.78 22.66 31.78
CA MET A 173 16.16 23.05 31.92
C MET A 173 16.38 24.54 32.15
N ILE A 174 15.38 25.40 31.83
CA ILE A 174 15.43 26.83 32.17
C ILE A 174 14.27 27.27 33.05
N SER A 175 13.21 26.47 33.21
CA SER A 175 12.08 26.92 34.01
C SER A 175 11.87 25.98 35.21
N ASP A 176 13.00 25.44 35.72
CA ASP A 176 13.00 24.58 36.89
C ASP A 176 12.50 25.31 38.13
N TYR A 177 12.69 26.63 38.17
CA TYR A 177 12.40 27.45 39.33
C TYR A 177 10.92 27.86 39.42
N MET A 178 10.11 27.45 38.44
CA MET A 178 8.85 28.15 38.20
C MET A 178 7.76 27.44 38.95
N ASP A 179 6.89 28.20 39.64
CA ASP A 179 5.70 27.63 40.24
C ASP A 179 4.73 27.26 39.13
N GLU A 180 4.25 26.01 39.13
CA GLU A 180 3.19 25.58 38.23
C GLU A 180 1.94 25.19 39.02
N SER A 181 1.86 25.60 40.30
CA SER A 181 0.74 25.16 41.10
C SER A 181 -0.54 25.83 40.64
N ILE A 182 -0.46 26.93 39.87
CA ILE A 182 -1.67 27.56 39.38
C ILE A 182 -2.33 26.72 38.29
N PHE A 183 -1.62 25.75 37.71
CA PHE A 183 -2.12 24.98 36.56
C PHE A 183 -2.78 23.71 37.07
N ASP A 184 -3.63 23.09 36.25
CA ASP A 184 -4.30 21.84 36.53
C ASP A 184 -3.35 20.62 36.38
N VAL A 185 -2.25 20.76 35.64
CA VAL A 185 -1.32 19.67 35.44
C VAL A 185 0.11 20.23 35.49
N TYR A 186 1.06 19.42 35.93
CA TYR A 186 2.48 19.77 35.85
C TYR A 186 2.97 19.37 34.47
N ALA A 187 3.64 20.27 33.76
CA ALA A 187 4.12 19.93 32.42
C ALA A 187 5.43 20.64 32.11
N TYR A 188 6.26 19.96 31.32
CA TYR A 188 7.65 20.38 31.05
C TYR A 188 8.09 19.79 29.72
N ASN A 189 8.91 20.55 29.02
CA ASN A 189 9.62 20.11 27.83
C ASN A 189 10.97 19.58 28.32
N CYS A 190 11.20 18.27 28.15
CA CYS A 190 12.34 17.61 28.74
C CYS A 190 13.36 17.18 27.67
N TYR A 191 14.63 17.59 27.84
CA TYR A 191 15.66 17.24 26.88
C TYR A 191 16.91 16.83 27.63
N ASP A 192 17.41 15.68 27.23
CA ASP A 192 18.52 15.02 27.89
C ASP A 192 19.77 15.09 27.04
N HIS A 193 20.56 16.14 27.28
CA HIS A 193 21.84 16.36 26.63
C HIS A 193 22.97 16.12 27.63
N ASN A 194 22.78 15.21 28.57
CA ASN A 194 23.78 14.86 29.56
C ASN A 194 24.69 16.04 29.90
N GLU A 195 24.12 17.14 30.39
CA GLU A 195 24.87 18.36 30.66
C GLU A 195 24.14 19.20 31.70
N GLY A 196 24.80 20.23 32.25
CA GLY A 196 24.20 21.03 33.32
C GLY A 196 23.50 20.13 34.36
N GLN A 197 22.22 20.37 34.56
CA GLN A 197 21.44 19.59 35.52
C GLN A 197 21.43 18.11 35.15
N THR A 198 21.51 17.73 33.85
CA THR A 198 21.18 16.35 33.46
C THR A 198 22.43 15.47 33.42
N ALA A 199 23.56 16.11 33.71
CA ALA A 199 24.83 15.44 33.94
C ALA A 199 25.05 15.18 35.42
N THR A 200 24.47 16.04 36.28
CA THR A 200 24.58 15.87 37.72
C THR A 200 23.56 14.83 38.16
N MET A 201 22.28 15.10 37.94
CA MET A 201 21.25 14.27 38.55
C MET A 201 20.93 13.08 37.65
N GLY A 202 21.13 13.28 36.36
CA GLY A 202 20.63 12.32 35.39
C GLY A 202 19.22 12.70 35.01
N PHE A 203 18.72 12.12 33.93
CA PHE A 203 17.47 12.59 33.35
C PHE A 203 16.33 12.20 34.30
N LYS A 204 16.16 10.91 34.58
CA LYS A 204 15.09 10.46 35.46
C LYS A 204 15.01 11.31 36.72
N ASP A 205 16.09 11.39 37.49
CA ASP A 205 16.03 12.02 38.80
C ASP A 205 15.84 13.52 38.72
N TYR A 206 16.47 14.16 37.72
CA TYR A 206 16.34 15.60 37.56
C TYR A 206 14.87 15.98 37.54
N ILE A 207 14.17 15.45 36.54
CA ILE A 207 12.75 15.64 36.31
C ILE A 207 11.95 15.17 37.53
N LYS A 208 12.27 13.97 38.02
CA LYS A 208 11.55 13.43 39.17
C LYS A 208 11.60 14.39 40.37
N GLY A 209 12.73 15.08 40.52
CA GLY A 209 12.95 15.98 41.63
C GLY A 209 12.15 17.26 41.47
N LEU A 210 11.81 17.60 40.22
CA LEU A 210 10.93 18.74 39.95
C LEU A 210 9.50 18.35 40.35
N ASN A 211 9.13 17.13 39.97
CA ASN A 211 7.83 16.59 40.33
C ASN A 211 7.65 16.54 41.85
N GLU A 212 8.72 16.12 42.55
CA GLU A 212 8.74 16.11 44.01
C GLU A 212 8.76 17.54 44.57
N LEU A 213 9.55 18.45 44.00
CA LEU A 213 9.48 19.82 44.48
C LEU A 213 8.10 20.40 44.21
N ASN A 214 7.47 19.99 43.10
CA ASN A 214 6.16 20.51 42.69
C ASN A 214 5.06 20.15 43.69
N GLY A 215 5.14 18.95 44.31
CA GLY A 215 4.24 18.60 45.40
C GLY A 215 3.50 17.28 45.22
N LEU A 216 3.74 16.61 44.08
CA LEU A 216 3.20 15.29 43.82
C LEU A 216 1.70 15.29 44.09
N ASP A 217 0.99 16.29 43.59
CA ASP A 217 -0.43 16.47 43.89
C ASP A 217 -1.22 16.64 42.60
N LYS A 218 -0.58 16.39 41.45
CA LYS A 218 -1.24 16.63 40.17
C LYS A 218 -0.61 15.70 39.15
N PRO A 219 -1.35 15.30 38.10
CA PRO A 219 -0.74 14.50 37.04
C PRO A 219 0.47 15.24 36.45
N PHE A 220 1.53 14.50 36.08
CA PHE A 220 2.69 15.09 35.41
C PHE A 220 2.80 14.54 33.99
N ILE A 221 2.93 15.45 33.00
CA ILE A 221 3.12 15.04 31.61
C ILE A 221 4.36 15.71 31.04
N THR A 222 4.97 15.05 30.03
CA THR A 222 5.96 15.68 29.18
C THR A 222 5.26 16.21 27.95
N THR A 223 5.65 17.41 27.56
CA THR A 223 5.09 18.08 26.41
C THR A 223 6.08 18.07 25.24
N GLU A 224 7.37 17.80 25.49
CA GLU A 224 8.31 17.57 24.38
C GLU A 224 9.50 16.73 24.87
N PHE A 225 10.14 16.02 23.94
CA PHE A 225 11.46 15.44 24.17
C PHE A 225 11.95 14.73 22.90
N GLY A 226 13.24 14.89 22.55
CA GLY A 226 13.78 14.21 21.38
C GLY A 226 15.15 14.70 20.94
N TYR A 227 15.47 14.51 19.68
CA TYR A 227 16.88 14.62 19.27
C TYR A 227 16.94 14.98 17.81
N SER A 228 17.92 15.79 17.46
CA SER A 228 18.06 16.26 16.08
C SER A 228 19.09 15.43 15.31
N VAL A 229 18.82 15.24 14.01
CA VAL A 229 19.68 14.41 13.19
C VAL A 229 20.33 15.27 12.13
N SER A 230 20.56 16.56 12.44
CA SER A 230 21.19 17.43 11.45
C SER A 230 22.52 16.84 10.99
N PRO A 231 22.87 17.06 9.71
CA PRO A 231 24.17 16.66 9.19
C PRO A 231 25.30 17.14 10.09
N GLU A 232 25.13 18.39 10.55
CA GLU A 232 26.11 18.99 11.44
C GLU A 232 25.40 20.05 12.27
N GLY A 233 26.19 20.78 13.05
CA GLY A 233 25.70 21.94 13.77
C GLY A 233 25.17 21.55 15.14
N GLY A 234 24.99 22.55 16.00
CA GLY A 234 24.46 22.33 17.33
C GLY A 234 25.60 22.23 18.33
N ASN A 235 25.53 21.21 19.20
CA ASN A 235 26.48 21.05 20.27
C ASN A 235 26.13 19.80 21.05
N GLY A 236 27.17 19.03 21.36
CA GLY A 236 26.99 17.76 22.03
C GLY A 236 25.85 16.96 21.41
N GLN A 237 24.92 16.52 22.25
CA GLN A 237 23.76 15.79 21.77
C GLN A 237 22.74 16.72 21.10
N TYR A 238 22.89 18.03 21.27
CA TYR A 238 21.94 18.95 20.67
C TYR A 238 22.39 19.19 19.24
N GLY A 239 21.71 18.50 18.30
CA GLY A 239 22.11 18.44 16.91
C GLY A 239 23.02 17.26 16.63
N SER A 240 23.14 16.95 15.33
CA SER A 240 24.20 16.12 14.78
C SER A 240 24.15 14.68 15.30
N ASN A 241 22.96 14.16 15.64
CA ASN A 241 22.82 12.75 15.98
C ASN A 241 22.61 11.91 14.72
N THR A 242 23.05 10.64 14.75
CA THR A 242 22.75 9.70 13.68
C THR A 242 21.32 9.22 13.88
N LEU A 243 20.75 8.58 12.84
CA LEU A 243 19.40 8.02 12.94
C LEU A 243 19.38 6.96 14.05
N LYS A 244 20.50 6.28 14.27
CA LYS A 244 20.49 5.26 15.30
C LYS A 244 20.34 5.93 16.67
N GLN A 245 21.12 6.99 16.87
CA GLN A 245 21.19 7.62 18.18
C GLN A 245 19.82 8.20 18.50
N GLN A 246 19.19 8.81 17.49
CA GLN A 246 17.86 9.39 17.66
C GLN A 246 16.85 8.34 18.12
N SER A 247 16.72 7.28 17.34
CA SER A 247 15.75 6.19 17.65
C SER A 247 16.05 5.57 19.01
N ASP A 248 17.27 5.72 19.49
CA ASP A 248 17.65 5.02 20.74
C ASP A 248 17.49 6.01 21.91
N GLY A 249 17.71 7.28 21.66
CA GLY A 249 17.48 8.28 22.72
C GLY A 249 15.99 8.49 22.95
N LEU A 250 15.20 8.51 21.88
CA LEU A 250 13.76 8.65 22.06
C LEU A 250 13.26 7.60 23.04
N ILE A 251 13.84 6.38 22.95
CA ILE A 251 13.42 5.27 23.80
C ILE A 251 13.99 5.45 25.21
N SER A 252 15.26 5.82 25.30
CA SER A 252 15.86 6.11 26.61
C SER A 252 15.20 7.31 27.30
N ASN A 253 14.59 8.19 26.51
CA ASN A 253 13.85 9.31 27.05
C ASN A 253 12.56 8.77 27.65
N TYR A 254 11.78 8.08 26.82
CA TYR A 254 10.46 7.57 27.26
C TYR A 254 10.57 6.96 28.64
N ARG A 255 11.15 5.76 28.72
CA ARG A 255 11.36 5.08 30.01
C ARG A 255 11.77 6.09 31.06
N ASP A 256 12.91 6.72 30.89
CA ASP A 256 13.39 7.64 31.94
C ASP A 256 12.28 8.59 32.39
N LEU A 257 11.47 9.13 31.48
CA LEU A 257 10.46 10.11 31.89
C LEU A 257 9.28 9.46 32.65
N ILE A 258 8.83 8.27 32.21
CA ILE A 258 7.87 7.48 32.96
C ILE A 258 8.43 7.21 34.37
N ASP A 259 9.72 6.86 34.42
CA ASP A 259 10.37 6.58 35.68
C ASP A 259 10.31 7.83 36.55
N ALA A 260 10.39 9.01 35.93
CA ALA A 260 10.26 10.23 36.70
C ALA A 260 8.81 10.45 37.16
N GLY A 261 7.85 9.69 36.59
CA GLY A 261 6.47 9.62 37.06
C GLY A 261 5.46 10.29 36.11
N ALA A 262 5.82 10.43 34.84
CA ALA A 262 4.94 11.02 33.85
C ALA A 262 3.75 10.11 33.57
N VAL A 263 2.56 10.68 33.40
CA VAL A 263 1.42 9.86 33.06
C VAL A 263 0.92 10.29 31.68
N GLY A 264 1.69 11.17 31.02
CA GLY A 264 1.44 11.55 29.63
C GLY A 264 2.72 11.96 28.89
N MET A 265 2.85 11.47 27.65
CA MET A 265 4.09 11.65 26.90
C MET A 265 3.79 12.27 25.54
N CYS A 266 4.54 13.33 25.25
CA CYS A 266 4.51 14.02 23.97
C CYS A 266 5.92 14.01 23.35
N PRO A 267 6.43 12.87 22.82
CA PRO A 267 7.67 12.88 22.06
C PRO A 267 7.65 13.99 21.00
N PHE A 268 8.84 14.58 20.71
CA PHE A 268 8.93 15.80 19.92
C PHE A 268 8.98 15.49 18.41
N TYR A 269 7.90 15.96 17.76
CA TYR A 269 7.78 16.32 16.35
C TYR A 269 7.63 15.04 15.53
N TYR A 270 6.43 14.88 14.95
CA TYR A 270 6.16 14.08 13.75
C TYR A 270 7.15 14.33 12.61
N ALA A 271 7.14 15.52 11.98
CA ALA A 271 7.89 15.77 10.75
C ALA A 271 8.83 16.98 10.90
N ASP A 272 9.87 17.05 10.06
CA ASP A 272 10.80 18.15 10.09
C ASP A 272 10.09 19.45 9.65
N GLY A 273 10.76 20.58 9.92
CA GLY A 273 10.27 21.88 9.54
C GLY A 273 11.44 22.76 9.11
N TRP A 274 11.59 22.92 7.78
CA TRP A 274 12.74 23.58 7.21
C TRP A 274 12.78 25.07 7.59
N TRP A 275 11.67 25.58 8.15
CA TRP A 275 11.51 26.98 8.46
C TRP A 275 12.12 27.37 9.79
N LYS A 276 12.39 26.35 10.62
CA LYS A 276 12.82 26.57 11.99
C LYS A 276 14.26 27.08 12.00
N GLY A 277 14.96 27.03 10.86
CA GLY A 277 16.37 27.34 10.84
C GLY A 277 16.69 28.62 10.08
N GLY A 278 15.69 29.22 9.41
CA GLY A 278 15.87 30.55 8.88
C GLY A 278 15.31 30.73 7.46
N GLU A 279 15.13 29.63 6.72
CA GLU A 279 14.72 29.73 5.32
C GLU A 279 13.88 28.51 4.96
N LYS A 280 12.60 28.74 4.70
CA LYS A 280 11.60 27.70 4.55
C LYS A 280 11.92 26.78 3.36
N SER A 281 12.84 27.22 2.51
CA SER A 281 13.08 26.50 1.27
C SER A 281 14.43 25.79 1.31
N ASP A 282 15.23 26.07 2.34
CA ASP A 282 16.51 25.44 2.52
C ASP A 282 16.41 24.50 3.72
N HIS A 283 16.95 23.28 3.49
CA HIS A 283 17.18 22.31 4.55
C HIS A 283 18.64 22.49 4.98
N SER A 284 18.90 23.58 5.71
CA SER A 284 20.19 23.88 6.28
C SER A 284 20.81 22.64 6.93
N LEU A 285 22.09 22.42 6.62
CA LEU A 285 22.78 21.20 6.99
C LEU A 285 23.29 21.36 8.42
N ASN A 286 23.37 22.60 8.89
CA ASN A 286 23.96 22.85 10.19
C ASN A 286 22.95 23.57 11.08
N GLN A 287 21.66 23.32 10.81
CA GLN A 287 20.58 23.85 11.62
C GLN A 287 19.84 22.69 12.30
N PRO A 288 20.24 22.36 13.54
CA PRO A 288 19.51 21.37 14.35
C PRO A 288 17.98 21.46 14.30
N GLU A 289 17.43 22.68 14.28
CA GLU A 289 16.00 22.81 14.51
C GLU A 289 15.22 22.20 13.35
N GLU A 290 15.91 22.14 12.21
CA GLU A 290 15.28 21.64 11.01
C GLU A 290 15.27 20.11 10.98
N TRP A 291 15.83 19.40 11.95
CA TRP A 291 15.94 17.96 11.77
C TRP A 291 15.40 17.17 12.96
N PHE A 292 14.30 17.59 13.56
CA PHE A 292 13.76 16.90 14.72
C PHE A 292 12.70 15.88 14.36
N GLY A 293 12.33 15.76 13.09
CA GLY A 293 11.17 14.95 12.71
C GLY A 293 11.42 13.46 12.89
N PHE A 294 10.35 12.68 13.11
CA PHE A 294 10.41 11.24 12.93
C PHE A 294 10.19 10.97 11.44
N TRP A 295 9.62 11.96 10.73
CA TRP A 295 9.53 11.95 9.28
C TRP A 295 10.43 13.04 8.70
N GLY A 296 11.05 12.75 7.53
CA GLY A 296 11.92 13.70 6.85
C GLY A 296 11.53 13.90 5.39
N TYR A 297 11.62 15.12 4.88
CA TYR A 297 11.21 15.38 3.51
C TYR A 297 12.42 15.14 2.60
N SER A 298 12.12 14.72 1.37
CA SER A 298 13.12 14.31 0.41
C SER A 298 13.79 15.54 -0.21
N ASP A 299 13.01 16.37 -0.96
CA ASP A 299 13.39 17.67 -1.49
C ASP A 299 12.28 18.69 -1.18
N LEU A 300 12.43 19.90 -1.76
CA LEU A 300 11.46 20.97 -1.63
C LEU A 300 10.09 20.48 -2.11
N ASN A 301 10.06 19.69 -3.18
CA ASN A 301 8.78 19.26 -3.70
C ASN A 301 8.06 18.21 -2.82
N ASP A 302 8.70 17.58 -1.82
CA ASP A 302 8.02 16.52 -1.09
C ASP A 302 6.96 17.09 -0.14
N LYS A 303 5.70 16.66 -0.30
CA LYS A 303 4.62 17.00 0.62
C LYS A 303 4.33 15.90 1.65
N TYR A 304 5.04 14.76 1.60
CA TYR A 304 4.62 13.58 2.36
C TYR A 304 5.68 13.15 3.39
N GLY A 305 6.91 12.96 2.85
CA GLY A 305 8.05 12.42 3.60
C GLY A 305 8.00 10.90 3.71
N THR A 306 8.96 10.36 4.45
CA THR A 306 8.98 8.95 4.85
C THR A 306 9.49 8.85 6.28
N PRO A 307 9.08 7.80 7.01
CA PRO A 307 9.55 7.63 8.39
C PRO A 307 11.02 7.20 8.57
N ARG A 308 11.69 7.90 9.50
CA ARG A 308 13.03 7.55 9.93
C ARG A 308 12.95 6.33 10.87
N PRO A 309 14.08 5.70 11.24
CA PRO A 309 14.05 4.54 12.13
C PRO A 309 13.30 4.73 13.43
N VAL A 310 13.42 5.94 14.00
CA VAL A 310 12.85 6.20 15.30
C VAL A 310 11.36 5.89 15.30
N TRP A 311 10.73 5.99 14.14
CA TRP A 311 9.28 5.91 14.13
C TRP A 311 8.85 4.48 14.38
N PHE A 312 9.51 3.54 13.73
CA PHE A 312 9.17 2.14 13.94
C PHE A 312 9.49 1.70 15.38
N ALA A 313 10.62 2.19 15.93
CA ALA A 313 11.01 1.87 17.30
C ALA A 313 9.96 2.38 18.29
N MET A 314 9.51 3.63 18.11
CA MET A 314 8.54 4.21 19.01
C MET A 314 7.23 3.44 18.92
N ARG A 315 6.82 3.12 17.69
CA ARG A 315 5.58 2.38 17.49
C ARG A 315 5.62 1.14 18.37
N ASP A 316 6.61 0.28 18.12
CA ASP A 316 6.71 -1.00 18.78
C ASP A 316 6.79 -0.89 20.30
N TYR A 317 7.43 0.17 20.80
CA TYR A 317 7.78 0.27 22.20
C TYR A 317 6.56 0.70 22.96
N MET A 318 5.71 1.48 22.28
CA MET A 318 4.48 2.00 22.88
C MET A 318 3.46 0.90 23.12
N LYS A 319 3.55 -0.26 22.46
CA LYS A 319 2.51 -1.26 22.49
C LYS A 319 2.26 -1.81 23.90
N GLY A 320 3.28 -1.82 24.75
CA GLY A 320 3.13 -2.17 26.15
C GLY A 320 4.04 -1.31 27.02
N LEU A 321 3.41 -0.42 27.79
CA LEU A 321 4.15 0.49 28.66
C LEU A 321 4.17 -0.06 30.09
N ILE A 322 5.36 -0.07 30.70
CA ILE A 322 5.55 -0.32 32.11
C ILE A 322 5.61 1.04 32.81
N ILE A 323 4.63 1.34 33.68
CA ILE A 323 4.71 2.52 34.55
C ILE A 323 5.26 2.15 35.93
N SER A 324 5.07 0.90 36.35
CA SER A 324 5.66 0.48 37.60
C SER A 324 5.87 -1.03 37.52
N PRO A 325 6.95 -1.61 38.10
CA PRO A 325 8.04 -0.83 38.71
C PRO A 325 8.74 0.09 37.73
N LYS A 326 9.26 1.17 38.32
CA LYS A 326 10.07 2.11 37.56
C LYS A 326 11.48 1.55 37.61
N ASN A 327 12.14 1.69 36.47
CA ASN A 327 13.53 1.35 36.33
C ASN A 327 14.37 2.29 37.18
N LYS A 328 15.43 1.71 37.80
CA LYS A 328 16.30 2.36 38.78
C LYS A 328 15.53 2.78 40.04
N SER A 329 14.51 1.99 40.38
CA SER A 329 13.79 2.21 41.62
C SER A 329 14.39 1.28 42.66
N ILE A 330 14.29 1.69 43.92
CA ILE A 330 14.74 0.94 45.06
C ILE A 330 13.52 0.51 45.86
N HIS A 331 13.50 -0.78 46.19
CA HIS A 331 12.33 -1.38 46.88
C HIS A 331 12.72 -2.07 48.18
N THR A 332 12.44 -1.47 49.34
CA THR A 332 12.70 -2.13 50.63
C THR A 332 11.50 -2.96 51.02
N ASN A 333 11.02 -3.81 50.12
CA ASN A 333 9.82 -4.64 50.38
C ASN A 333 9.81 -5.86 49.47
N THR A 334 8.94 -6.83 49.77
CA THR A 334 8.78 -8.06 48.99
C THR A 334 7.59 -7.98 48.03
N LYS A 335 6.85 -6.88 48.06
CA LYS A 335 5.71 -6.68 47.18
C LYS A 335 5.99 -5.47 46.28
N ILE A 336 6.03 -5.74 44.97
CA ILE A 336 6.38 -4.74 43.98
C ILE A 336 5.12 -4.33 43.23
N PRO A 337 4.59 -3.10 43.41
CA PRO A 337 3.49 -2.59 42.59
C PRO A 337 3.85 -2.71 41.11
N LEU A 338 2.88 -3.26 40.34
CA LEU A 338 2.95 -3.41 38.90
C LEU A 338 1.89 -2.55 38.19
N GLU A 339 2.30 -1.75 37.20
CA GLU A 339 1.32 -1.00 36.43
C GLU A 339 1.68 -1.01 34.94
N LEU A 340 0.75 -1.50 34.12
CA LEU A 340 0.89 -1.46 32.67
C LEU A 340 -0.22 -0.66 31.97
N TYR A 341 0.09 -0.09 30.80
CA TYR A 341 -0.86 0.38 29.82
C TYR A 341 -0.62 -0.37 28.52
N ASN A 342 -1.63 -1.09 28.01
CA ASN A 342 -1.42 -2.02 26.91
C ASN A 342 -2.36 -1.74 25.74
N ASP A 343 -1.79 -1.69 24.53
CA ASP A 343 -2.63 -1.55 23.35
C ASP A 343 -3.34 -2.90 23.12
N LYS A 344 -4.32 -2.90 22.22
CA LYS A 344 -5.28 -3.98 22.08
C LYS A 344 -4.67 -5.28 21.56
N ASP A 345 -3.34 -5.29 21.38
CA ASP A 345 -2.68 -6.40 20.72
C ASP A 345 -1.98 -7.31 21.72
N VAL A 346 -1.79 -6.79 22.95
CA VAL A 346 -1.13 -7.44 24.07
C VAL A 346 -2.13 -8.37 24.76
N LYS A 347 -2.06 -9.64 24.44
CA LYS A 347 -2.94 -10.63 25.04
C LYS A 347 -2.29 -11.30 26.25
N LYS A 348 -0.95 -11.30 26.36
CA LYS A 348 -0.33 -11.83 27.56
C LYS A 348 0.89 -11.02 27.99
N VAL A 349 1.14 -10.96 29.31
CA VAL A 349 2.34 -10.33 29.83
C VAL A 349 2.96 -11.28 30.84
N VAL A 350 4.25 -11.59 30.67
CA VAL A 350 4.99 -12.38 31.64
C VAL A 350 6.17 -11.55 32.16
N VAL A 351 6.60 -11.83 33.40
CA VAL A 351 7.83 -11.28 33.95
C VAL A 351 8.74 -12.43 34.38
N LYS A 352 10.02 -12.35 33.96
CA LYS A 352 11.02 -13.34 34.31
C LYS A 352 12.11 -12.70 35.16
N PHE A 353 12.70 -13.52 36.04
CA PHE A 353 13.95 -13.22 36.71
C PHE A 353 14.80 -14.48 36.79
N ARG A 354 16.06 -14.36 36.31
CA ARG A 354 17.01 -15.43 36.03
C ARG A 354 16.30 -16.56 35.30
N ASP A 355 15.59 -16.22 34.23
CA ASP A 355 15.00 -17.16 33.30
C ASP A 355 13.89 -18.01 33.88
N LYS A 356 13.38 -17.66 35.09
CA LYS A 356 12.24 -18.28 35.75
C LYS A 356 11.08 -17.32 35.82
N VAL A 357 9.86 -17.83 35.61
CA VAL A 357 8.65 -17.02 35.65
C VAL A 357 8.25 -16.69 37.09
N ILE A 358 7.96 -15.39 37.33
CA ILE A 358 7.49 -14.92 38.62
C ILE A 358 6.12 -14.26 38.47
N TYR A 359 5.72 -13.85 37.25
CA TYR A 359 4.37 -13.33 37.02
C TYR A 359 3.90 -13.69 35.62
N SER A 360 2.60 -14.01 35.50
CA SER A 360 2.02 -14.38 34.22
C SER A 360 0.50 -14.11 34.18
N LYS A 361 0.12 -12.89 33.77
CA LYS A 361 -1.28 -12.53 33.59
C LYS A 361 -1.65 -12.54 32.11
N ASN A 362 -2.76 -13.20 31.77
CA ASN A 362 -3.41 -13.05 30.47
C ASN A 362 -4.24 -11.75 30.47
N ILE A 363 -4.04 -10.87 29.46
CA ILE A 363 -4.71 -9.59 29.45
C ILE A 363 -6.07 -9.74 28.77
N THR A 364 -7.17 -9.41 29.46
CA THR A 364 -8.48 -9.61 28.84
C THR A 364 -8.96 -8.32 28.20
N SER A 365 -8.76 -7.19 28.89
CA SER A 365 -9.11 -5.91 28.32
C SER A 365 -7.88 -5.02 28.19
N GLU A 366 -7.95 -4.06 27.27
CA GLU A 366 -6.81 -3.22 27.00
C GLU A 366 -6.78 -2.12 28.05
N GLY A 367 -5.72 -1.32 28.02
CA GLY A 367 -5.64 -0.10 28.80
C GLY A 367 -4.78 -0.30 30.03
N TYR A 368 -5.10 0.48 31.06
CA TYR A 368 -4.46 0.42 32.35
C TYR A 368 -4.84 -0.89 33.00
N MET A 369 -3.97 -1.34 33.90
CA MET A 369 -4.05 -2.65 34.51
C MET A 369 -3.03 -2.61 35.63
N ALA A 370 -3.45 -3.01 36.83
CA ALA A 370 -2.53 -3.04 37.97
C ALA A 370 -2.55 -4.40 38.67
N ASP A 371 -1.45 -4.75 39.34
CA ASP A 371 -1.34 -6.03 40.10
C ASP A 371 -0.13 -5.89 41.01
N GLU A 372 0.35 -7.01 41.52
CA GLU A 372 1.52 -6.98 42.43
C GLU A 372 2.50 -8.05 42.00
N LEU A 373 3.79 -7.81 42.22
CA LEU A 373 4.80 -8.87 41.93
C LEU A 373 5.42 -9.29 43.26
N THR A 374 5.56 -10.60 43.49
CA THR A 374 6.29 -11.00 44.66
C THR A 374 7.70 -11.44 44.24
N ILE A 375 8.70 -10.83 44.89
CA ILE A 375 10.10 -11.22 44.72
C ILE A 375 10.61 -11.83 46.04
N ASP A 376 11.71 -12.58 46.00
CA ASP A 376 12.38 -12.98 47.24
C ASP A 376 13.82 -12.47 47.20
N PRO A 377 14.11 -11.22 47.60
CA PRO A 377 15.50 -10.72 47.62
C PRO A 377 16.35 -11.13 48.83
N VAL A 378 17.54 -11.60 48.51
CA VAL A 378 18.58 -11.96 49.47
C VAL A 378 19.44 -10.73 49.75
N GLY A 379 19.65 -10.44 51.03
CA GLY A 379 20.43 -9.29 51.48
C GLY A 379 20.00 -8.00 50.79
N ILE A 380 20.89 -7.48 49.94
CA ILE A 380 20.57 -6.40 49.03
C ILE A 380 20.83 -6.90 47.62
N GLU A 381 19.79 -6.99 46.79
CA GLU A 381 19.92 -7.75 45.56
C GLU A 381 19.50 -6.89 44.39
N ASP A 382 20.45 -6.59 43.47
CA ASP A 382 20.05 -5.97 42.22
C ASP A 382 19.31 -7.02 41.39
N MET A 383 18.29 -6.60 40.66
CA MET A 383 17.58 -7.54 39.82
C MET A 383 17.20 -6.85 38.52
N GLU A 384 17.48 -7.50 37.39
CA GLU A 384 16.83 -7.17 36.15
C GLU A 384 15.58 -8.05 36.02
N LEU A 385 14.41 -7.39 36.13
CA LEU A 385 13.14 -8.02 35.85
C LEU A 385 12.93 -7.94 34.35
N ALA A 386 12.50 -9.04 33.74
CA ALA A 386 12.46 -9.06 32.29
C ALA A 386 11.02 -9.25 31.81
N PHE A 387 10.41 -8.17 31.34
CA PHE A 387 9.03 -8.21 30.90
C PHE A 387 8.92 -8.69 29.46
N GLU A 388 7.88 -9.48 29.17
CA GLU A 388 7.62 -9.96 27.82
C GLU A 388 6.14 -9.76 27.48
N PHE A 389 5.87 -9.03 26.40
CA PHE A 389 4.51 -8.86 25.92
C PHE A 389 4.25 -9.81 24.76
N TYR A 390 3.10 -10.51 24.82
CA TYR A 390 2.73 -11.51 23.82
C TYR A 390 1.45 -11.08 23.14
N ASP A 391 1.23 -11.60 21.92
CA ASP A 391 0.08 -11.28 21.11
C ASP A 391 -0.83 -12.50 21.04
N SER A 392 -1.80 -12.48 20.12
CA SER A 392 -2.85 -13.49 20.11
C SER A 392 -2.28 -14.87 19.75
N ASP A 393 -1.28 -14.87 18.87
CA ASP A 393 -0.63 -16.07 18.38
C ASP A 393 0.43 -16.52 19.39
N ASN A 394 0.66 -15.68 20.41
CA ASN A 394 1.52 -16.03 21.52
C ASN A 394 2.98 -15.79 21.11
N LYS A 395 3.21 -14.67 20.43
CA LYS A 395 4.50 -14.33 19.85
C LYS A 395 5.00 -13.04 20.46
N ILE A 396 6.18 -13.06 21.09
CA ILE A 396 6.66 -11.91 21.83
C ILE A 396 6.76 -10.76 20.85
N ILE A 397 6.33 -9.58 21.30
CA ILE A 397 6.29 -8.40 20.45
C ILE A 397 7.04 -7.28 21.16
N LYS A 398 7.20 -7.37 22.47
CA LYS A 398 8.11 -6.46 23.12
C LYS A 398 8.88 -7.21 24.19
N ASN A 399 10.18 -6.92 24.31
CA ASN A 399 10.94 -7.18 25.51
C ASN A 399 11.24 -5.82 26.13
N GLU A 400 11.23 -5.74 27.46
CA GLU A 400 11.71 -4.58 28.18
C GLU A 400 12.08 -5.04 29.58
N SER A 401 13.18 -4.49 30.07
CA SER A 401 13.71 -4.92 31.35
C SER A 401 13.65 -3.77 32.34
N ILE A 402 13.25 -4.04 33.58
CA ILE A 402 13.27 -3.04 34.63
C ILE A 402 14.28 -3.47 35.67
N ASN A 403 15.29 -2.62 35.93
CA ASN A 403 16.28 -2.91 36.96
C ASN A 403 15.87 -2.28 38.30
N ILE A 404 15.82 -3.08 39.34
CA ILE A 404 15.53 -2.54 40.66
C ILE A 404 16.68 -2.92 41.58
N LEU A 405 16.78 -2.25 42.73
CA LEU A 405 17.60 -2.71 43.83
C LEU A 405 16.69 -3.02 45.02
N ALA A 406 16.49 -4.31 45.35
CA ALA A 406 15.43 -4.74 46.27
C ALA A 406 15.99 -5.45 47.48
N SER A 407 15.16 -5.54 48.52
CA SER A 407 15.53 -6.04 49.84
C SER A 407 14.25 -6.16 50.65
N LYS A 408 14.28 -6.98 51.70
CA LYS A 408 13.12 -7.20 52.55
C LYS A 408 13.13 -6.23 53.73
N THR A 409 14.31 -5.71 54.08
CA THR A 409 14.48 -4.81 55.21
C THR A 409 14.99 -3.50 54.64
N ALA A 410 15.11 -2.48 55.48
CA ALA A 410 15.74 -1.23 55.08
C ALA A 410 17.24 -1.42 54.85
N PHE A 411 17.90 -0.48 54.15
CA PHE A 411 19.35 -0.46 54.08
C PHE A 411 19.86 0.94 53.78
N GLU A 412 21.11 1.19 54.16
CA GLU A 412 21.76 2.46 53.90
C GLU A 412 22.14 2.57 52.44
N LEU A 413 22.09 3.79 51.91
CA LEU A 413 22.72 4.13 50.66
C LEU A 413 23.76 5.20 50.95
N PRO A 414 24.75 5.40 50.07
CA PRO A 414 25.58 6.59 50.18
C PRO A 414 24.68 7.77 49.80
N GLU A 415 25.01 8.95 50.31
CA GLU A 415 24.24 10.13 50.00
C GLU A 415 25.21 11.29 49.74
N LEU A 416 24.75 12.21 48.89
CA LEU A 416 25.52 13.36 48.47
C LEU A 416 24.67 14.57 48.82
N THR A 417 25.27 15.54 49.51
CA THR A 417 24.59 16.81 49.79
C THR A 417 25.58 17.94 49.52
N ILE A 418 25.06 19.13 49.21
CA ILE A 418 25.89 20.27 48.84
C ILE A 418 25.53 21.48 49.70
N GLU A 419 26.53 22.29 50.06
CA GLU A 419 26.32 23.57 50.70
C GLU A 419 26.86 24.66 49.78
N VAL A 420 25.96 25.58 49.40
CA VAL A 420 26.22 26.55 48.36
C VAL A 420 26.30 27.96 48.94
N THR A 421 27.26 28.74 48.41
CA THR A 421 27.41 30.13 48.77
C THR A 421 27.16 30.94 47.50
N PRO A 422 26.41 32.06 47.57
CA PRO A 422 25.61 32.41 48.73
C PRO A 422 24.54 31.33 48.83
N GLU A 423 23.99 31.20 50.03
CA GLU A 423 22.96 30.21 50.30
C GLU A 423 21.61 30.69 49.77
N LYS A 424 21.25 31.95 50.09
CA LYS A 424 19.88 32.43 49.97
C LYS A 424 19.73 33.48 48.88
N ASP A 425 20.65 34.46 48.83
CA ASP A 425 20.47 35.66 48.01
C ASP A 425 21.76 36.00 47.24
N LEU A 426 21.73 35.81 45.90
CA LEU A 426 22.87 36.03 45.00
C LEU A 426 23.44 37.44 45.03
N ASN A 427 22.73 38.39 45.66
CA ASN A 427 23.25 39.75 45.79
C ASN A 427 24.35 39.81 46.86
N GLU A 428 24.54 38.72 47.61
CA GLU A 428 25.45 38.74 48.76
C GLU A 428 26.92 38.62 48.33
N GLY A 429 27.17 38.25 47.07
CA GLY A 429 28.56 38.17 46.63
C GLY A 429 28.69 38.00 45.12
N LYS A 430 29.92 38.23 44.64
CA LYS A 430 30.21 38.12 43.22
C LYS A 430 30.61 36.69 42.91
N ILE A 431 31.11 35.98 43.93
CA ILE A 431 31.69 34.66 43.72
C ILE A 431 30.95 33.62 44.55
N ALA A 432 30.65 32.49 43.91
CA ALA A 432 29.90 31.39 44.49
C ALA A 432 30.80 30.20 44.81
N SER A 433 30.37 29.34 45.74
CA SER A 433 31.03 28.05 45.94
C SER A 433 30.03 26.91 46.10
N ILE A 434 30.44 25.71 45.70
CA ILE A 434 29.67 24.50 45.96
C ILE A 434 30.59 23.58 46.75
N LYS A 435 30.26 23.37 48.03
CA LYS A 435 30.93 22.37 48.85
C LYS A 435 30.15 21.08 48.76
N THR A 436 30.64 20.12 47.96
CA THR A 436 30.04 18.80 47.89
C THR A 436 30.54 17.95 49.07
N LYS A 437 29.67 17.03 49.54
CA LYS A 437 29.97 16.11 50.63
C LYS A 437 29.29 14.77 50.35
N ILE A 438 30.08 13.68 50.35
CA ILE A 438 29.57 12.37 49.96
C ILE A 438 29.81 11.43 51.14
N GLU A 439 28.72 10.97 51.76
CA GLU A 439 28.81 9.86 52.70
C GLU A 439 28.88 8.57 51.90
N THR A 440 29.98 7.82 52.03
CA THR A 440 30.14 6.56 51.32
C THR A 440 29.36 5.48 52.06
N SER A 441 29.15 4.32 51.43
CA SER A 441 28.58 3.16 52.12
C SER A 441 29.23 1.90 51.56
N GLU A 442 29.56 0.96 52.45
CA GLU A 442 30.20 -0.26 51.99
C GLU A 442 29.21 -1.07 51.16
N ASN A 443 29.78 -1.88 50.27
CA ASN A 443 29.11 -2.58 49.18
C ASN A 443 28.71 -1.60 48.07
N PHE A 444 28.57 -0.30 48.36
CA PHE A 444 28.19 0.64 47.31
C PHE A 444 29.43 1.30 46.72
N THR A 445 29.67 1.11 45.41
CA THR A 445 30.89 1.57 44.75
C THR A 445 30.62 2.84 43.96
N LEU A 446 31.29 3.92 44.38
CA LEU A 446 31.34 5.17 43.66
C LEU A 446 32.27 5.00 42.47
N LEU A 447 32.00 5.71 41.39
CA LEU A 447 32.85 5.49 40.25
C LEU A 447 33.14 6.76 39.46
N ASP A 448 34.26 6.76 38.72
CA ASP A 448 34.68 7.87 37.88
C ASP A 448 34.63 9.19 38.65
N ASP A 449 33.68 10.04 38.24
CA ASP A 449 33.79 11.47 38.40
C ASP A 449 32.45 11.99 38.89
N LEU A 450 32.53 12.58 40.08
CA LEU A 450 31.65 13.60 40.58
C LEU A 450 31.53 14.71 39.56
N LYS A 451 30.33 15.26 39.37
CA LYS A 451 30.15 16.34 38.40
C LYS A 451 29.49 17.53 39.10
N ILE A 452 29.97 18.75 38.82
CA ILE A 452 29.41 19.93 39.47
C ILE A 452 28.81 20.85 38.40
N SER A 453 27.72 21.59 38.73
CA SER A 453 27.06 22.51 37.80
C SER A 453 26.40 23.70 38.49
N TYR A 454 26.87 24.90 38.11
CA TYR A 454 26.27 26.15 38.55
C TYR A 454 25.59 26.74 37.32
N ASN A 455 24.35 26.29 37.06
CA ASN A 455 23.62 26.69 35.88
C ASN A 455 23.00 28.06 36.12
N THR A 456 23.48 29.07 35.39
CA THR A 456 23.15 30.47 35.69
C THR A 456 21.97 30.97 34.85
N HIS A 457 21.30 30.09 34.07
CA HIS A 457 19.99 30.33 33.45
C HIS A 457 19.97 31.41 32.36
N LEU A 458 21.16 31.84 31.90
CA LEU A 458 21.33 32.86 30.88
C LEU A 458 20.99 32.26 29.53
N GLY A 459 19.71 32.28 29.19
CA GLY A 459 19.28 31.79 27.89
C GLY A 459 19.23 30.27 27.88
N TRP A 460 20.01 29.64 26.99
CA TRP A 460 20.22 28.20 27.00
C TRP A 460 21.60 27.83 27.55
N ALA A 461 22.50 28.81 27.65
CA ALA A 461 23.79 28.65 28.31
C ALA A 461 23.63 27.97 29.67
N ILE A 462 24.25 26.79 29.82
CA ILE A 462 24.16 25.95 31.03
C ILE A 462 25.25 26.32 32.04
N GLY A 463 26.07 27.34 31.74
CA GLY A 463 26.97 27.90 32.73
C GLY A 463 28.15 26.98 33.05
N SER A 464 28.72 27.15 34.24
CA SER A 464 29.90 26.40 34.62
C SER A 464 29.58 24.92 34.79
N GLN A 465 30.64 24.13 34.72
CA GLN A 465 30.60 22.73 35.08
C GLN A 465 32.01 22.31 35.51
N ALA A 466 32.13 21.12 36.09
CA ALA A 466 33.42 20.65 36.50
C ALA A 466 33.43 19.13 36.60
N SER A 467 34.57 18.52 36.32
CA SER A 467 34.78 17.13 36.68
C SER A 467 35.88 17.05 37.73
N VAL A 468 35.49 16.62 38.94
CA VAL A 468 36.43 16.41 40.04
C VAL A 468 36.70 14.91 40.19
N SER A 469 37.98 14.56 40.12
CA SER A 469 38.43 13.20 40.40
C SER A 469 38.40 12.97 41.91
N ILE A 470 37.95 11.79 42.31
CA ILE A 470 38.02 11.43 43.73
C ILE A 470 38.87 10.18 43.91
N SER A 471 39.79 9.92 42.97
CA SER A 471 40.72 8.79 43.06
C SER A 471 41.35 8.74 44.45
N ASP A 472 41.87 9.91 44.86
CA ASP A 472 42.74 10.03 46.01
C ASP A 472 41.93 10.08 47.30
N GLN A 473 40.60 9.93 47.25
CA GLN A 473 39.76 9.98 48.45
C GLN A 473 38.92 8.70 48.61
N LEU A 474 39.06 7.71 47.72
CA LEU A 474 38.23 6.50 47.73
C LEU A 474 38.22 5.84 49.11
N ASP A 475 39.40 5.73 49.74
CA ASP A 475 39.53 5.11 51.06
C ASP A 475 38.56 5.68 52.08
N LYS A 476 38.35 7.00 52.05
CA LYS A 476 37.68 7.76 53.11
C LYS A 476 36.19 7.46 53.16
N LYS A 477 35.65 7.70 54.36
CA LYS A 477 34.23 7.55 54.59
C LYS A 477 33.53 8.79 54.00
N ILE A 478 34.03 10.00 54.31
CA ILE A 478 33.42 11.25 53.89
C ILE A 478 34.30 11.92 52.83
N ILE A 479 33.78 11.99 51.59
CA ILE A 479 34.46 12.64 50.49
C ILE A 479 33.96 14.08 50.36
N THR A 480 34.90 15.02 50.27
CA THR A 480 34.57 16.43 50.26
C THR A 480 35.21 17.13 49.06
N SER A 481 34.58 18.18 48.54
CA SER A 481 35.09 18.89 47.38
C SER A 481 34.48 20.28 47.32
N GLU A 482 35.35 21.30 47.26
CA GLU A 482 34.96 22.69 47.21
C GLU A 482 35.35 23.28 45.86
N ASN A 483 34.37 23.82 45.16
CA ASN A 483 34.53 24.33 43.81
C ASN A 483 34.00 25.77 43.80
N PHE A 484 34.64 26.67 43.04
CA PHE A 484 34.23 28.08 42.98
C PHE A 484 33.58 28.41 41.63
N PHE A 485 32.79 29.48 41.57
CA PHE A 485 32.33 29.99 40.29
C PHE A 485 32.12 31.49 40.37
N ASN A 486 32.47 32.20 39.29
CA ASN A 486 32.08 33.59 39.12
C ASN A 486 30.57 33.64 38.93
N ILE A 487 29.88 34.50 39.70
CA ILE A 487 28.45 34.74 39.52
C ILE A 487 28.28 35.85 38.49
N PRO A 488 27.55 35.60 37.38
CA PRO A 488 27.19 36.69 36.46
C PRO A 488 26.31 37.75 37.12
N ASP A 489 26.52 39.01 36.77
CA ASP A 489 25.71 40.11 37.27
C ASP A 489 24.25 39.97 36.82
N ASN A 490 24.04 39.39 35.63
CA ASN A 490 22.74 39.38 34.99
C ASN A 490 22.11 37.98 35.13
N CYS A 491 22.64 37.19 36.06
CA CYS A 491 22.08 35.90 36.49
C CYS A 491 21.00 36.16 37.52
N TRP A 492 19.77 35.78 37.19
CA TRP A 492 18.63 36.07 38.04
C TRP A 492 18.35 34.89 38.97
N VAL A 493 18.55 33.65 38.47
CA VAL A 493 18.37 32.44 39.26
C VAL A 493 19.44 31.44 38.87
N VAL A 494 19.81 30.52 39.79
CA VAL A 494 20.83 29.52 39.51
C VAL A 494 20.45 28.16 40.09
N ASN A 495 20.75 27.10 39.33
CA ASN A 495 20.55 25.71 39.76
C ASN A 495 21.92 25.05 40.06
N ALA A 496 22.39 25.26 41.30
CA ALA A 496 23.56 24.59 41.85
C ALA A 496 23.25 23.12 42.04
N SER A 497 23.95 22.24 41.34
CA SER A 497 23.78 20.81 41.55
C SER A 497 25.12 20.09 41.45
N ALA A 498 25.17 18.88 42.02
CA ALA A 498 26.31 18.00 41.92
C ALA A 498 25.81 16.57 42.01
N GLY A 499 26.55 15.64 41.45
CA GLY A 499 26.13 14.25 41.44
C GLY A 499 27.27 13.34 41.02
N ILE A 500 27.12 12.04 41.38
CA ILE A 500 28.09 11.00 41.09
C ILE A 500 27.38 9.68 40.86
N SER A 501 27.97 8.82 40.01
CA SER A 501 27.37 7.57 39.64
C SER A 501 27.67 6.56 40.74
N VAL A 502 26.83 5.53 40.88
CA VAL A 502 27.01 4.54 41.93
C VAL A 502 26.57 3.19 41.40
N ARG A 503 27.34 2.14 41.76
CA ARG A 503 27.14 0.77 41.30
C ARG A 503 26.92 -0.16 42.50
N TYR A 504 25.92 -1.03 42.34
CA TYR A 504 25.72 -2.21 43.15
C TYR A 504 25.36 -3.34 42.19
N GLY A 505 26.31 -4.25 42.00
CA GLY A 505 26.16 -5.34 41.05
C GLY A 505 25.91 -4.80 39.64
N LYS A 506 24.79 -5.21 39.05
CA LYS A 506 24.41 -4.71 37.73
C LYS A 506 23.67 -3.39 37.82
N PHE A 507 23.47 -2.82 39.00
CA PHE A 507 22.52 -1.73 39.13
C PHE A 507 23.31 -0.46 39.35
N THR A 508 23.10 0.52 38.47
CA THR A 508 23.83 1.78 38.57
C THR A 508 22.80 2.88 38.63
N PHE A 509 23.14 3.94 39.36
CA PHE A 509 22.23 5.04 39.58
C PHE A 509 23.07 6.19 40.11
N LYS A 510 22.60 7.40 39.89
CA LYS A 510 23.34 8.56 40.37
C LYS A 510 22.75 9.02 41.70
N ILE A 511 23.62 9.62 42.52
CA ILE A 511 23.23 10.29 43.75
C ILE A 511 23.66 11.74 43.61
N HIS A 512 22.84 12.64 44.15
CA HIS A 512 22.93 14.05 43.77
C HIS A 512 22.20 14.92 44.77
N ASP A 513 22.48 16.22 44.67
CA ASP A 513 21.72 17.26 45.36
C ASP A 513 21.59 18.46 44.43
N GLN A 514 20.66 19.38 44.79
CA GLN A 514 20.23 20.51 43.99
C GLN A 514 19.78 21.67 44.87
N LYS A 515 20.33 22.87 44.69
CA LYS A 515 19.75 24.06 45.31
C LYS A 515 19.47 25.08 44.22
N ILE A 516 18.22 25.58 44.19
CA ILE A 516 17.81 26.62 43.28
C ILE A 516 17.84 27.94 44.05
N ILE A 517 18.70 28.88 43.64
CA ILE A 517 18.88 30.09 44.41
C ILE A 517 18.64 31.31 43.52
N TYR A 518 18.03 32.36 44.13
CA TYR A 518 17.56 33.55 43.40
C TYR A 518 18.39 34.79 43.75
N ARG A 519 18.28 35.82 42.92
CA ARG A 519 18.90 37.11 43.21
C ARG A 519 17.79 38.07 43.63
N GLY A 520 17.93 38.67 44.82
CA GLY A 520 16.88 39.51 45.38
C GLY A 520 15.52 38.82 45.28
N ASP A 521 14.45 39.63 45.17
CA ASP A 521 13.10 39.10 45.38
C ASP A 521 12.30 39.06 44.07
N TRP A 522 13.01 39.15 42.93
CA TRP A 522 12.37 39.25 41.61
C TRP A 522 11.43 38.08 41.34
N ALA A 523 11.67 36.91 41.98
CA ALA A 523 10.92 35.69 41.76
C ALA A 523 9.74 35.54 42.74
N LYS A 524 9.47 36.59 43.52
CA LYS A 524 8.48 36.55 44.60
C LYS A 524 7.18 35.90 44.16
N GLU A 525 6.74 36.18 42.93
CA GLU A 525 5.45 35.73 42.46
C GLU A 525 5.60 34.44 41.66
N VAL A 526 6.48 34.48 40.66
CA VAL A 526 6.58 33.40 39.69
C VAL A 526 7.25 32.17 40.31
N GLY A 527 8.14 32.37 41.29
CA GLY A 527 8.89 31.26 41.85
C GLY A 527 8.01 30.32 42.67
N ARG A 528 8.30 29.01 42.59
CA ARG A 528 7.70 27.97 43.41
C ARG A 528 7.85 28.30 44.89
N LYS A 529 6.77 28.09 45.69
CA LYS A 529 6.81 28.34 47.13
C LYS A 529 7.13 27.08 47.92
N LEU A 530 7.21 27.21 49.27
CA LEU A 530 7.37 26.08 50.20
C LEU A 530 8.80 25.52 50.08
N SER B 3 -44.00 1.37 19.45
CA SER B 3 -43.71 2.03 18.14
C SER B 3 -43.05 1.03 17.19
N LYS B 4 -43.76 -0.05 16.82
CA LYS B 4 -43.32 -0.93 15.75
C LYS B 4 -43.47 -0.17 14.43
N THR B 5 -42.53 -0.39 13.49
CA THR B 5 -42.64 0.22 12.17
C THR B 5 -43.87 -0.39 11.48
N LYS B 6 -44.77 0.47 11.00
CA LYS B 6 -46.06 0.05 10.45
C LYS B 6 -45.96 -0.06 8.93
N ILE B 7 -46.29 -1.24 8.39
CA ILE B 7 -46.12 -1.53 6.97
C ILE B 7 -47.48 -1.50 6.28
N GLU B 8 -47.67 -0.48 5.42
CA GLU B 8 -48.89 -0.29 4.64
C GLU B 8 -48.62 -0.57 3.15
N LEU B 9 -49.41 -1.49 2.58
CA LEU B 9 -49.36 -1.90 1.18
C LEU B 9 -50.57 -1.28 0.45
N LYS B 10 -50.36 -0.08 -0.12
CA LYS B 10 -51.34 0.57 -0.98
C LYS B 10 -50.65 1.10 -2.24
N ASP B 11 -51.36 1.08 -3.37
CA ASP B 11 -50.86 1.64 -4.61
C ASP B 11 -49.59 0.91 -5.05
N ASN B 12 -49.55 -0.40 -4.80
CA ASN B 12 -48.46 -1.25 -5.25
C ASN B 12 -47.12 -0.69 -4.77
N TRP B 13 -47.10 -0.18 -3.53
CA TRP B 13 -45.92 0.35 -2.87
C TRP B 13 -45.90 -0.09 -1.41
N TYR B 14 -44.74 -0.55 -0.94
CA TYR B 14 -44.49 -0.66 0.49
C TYR B 14 -44.47 0.77 1.01
N HIS B 15 -45.07 0.97 2.19
CA HIS B 15 -45.02 2.24 2.89
C HIS B 15 -44.57 1.98 4.32
N LEU B 16 -43.38 2.44 4.69
CA LEU B 16 -42.94 2.44 6.08
C LEU B 16 -43.34 3.75 6.75
N ASP B 17 -44.30 3.66 7.70
CA ASP B 17 -44.68 4.77 8.55
C ASP B 17 -45.26 5.90 7.69
N GLY B 18 -46.29 5.57 6.89
CA GLY B 18 -46.89 6.49 5.93
C GLY B 18 -46.06 6.67 4.65
N GLU B 19 -44.75 6.34 4.67
CA GLU B 19 -43.82 6.93 3.72
C GLU B 19 -43.39 5.89 2.69
N LYS B 20 -43.87 6.03 1.46
CA LYS B 20 -43.45 5.11 0.42
C LYS B 20 -41.95 4.80 0.57
N TYR B 21 -41.62 3.50 0.47
CA TYR B 21 -40.28 2.97 0.72
C TYR B 21 -39.87 2.06 -0.44
N PHE B 22 -38.76 2.42 -1.07
CA PHE B 22 -38.22 1.60 -2.15
C PHE B 22 -37.15 0.68 -1.53
N ILE B 23 -37.44 -0.61 -1.54
CA ILE B 23 -36.56 -1.62 -0.97
C ILE B 23 -35.33 -1.77 -1.88
N LYS B 24 -34.26 -1.07 -1.49
CA LYS B 24 -32.97 -1.18 -2.12
C LYS B 24 -32.19 -2.27 -1.39
N ALA B 25 -32.45 -3.53 -1.75
CA ALA B 25 -31.86 -4.67 -1.06
C ALA B 25 -30.60 -5.16 -1.77
N ILE B 26 -29.94 -6.11 -1.10
CA ILE B 26 -28.97 -7.02 -1.69
C ILE B 26 -29.18 -8.40 -1.07
N GLY B 27 -29.10 -9.45 -1.89
CA GLY B 27 -29.03 -10.82 -1.40
C GLY B 27 -27.76 -11.01 -0.58
N TYR B 28 -27.93 -11.60 0.61
CA TYR B 28 -26.87 -11.77 1.60
C TYR B 28 -26.96 -13.18 2.16
N GLU B 29 -25.82 -13.85 2.30
CA GLU B 29 -25.76 -15.17 2.91
C GLU B 29 -24.53 -15.27 3.81
N ILE B 30 -24.76 -15.35 5.13
CA ILE B 30 -23.69 -15.59 6.10
C ILE B 30 -23.39 -17.09 6.19
N GLY B 31 -22.16 -17.41 6.61
CA GLY B 31 -21.71 -18.79 6.70
C GLY B 31 -21.48 -19.43 5.32
N ALA B 32 -20.94 -18.64 4.37
CA ALA B 32 -20.57 -19.12 3.04
C ALA B 32 -19.19 -18.64 2.61
N ARG B 33 -18.27 -18.53 3.59
CA ARG B 33 -16.89 -18.21 3.30
C ARG B 33 -16.21 -19.43 2.70
N PRO B 34 -15.11 -19.24 1.94
CA PRO B 34 -14.31 -20.35 1.42
C PRO B 34 -14.09 -21.29 2.59
N GLY B 35 -14.61 -22.52 2.46
CA GLY B 35 -14.47 -23.56 3.47
C GLY B 35 -15.75 -23.81 4.25
N GLN B 36 -16.73 -22.91 4.18
CA GLN B 36 -17.99 -23.10 4.88
C GLN B 36 -19.07 -23.43 3.87
N ALA B 37 -19.91 -24.42 4.22
CA ALA B 37 -21.19 -24.61 3.57
C ALA B 37 -22.29 -24.40 4.61
N PRO B 38 -23.31 -23.54 4.33
CA PRO B 38 -24.24 -23.07 5.37
C PRO B 38 -25.32 -24.06 5.81
N TYR B 39 -25.89 -24.81 4.86
CA TYR B 39 -26.93 -25.78 5.16
C TYR B 39 -26.39 -27.11 5.70
N GLU B 40 -25.05 -27.33 5.71
CA GLU B 40 -24.43 -28.60 6.07
C GLU B 40 -23.77 -28.53 7.46
N ASP B 41 -23.04 -27.45 7.68
CA ASP B 41 -22.22 -27.27 8.87
C ASP B 41 -23.13 -27.02 10.06
N GLU B 42 -22.65 -27.39 11.26
CA GLU B 42 -23.31 -26.96 12.48
C GLU B 42 -23.40 -25.44 12.46
N ARG B 43 -24.60 -24.89 12.66
CA ARG B 43 -24.87 -23.49 12.38
C ARG B 43 -24.31 -22.62 13.49
N LYS B 44 -23.77 -21.46 13.11
CA LYS B 44 -23.20 -20.49 14.03
C LYS B 44 -23.60 -19.09 13.60
N ASP B 45 -23.64 -18.19 14.59
CA ASP B 45 -24.21 -16.85 14.47
C ASP B 45 -23.35 -15.99 13.54
N GLU B 46 -22.02 -16.10 13.73
CA GLU B 46 -21.00 -15.58 12.82
C GLU B 46 -21.04 -14.05 12.86
N LEU B 47 -21.08 -13.47 14.05
CA LEU B 47 -21.44 -12.08 14.22
C LEU B 47 -20.28 -11.17 13.83
N GLU B 48 -19.07 -11.52 14.26
CA GLU B 48 -17.95 -10.64 13.98
C GLU B 48 -17.83 -10.43 12.47
N LEU B 49 -18.14 -11.49 11.70
CA LEU B 49 -18.15 -11.41 10.25
C LEU B 49 -19.32 -10.57 9.77
N MET B 50 -20.49 -10.77 10.38
CA MET B 50 -21.68 -10.01 10.01
C MET B 50 -21.39 -8.52 10.13
N LYS B 51 -20.98 -8.02 11.30
CA LYS B 51 -20.72 -6.59 11.50
C LYS B 51 -19.96 -6.01 10.30
N PHE B 52 -18.92 -6.71 9.83
CA PHE B 52 -18.20 -6.28 8.63
C PHE B 52 -19.19 -6.16 7.47
N ASP B 53 -19.83 -7.28 7.12
CA ASP B 53 -20.72 -7.37 5.97
C ASP B 53 -21.85 -6.35 6.10
N LEU B 54 -22.42 -6.23 7.29
CA LEU B 54 -23.54 -5.31 7.48
C LEU B 54 -23.06 -3.88 7.25
N GLU B 55 -21.81 -3.58 7.65
CA GLU B 55 -21.29 -2.23 7.55
C GLU B 55 -20.92 -1.91 6.10
N ASN B 56 -20.32 -2.89 5.40
CA ASN B 56 -20.00 -2.78 3.99
C ASN B 56 -21.28 -2.48 3.23
N ILE B 57 -22.31 -3.31 3.47
CA ILE B 57 -23.56 -3.25 2.72
C ILE B 57 -24.22 -1.87 2.89
N LYS B 58 -24.09 -1.25 4.06
CA LYS B 58 -24.53 0.13 4.24
C LYS B 58 -23.74 1.07 3.33
N GLU B 59 -22.41 0.90 3.23
CA GLU B 59 -21.56 1.82 2.48
C GLU B 59 -21.76 1.62 0.97
N GLY B 60 -22.32 0.45 0.62
CA GLY B 60 -22.66 0.14 -0.76
C GLY B 60 -23.90 0.90 -1.22
N GLY B 61 -24.75 1.32 -0.27
CA GLY B 61 -25.89 2.17 -0.58
C GLY B 61 -27.23 1.45 -0.42
N TYR B 62 -27.18 0.20 0.02
CA TYR B 62 -28.38 -0.62 0.21
C TYR B 62 -29.07 -0.14 1.49
N ASN B 63 -30.35 -0.50 1.64
CA ASN B 63 -31.14 -0.20 2.83
C ASN B 63 -31.86 -1.45 3.35
N THR B 64 -31.69 -2.58 2.65
CA THR B 64 -32.32 -3.83 3.03
C THR B 64 -31.40 -5.00 2.70
N ILE B 65 -31.63 -6.14 3.34
CA ILE B 65 -30.98 -7.39 2.98
C ILE B 65 -32.04 -8.48 2.80
N ARG B 66 -31.66 -9.53 2.09
CA ARG B 66 -32.59 -10.65 1.80
C ARG B 66 -31.86 -11.95 2.13
N THR B 67 -32.58 -12.95 2.63
CA THR B 67 -31.93 -14.20 3.07
C THR B 67 -32.71 -15.38 2.57
N TRP B 68 -32.15 -16.57 2.68
CA TRP B 68 -32.82 -17.81 2.24
C TRP B 68 -32.96 -18.72 3.45
N SER B 69 -32.60 -18.20 4.64
CA SER B 69 -32.56 -19.01 5.83
C SER B 69 -32.83 -18.14 7.05
N GLN B 70 -33.50 -18.74 8.05
CA GLN B 70 -33.94 -17.98 9.21
C GLN B 70 -32.73 -17.61 10.05
N TYR B 71 -32.65 -16.34 10.47
CA TYR B 71 -31.61 -15.92 11.40
C TYR B 71 -32.05 -16.27 12.81
N SER B 72 -31.07 -16.56 13.68
CA SER B 72 -31.27 -16.76 15.10
C SER B 72 -31.53 -15.42 15.78
N GLU B 73 -32.06 -15.45 17.01
CA GLU B 73 -32.38 -14.23 17.73
C GLU B 73 -31.14 -13.33 17.84
N ASN B 74 -29.98 -13.96 18.12
CA ASN B 74 -28.71 -13.27 18.28
C ASN B 74 -28.39 -12.49 17.02
N GLN B 75 -28.61 -13.13 15.86
CA GLN B 75 -28.28 -12.53 14.56
C GLN B 75 -29.22 -11.35 14.31
N LEU B 76 -30.52 -11.53 14.55
CA LEU B 76 -31.52 -10.49 14.34
C LEU B 76 -31.17 -9.22 15.11
N LYS B 77 -30.62 -9.35 16.31
CA LYS B 77 -30.32 -8.19 17.13
C LYS B 77 -29.29 -7.33 16.40
N LEU B 78 -28.32 -7.98 15.77
CA LEU B 78 -27.23 -7.28 15.11
C LEU B 78 -27.81 -6.54 13.91
N VAL B 79 -28.67 -7.23 13.17
CA VAL B 79 -29.36 -6.65 12.05
C VAL B 79 -30.17 -5.45 12.53
N GLN B 80 -31.00 -5.68 13.55
CA GLN B 80 -31.78 -4.62 14.17
C GLN B 80 -30.91 -3.39 14.43
N GLU B 81 -29.74 -3.62 15.02
CA GLU B 81 -28.88 -2.54 15.49
C GLU B 81 -28.21 -1.83 14.33
N SER B 82 -27.98 -2.53 13.21
CA SER B 82 -27.25 -1.97 12.08
C SER B 82 -28.01 -0.80 11.45
N GLY B 83 -29.34 -0.91 11.44
CA GLY B 83 -30.21 0.04 10.77
C GLY B 83 -30.89 -0.60 9.57
N LEU B 84 -30.32 -1.68 9.05
CA LEU B 84 -30.81 -2.30 7.83
C LEU B 84 -32.12 -3.04 8.07
N LYS B 85 -33.03 -2.97 7.09
CA LYS B 85 -34.24 -3.78 7.06
C LYS B 85 -33.89 -5.16 6.49
N LEU B 86 -34.84 -6.10 6.62
CA LEU B 86 -34.55 -7.51 6.40
C LEU B 86 -35.73 -8.13 5.66
N ILE B 87 -35.43 -9.00 4.69
CA ILE B 87 -36.48 -9.84 4.04
C ILE B 87 -36.00 -11.25 4.44
N MET B 88 -36.53 -11.81 5.52
CA MET B 88 -36.00 -13.12 5.97
C MET B 88 -36.68 -14.23 5.19
N GLY B 89 -35.93 -15.28 4.88
CA GLY B 89 -36.52 -16.41 4.18
C GLY B 89 -36.55 -17.60 5.08
N ILE B 90 -37.48 -18.53 4.82
CA ILE B 90 -37.61 -19.69 5.72
C ILE B 90 -37.17 -20.93 4.94
N ASP B 91 -36.16 -21.61 5.45
CA ASP B 91 -35.61 -22.77 4.78
C ASP B 91 -36.61 -23.94 4.82
N ILE B 92 -37.64 -23.85 3.95
CA ILE B 92 -38.51 -24.96 3.60
C ILE B 92 -37.89 -25.65 2.38
N LYS B 93 -37.23 -26.80 2.60
CA LYS B 93 -36.45 -27.44 1.56
C LYS B 93 -37.37 -27.70 0.37
N PRO B 94 -37.03 -27.20 -0.85
CA PRO B 94 -37.93 -27.27 -2.01
C PRO B 94 -38.31 -28.66 -2.48
N GLU B 95 -37.45 -29.64 -2.16
CA GLU B 95 -37.50 -30.97 -2.75
C GLU B 95 -38.46 -31.86 -1.97
N GLU B 96 -38.92 -31.43 -0.78
CA GLU B 96 -39.67 -32.30 0.12
C GLU B 96 -41.13 -32.44 -0.29
N ASP B 97 -41.78 -33.53 0.16
CA ASP B 97 -43.17 -33.81 -0.19
C ASP B 97 -44.05 -32.90 0.67
N TYR B 98 -44.55 -31.83 0.05
CA TYR B 98 -45.31 -30.82 0.74
C TYR B 98 -46.57 -31.46 1.34
N GLY B 99 -47.00 -32.61 0.80
CA GLY B 99 -48.23 -33.26 1.24
C GLY B 99 -48.00 -34.41 2.21
N ASP B 100 -46.74 -34.58 2.67
CA ASP B 100 -46.40 -35.56 3.70
C ASP B 100 -46.61 -34.95 5.10
N PRO B 101 -47.66 -35.39 5.84
CA PRO B 101 -47.95 -34.85 7.17
C PRO B 101 -46.78 -34.50 8.09
N GLU B 102 -45.71 -35.31 8.06
CA GLU B 102 -44.62 -35.15 9.00
C GLU B 102 -43.80 -33.89 8.69
N PHE B 103 -43.67 -33.56 7.38
CA PHE B 103 -42.91 -32.39 6.95
C PHE B 103 -43.68 -31.09 7.22
N VAL B 104 -44.97 -31.06 6.90
CA VAL B 104 -45.86 -29.96 7.27
C VAL B 104 -45.70 -29.64 8.77
N LYS B 105 -45.69 -30.69 9.61
CA LYS B 105 -45.62 -30.58 11.06
C LYS B 105 -44.28 -29.99 11.52
N ASP B 106 -43.17 -30.55 11.03
CA ASP B 106 -41.84 -30.05 11.37
C ASP B 106 -41.75 -28.61 10.88
N SER B 107 -42.35 -28.33 9.72
CA SER B 107 -42.31 -27.02 9.11
C SER B 107 -43.05 -26.02 9.99
N GLU B 108 -44.20 -26.42 10.52
CA GLU B 108 -45.01 -25.59 11.41
C GLU B 108 -44.27 -25.29 12.71
N ILE B 109 -43.69 -26.32 13.35
CA ILE B 109 -43.00 -26.15 14.63
C ILE B 109 -41.84 -25.19 14.45
N GLU B 110 -40.99 -25.48 13.45
CA GLU B 110 -39.78 -24.70 13.21
C GLU B 110 -40.14 -23.23 13.00
N LEU B 111 -41.08 -22.96 12.08
CA LEU B 111 -41.52 -21.60 11.82
C LEU B 111 -41.94 -20.96 13.13
N LYS B 112 -42.96 -21.52 13.78
CA LYS B 112 -43.46 -21.03 15.06
C LYS B 112 -42.32 -20.69 16.02
N ARG B 113 -41.22 -21.47 16.00
CA ARG B 113 -40.08 -21.19 16.87
C ARG B 113 -39.43 -19.87 16.50
N VAL B 114 -39.27 -19.65 15.19
CA VAL B 114 -38.60 -18.45 14.71
C VAL B 114 -39.48 -17.24 15.06
N LEU B 115 -40.77 -17.33 14.70
CA LEU B 115 -41.69 -16.22 14.86
C LEU B 115 -41.72 -15.75 16.30
N ASN B 116 -41.57 -16.71 17.21
CA ASN B 116 -41.76 -16.52 18.63
C ASN B 116 -40.68 -15.61 19.21
N TYR B 117 -39.60 -15.34 18.47
CA TYR B 117 -38.63 -14.31 18.85
C TYR B 117 -38.47 -13.29 17.73
N ALA B 118 -38.83 -13.67 16.49
CA ALA B 118 -38.70 -12.79 15.35
C ALA B 118 -39.54 -11.54 15.54
N LYS B 119 -40.74 -11.76 16.09
CA LYS B 119 -41.81 -10.78 16.14
C LYS B 119 -41.40 -9.53 16.93
N LYS B 120 -40.28 -9.61 17.67
CA LYS B 120 -39.78 -8.52 18.49
C LYS B 120 -38.86 -7.60 17.70
N TYR B 121 -38.59 -7.94 16.43
CA TYR B 121 -37.66 -7.19 15.61
C TYR B 121 -38.39 -6.59 14.41
N ASP B 122 -38.56 -5.26 14.44
CA ASP B 122 -39.33 -4.52 13.44
C ASP B 122 -38.47 -4.19 12.21
N CYS B 123 -37.22 -4.68 12.15
CA CYS B 123 -36.38 -4.58 10.96
C CYS B 123 -36.91 -5.48 9.85
N ILE B 124 -37.46 -6.66 10.21
CA ILE B 124 -38.01 -7.62 9.26
C ILE B 124 -39.23 -6.99 8.58
N ILE B 125 -39.14 -6.83 7.24
CA ILE B 125 -40.18 -6.17 6.47
C ILE B 125 -40.82 -7.12 5.45
N THR B 126 -40.40 -8.39 5.43
CA THR B 126 -41.10 -9.39 4.62
C THR B 126 -40.55 -10.79 4.91
N TYR B 127 -41.42 -11.81 4.85
CA TYR B 127 -41.04 -13.21 5.01
C TYR B 127 -41.13 -13.90 3.65
N LEU B 128 -40.05 -14.60 3.26
CA LEU B 128 -40.10 -15.47 2.09
C LEU B 128 -40.30 -16.89 2.57
N VAL B 129 -41.30 -17.58 2.03
CA VAL B 129 -41.74 -18.82 2.63
C VAL B 129 -41.04 -20.03 2.00
N ILE B 130 -40.71 -19.95 0.72
CA ILE B 130 -40.03 -21.04 0.04
C ILE B 130 -39.22 -20.44 -1.09
N ASN B 131 -38.22 -21.17 -1.62
CA ASN B 131 -37.39 -20.65 -2.70
C ASN B 131 -37.29 -21.63 -3.88
N GLU B 132 -37.67 -21.13 -5.05
CA GLU B 132 -37.50 -21.80 -6.34
C GLU B 132 -38.08 -23.21 -6.29
N PRO B 133 -39.37 -23.40 -5.97
CA PRO B 133 -40.02 -24.69 -6.20
C PRO B 133 -40.04 -25.04 -7.68
N GLN B 134 -39.61 -26.28 -7.99
CA GLN B 134 -39.49 -26.72 -9.36
C GLN B 134 -40.78 -27.43 -9.77
N THR B 135 -41.17 -27.12 -11.01
CA THR B 135 -42.46 -27.40 -11.63
C THR B 135 -42.74 -28.91 -11.66
N ASP B 136 -41.82 -29.71 -12.18
CA ASP B 136 -42.06 -31.15 -12.26
C ASP B 136 -42.23 -31.75 -10.86
N HIS B 137 -41.60 -31.09 -9.88
CA HIS B 137 -41.70 -31.50 -8.49
C HIS B 137 -43.09 -31.22 -7.94
N ILE B 138 -43.68 -30.09 -8.34
CA ILE B 138 -45.01 -29.71 -7.86
C ILE B 138 -46.00 -30.72 -8.40
N HIS B 139 -45.90 -30.98 -9.72
CA HIS B 139 -46.70 -32.00 -10.39
C HIS B 139 -46.61 -33.35 -9.66
N SER B 140 -45.42 -33.71 -9.18
CA SER B 140 -45.18 -35.03 -8.60
C SER B 140 -45.67 -35.12 -7.16
N VAL B 141 -45.84 -33.98 -6.48
CA VAL B 141 -46.34 -34.00 -5.12
C VAL B 141 -47.73 -33.37 -5.06
N THR B 142 -48.13 -32.76 -6.20
CA THR B 142 -49.48 -32.26 -6.50
C THR B 142 -49.55 -30.76 -6.22
N GLY B 143 -50.29 -30.06 -7.08
CA GLY B 143 -50.59 -28.65 -6.90
C GLY B 143 -51.37 -28.39 -5.61
N LYS B 144 -52.07 -29.41 -5.10
CA LYS B 144 -52.85 -29.27 -3.89
C LYS B 144 -51.94 -29.24 -2.66
N ALA B 145 -50.93 -30.11 -2.63
CA ALA B 145 -49.99 -30.16 -1.52
C ALA B 145 -49.23 -28.83 -1.42
N PHE B 146 -48.91 -28.22 -2.57
CA PHE B 146 -48.10 -27.01 -2.62
C PHE B 146 -48.92 -25.83 -2.07
N VAL B 147 -50.06 -25.51 -2.69
CA VAL B 147 -50.85 -24.38 -2.21
C VAL B 147 -51.10 -24.55 -0.70
N ASP B 148 -51.60 -25.73 -0.31
CA ASP B 148 -52.01 -25.99 1.07
C ASP B 148 -50.86 -25.69 2.02
N LEU B 149 -49.65 -26.14 1.69
CA LEU B 149 -48.49 -25.80 2.49
C LEU B 149 -48.32 -24.28 2.56
N MET B 150 -48.44 -23.60 1.40
CA MET B 150 -48.29 -22.16 1.33
C MET B 150 -49.31 -21.44 2.23
N ASN B 151 -50.59 -21.78 2.07
CA ASN B 151 -51.63 -21.23 2.93
C ASN B 151 -51.28 -21.42 4.40
N THR B 152 -50.77 -22.61 4.76
CA THR B 152 -50.50 -22.98 6.15
C THR B 152 -49.37 -22.15 6.74
N LEU B 153 -48.25 -21.99 6.01
CA LEU B 153 -47.17 -21.13 6.49
C LEU B 153 -47.67 -19.68 6.57
N ILE B 154 -48.24 -19.18 5.45
CA ILE B 154 -48.72 -17.81 5.36
C ILE B 154 -49.49 -17.47 6.64
N ASN B 155 -50.53 -18.26 6.93
CA ASN B 155 -51.45 -17.90 7.99
C ASN B 155 -50.70 -17.85 9.31
N ILE B 156 -49.82 -18.84 9.55
CA ILE B 156 -49.05 -18.95 10.78
C ILE B 156 -48.24 -17.66 11.01
N ILE B 157 -47.77 -17.04 9.93
CA ILE B 157 -46.90 -15.87 10.01
C ILE B 157 -47.74 -14.62 10.26
N HIS B 158 -48.92 -14.54 9.63
CA HIS B 158 -49.85 -13.43 9.83
C HIS B 158 -50.28 -13.36 11.28
N LYS B 159 -50.37 -14.53 11.95
CA LYS B 159 -50.81 -14.63 13.34
C LYS B 159 -49.66 -14.57 14.35
N GLY B 160 -48.50 -15.11 13.96
CA GLY B 160 -47.31 -15.10 14.80
C GLY B 160 -46.50 -13.80 14.70
N HIS B 161 -46.33 -13.24 13.49
CA HIS B 161 -45.73 -11.92 13.31
C HIS B 161 -46.63 -11.05 12.44
N PRO B 162 -47.61 -10.31 13.01
CA PRO B 162 -48.63 -9.63 12.23
C PRO B 162 -48.12 -8.37 11.55
N GLY B 163 -48.87 -7.95 10.54
CA GLY B 163 -48.59 -6.72 9.83
C GLY B 163 -47.32 -6.81 9.00
N ILE B 164 -46.80 -8.02 8.73
CA ILE B 164 -45.57 -8.21 7.95
C ILE B 164 -45.85 -8.97 6.65
N PRO B 165 -45.71 -8.34 5.46
CA PRO B 165 -45.94 -9.05 4.20
C PRO B 165 -45.21 -10.40 4.08
N VAL B 166 -45.89 -11.36 3.43
CA VAL B 166 -45.40 -12.71 3.25
C VAL B 166 -45.46 -12.98 1.75
N THR B 167 -44.37 -13.50 1.17
CA THR B 167 -44.36 -13.93 -0.21
C THR B 167 -43.34 -15.05 -0.33
N LEU B 168 -42.94 -15.38 -1.58
CA LEU B 168 -41.99 -16.45 -1.88
C LEU B 168 -41.00 -16.01 -2.96
N SER B 169 -39.98 -16.86 -3.21
CA SER B 169 -38.94 -16.60 -4.21
C SER B 169 -39.17 -17.49 -5.43
N ALA B 170 -40.22 -17.20 -6.22
CA ALA B 170 -40.56 -18.06 -7.34
C ALA B 170 -39.79 -17.59 -8.56
N ASN B 171 -39.13 -18.52 -9.25
CA ASN B 171 -38.33 -18.14 -10.40
C ASN B 171 -39.24 -17.90 -11.59
N ALA B 172 -39.16 -16.65 -12.10
CA ALA B 172 -39.98 -16.12 -13.17
C ALA B 172 -39.89 -16.93 -14.47
N MET B 173 -38.74 -17.56 -14.74
CA MET B 173 -38.59 -18.31 -15.98
C MET B 173 -39.30 -19.66 -15.94
N ILE B 174 -39.46 -20.26 -14.75
CA ILE B 174 -40.05 -21.59 -14.61
C ILE B 174 -41.37 -21.53 -13.84
N SER B 175 -41.54 -20.52 -12.98
CA SER B 175 -42.74 -20.41 -12.19
C SER B 175 -43.66 -19.27 -12.72
N ASP B 176 -43.64 -19.03 -14.05
CA ASP B 176 -44.48 -18.02 -14.68
C ASP B 176 -45.97 -18.37 -14.57
N TYR B 177 -46.30 -19.65 -14.75
CA TYR B 177 -47.67 -20.12 -14.66
C TYR B 177 -48.26 -19.85 -13.28
N MET B 178 -47.40 -19.75 -12.25
CA MET B 178 -47.84 -19.95 -10.86
C MET B 178 -48.71 -18.80 -10.39
N ASP B 179 -49.69 -19.14 -9.52
CA ASP B 179 -50.59 -18.17 -8.91
C ASP B 179 -49.96 -17.64 -7.63
N GLU B 180 -49.97 -16.30 -7.46
CA GLU B 180 -49.36 -15.65 -6.30
C GLU B 180 -50.38 -14.76 -5.60
N SER B 181 -51.68 -15.02 -5.85
CA SER B 181 -52.73 -14.19 -5.27
C SER B 181 -52.94 -14.55 -3.80
N ILE B 182 -52.41 -15.71 -3.38
CA ILE B 182 -52.50 -16.12 -1.98
C ILE B 182 -51.42 -15.45 -1.13
N PHE B 183 -50.45 -14.76 -1.75
CA PHE B 183 -49.42 -14.03 -1.02
C PHE B 183 -49.77 -12.55 -0.99
N ASP B 184 -49.11 -11.79 -0.11
CA ASP B 184 -49.42 -10.39 0.12
C ASP B 184 -48.66 -9.49 -0.85
N VAL B 185 -47.62 -10.03 -1.49
CA VAL B 185 -46.69 -9.28 -2.34
C VAL B 185 -46.30 -10.22 -3.47
N TYR B 186 -46.34 -9.74 -4.71
CA TYR B 186 -45.82 -10.51 -5.83
C TYR B 186 -44.30 -10.45 -5.81
N ALA B 187 -43.67 -11.58 -6.11
CA ALA B 187 -42.22 -11.63 -6.10
C ALA B 187 -41.70 -12.75 -7.01
N TYR B 188 -40.47 -12.56 -7.50
CA TYR B 188 -39.90 -13.37 -8.57
C TYR B 188 -38.38 -13.14 -8.66
N ASN B 189 -37.64 -14.26 -8.79
CA ASN B 189 -36.24 -14.23 -9.16
C ASN B 189 -36.17 -14.08 -10.67
N CYS B 190 -35.52 -13.01 -11.14
CA CYS B 190 -35.50 -12.63 -12.56
C CYS B 190 -34.07 -12.65 -13.12
N TYR B 191 -33.77 -13.63 -13.99
CA TYR B 191 -32.50 -13.60 -14.68
C TYR B 191 -32.77 -13.31 -16.16
N ASP B 192 -31.89 -12.50 -16.77
CA ASP B 192 -32.04 -12.05 -18.15
C ASP B 192 -30.91 -12.62 -18.96
N HIS B 193 -31.15 -13.79 -19.57
CA HIS B 193 -30.15 -14.50 -20.33
C HIS B 193 -30.57 -14.54 -21.78
N ASN B 194 -31.38 -13.55 -22.16
CA ASN B 194 -31.76 -13.33 -23.55
C ASN B 194 -32.03 -14.67 -24.22
N GLU B 195 -32.92 -15.48 -23.62
CA GLU B 195 -33.25 -16.82 -24.09
C GLU B 195 -34.68 -17.15 -23.72
N GLY B 196 -35.28 -18.13 -24.43
CA GLY B 196 -36.70 -18.45 -24.28
C GLY B 196 -37.53 -17.17 -24.16
N GLN B 197 -38.26 -17.06 -23.04
CA GLN B 197 -39.21 -15.98 -22.86
C GLN B 197 -38.56 -14.60 -22.86
N THR B 198 -37.29 -14.50 -22.41
CA THR B 198 -36.60 -13.21 -22.35
C THR B 198 -35.91 -12.90 -23.66
N ALA B 199 -36.02 -13.82 -24.63
CA ALA B 199 -35.50 -13.61 -25.97
C ALA B 199 -36.63 -13.18 -26.90
N THR B 200 -37.86 -13.55 -26.54
CA THR B 200 -39.06 -13.23 -27.28
C THR B 200 -39.53 -11.82 -26.90
N MET B 201 -39.70 -11.58 -25.60
CA MET B 201 -40.45 -10.42 -25.09
C MET B 201 -39.50 -9.32 -24.62
N GLY B 202 -38.24 -9.69 -24.41
CA GLY B 202 -37.31 -8.85 -23.68
C GLY B 202 -37.65 -8.86 -22.20
N PHE B 203 -36.72 -8.37 -21.38
CA PHE B 203 -36.72 -8.65 -19.95
C PHE B 203 -37.88 -7.87 -19.31
N LYS B 204 -37.84 -6.54 -19.49
CA LYS B 204 -38.90 -5.64 -19.04
C LYS B 204 -40.27 -6.27 -19.30
N ASP B 205 -40.58 -6.47 -20.59
CA ASP B 205 -41.92 -6.83 -21.02
C ASP B 205 -42.35 -8.20 -20.50
N TYR B 206 -41.42 -9.17 -20.46
CA TYR B 206 -41.72 -10.48 -19.92
C TYR B 206 -42.22 -10.37 -18.50
N ILE B 207 -41.44 -9.66 -17.68
CA ILE B 207 -41.68 -9.54 -16.25
C ILE B 207 -42.89 -8.63 -16.05
N LYS B 208 -42.98 -7.58 -16.88
CA LYS B 208 -44.16 -6.73 -16.90
C LYS B 208 -45.40 -7.59 -17.15
N GLY B 209 -45.24 -8.55 -18.05
CA GLY B 209 -46.35 -9.40 -18.50
C GLY B 209 -46.86 -10.31 -17.39
N LEU B 210 -45.99 -10.67 -16.43
CA LEU B 210 -46.38 -11.50 -15.29
C LEU B 210 -47.12 -10.66 -14.26
N ASN B 211 -46.81 -9.36 -14.22
CA ASN B 211 -47.37 -8.43 -13.25
C ASN B 211 -48.79 -8.03 -13.65
N GLU B 212 -49.03 -8.00 -14.97
CA GLU B 212 -50.35 -7.73 -15.52
C GLU B 212 -51.23 -8.97 -15.39
N LEU B 213 -50.65 -10.15 -15.69
CA LEU B 213 -51.35 -11.40 -15.50
C LEU B 213 -51.76 -11.52 -14.03
N ASN B 214 -50.84 -11.19 -13.11
CA ASN B 214 -51.05 -11.29 -11.67
C ASN B 214 -52.23 -10.43 -11.20
N GLY B 215 -52.35 -9.23 -11.81
CA GLY B 215 -53.50 -8.36 -11.64
C GLY B 215 -53.14 -6.91 -11.26
N LEU B 216 -51.84 -6.58 -11.13
CA LEU B 216 -51.39 -5.22 -10.84
C LEU B 216 -52.00 -4.67 -9.54
N ASP B 217 -52.29 -5.55 -8.57
CA ASP B 217 -53.08 -5.17 -7.41
C ASP B 217 -52.26 -5.30 -6.13
N LYS B 218 -50.95 -5.48 -6.23
CA LYS B 218 -50.10 -5.59 -5.06
C LYS B 218 -48.74 -4.97 -5.36
N PRO B 219 -47.91 -4.68 -4.33
CA PRO B 219 -46.49 -4.45 -4.56
C PRO B 219 -45.85 -5.65 -5.26
N PHE B 220 -44.88 -5.38 -6.16
CA PHE B 220 -44.12 -6.44 -6.84
C PHE B 220 -42.62 -6.19 -6.63
N ILE B 221 -41.90 -7.20 -6.14
CA ILE B 221 -40.49 -7.04 -5.85
C ILE B 221 -39.70 -8.12 -6.60
N THR B 222 -38.43 -7.82 -6.94
CA THR B 222 -37.49 -8.80 -7.43
C THR B 222 -36.68 -9.31 -6.24
N THR B 223 -36.54 -10.64 -6.16
CA THR B 223 -35.90 -11.31 -5.04
C THR B 223 -34.48 -11.75 -5.37
N GLU B 224 -34.19 -11.96 -6.68
CA GLU B 224 -32.86 -12.21 -7.21
C GLU B 224 -32.76 -11.60 -8.62
N PHE B 225 -31.54 -11.23 -9.06
CA PHE B 225 -31.19 -10.93 -10.45
C PHE B 225 -29.68 -10.67 -10.55
N GLY B 226 -29.00 -11.23 -11.58
CA GLY B 226 -27.57 -10.97 -11.78
C GLY B 226 -26.79 -11.99 -12.63
N TYR B 227 -25.47 -11.99 -12.50
CA TYR B 227 -24.65 -12.62 -13.51
C TYR B 227 -23.41 -13.21 -12.86
N SER B 228 -22.94 -14.34 -13.40
CA SER B 228 -21.80 -15.07 -12.85
C SER B 228 -20.54 -14.72 -13.63
N VAL B 229 -19.42 -14.55 -12.92
CA VAL B 229 -18.18 -14.15 -13.54
C VAL B 229 -17.19 -15.31 -13.53
N SER B 230 -17.70 -16.55 -13.63
CA SER B 230 -16.86 -17.73 -13.57
C SER B 230 -15.87 -17.77 -14.75
N PRO B 231 -14.60 -18.16 -14.56
CA PRO B 231 -13.65 -18.22 -15.65
C PRO B 231 -14.27 -18.93 -16.84
N GLU B 232 -15.06 -19.97 -16.55
CA GLU B 232 -15.78 -20.70 -17.58
C GLU B 232 -16.96 -21.45 -16.97
N GLY B 233 -17.60 -22.29 -17.80
CA GLY B 233 -18.75 -23.09 -17.40
C GLY B 233 -20.05 -22.36 -17.73
N GLY B 234 -21.11 -23.13 -17.95
CA GLY B 234 -22.45 -22.57 -18.01
C GLY B 234 -23.00 -22.72 -19.42
N ASN B 235 -23.75 -21.70 -19.85
CA ASN B 235 -24.18 -21.57 -21.23
C ASN B 235 -24.64 -20.13 -21.47
N GLY B 236 -24.37 -19.62 -22.68
CA GLY B 236 -24.55 -18.22 -23.00
C GLY B 236 -24.13 -17.34 -21.83
N GLN B 237 -25.11 -16.64 -21.28
CA GLN B 237 -24.82 -15.59 -20.32
C GLN B 237 -24.83 -16.12 -18.90
N TYR B 238 -25.57 -17.22 -18.67
CA TYR B 238 -25.48 -17.96 -17.44
C TYR B 238 -24.05 -18.47 -17.33
N GLY B 239 -23.23 -17.79 -16.50
CA GLY B 239 -21.82 -18.09 -16.36
C GLY B 239 -20.90 -17.31 -17.31
N SER B 240 -19.60 -17.50 -17.08
CA SER B 240 -18.55 -17.13 -18.01
C SER B 240 -18.65 -15.68 -18.45
N ASN B 241 -19.08 -14.81 -17.52
CA ASN B 241 -19.09 -13.38 -17.74
C ASN B 241 -17.77 -12.74 -17.33
N THR B 242 -17.42 -11.63 -18.00
CA THR B 242 -16.39 -10.74 -17.50
C THR B 242 -16.95 -9.90 -16.36
N LEU B 243 -16.05 -9.19 -15.68
CA LEU B 243 -16.44 -8.27 -14.62
C LEU B 243 -17.28 -7.16 -15.23
N LYS B 244 -16.82 -6.64 -16.38
CA LYS B 244 -17.48 -5.54 -17.06
C LYS B 244 -18.88 -5.96 -17.52
N GLN B 245 -18.98 -7.18 -18.04
CA GLN B 245 -20.28 -7.73 -18.41
C GLN B 245 -21.19 -7.70 -17.19
N GLN B 246 -20.65 -8.10 -16.03
CA GLN B 246 -21.44 -8.18 -14.82
C GLN B 246 -21.88 -6.78 -14.42
N SER B 247 -20.91 -5.91 -14.12
CA SER B 247 -21.21 -4.54 -13.69
C SER B 247 -22.22 -3.89 -14.66
N ASP B 248 -21.88 -3.77 -15.94
CA ASP B 248 -22.81 -3.30 -16.94
C ASP B 248 -24.20 -4.00 -16.89
N GLY B 249 -24.26 -5.30 -16.53
CA GLY B 249 -25.46 -6.10 -16.70
C GLY B 249 -26.40 -6.02 -15.49
N LEU B 250 -25.85 -5.88 -14.28
CA LEU B 250 -26.70 -5.58 -13.12
C LEU B 250 -27.52 -4.33 -13.37
N ILE B 251 -26.84 -3.24 -13.78
CA ILE B 251 -27.46 -1.96 -14.09
C ILE B 251 -28.57 -2.15 -15.13
N SER B 252 -28.29 -2.98 -16.16
CA SER B 252 -29.28 -3.22 -17.20
C SER B 252 -30.53 -3.81 -16.57
N ASN B 253 -30.32 -4.79 -15.72
CA ASN B 253 -31.38 -5.40 -14.91
C ASN B 253 -32.12 -4.35 -14.06
N TYR B 254 -31.38 -3.48 -13.34
CA TYR B 254 -32.00 -2.62 -12.35
C TYR B 254 -33.03 -1.69 -13.00
N ARG B 255 -32.70 -1.18 -14.20
CA ARG B 255 -33.55 -0.28 -14.95
C ARG B 255 -34.74 -1.06 -15.49
N ASP B 256 -34.44 -2.12 -16.24
CA ASP B 256 -35.47 -2.94 -16.87
C ASP B 256 -36.55 -3.30 -15.85
N LEU B 257 -36.16 -3.71 -14.64
CA LEU B 257 -37.06 -4.34 -13.68
C LEU B 257 -37.96 -3.29 -13.01
N ILE B 258 -37.43 -2.07 -12.86
CA ILE B 258 -38.18 -0.93 -12.38
C ILE B 258 -39.26 -0.55 -13.40
N ASP B 259 -38.85 -0.38 -14.66
CA ASP B 259 -39.79 -0.52 -15.75
C ASP B 259 -40.39 -1.90 -15.57
N ALA B 260 -41.69 -2.07 -15.81
CA ALA B 260 -42.41 -3.27 -15.41
C ALA B 260 -42.79 -3.24 -13.92
N GLY B 261 -42.36 -2.21 -13.19
CA GLY B 261 -43.12 -1.72 -12.05
C GLY B 261 -42.58 -2.20 -10.70
N ALA B 262 -41.39 -2.77 -10.65
CA ALA B 262 -40.88 -3.22 -9.36
C ALA B 262 -40.69 -2.01 -8.46
N VAL B 263 -41.11 -2.18 -7.20
CA VAL B 263 -40.97 -1.16 -6.17
C VAL B 263 -40.03 -1.73 -5.10
N GLY B 264 -39.44 -2.90 -5.38
CA GLY B 264 -38.44 -3.49 -4.49
C GLY B 264 -37.41 -4.30 -5.28
N MET B 265 -36.15 -4.29 -4.84
CA MET B 265 -35.09 -4.88 -5.63
C MET B 265 -34.12 -5.61 -4.71
N CYS B 266 -33.83 -6.89 -5.04
CA CYS B 266 -32.92 -7.71 -4.26
C CYS B 266 -31.86 -8.32 -5.18
N PRO B 267 -30.86 -7.52 -5.67
CA PRO B 267 -29.78 -8.05 -6.48
C PRO B 267 -29.18 -9.32 -5.91
N PHE B 268 -28.81 -10.27 -6.77
CA PHE B 268 -28.37 -11.61 -6.27
C PHE B 268 -26.96 -11.61 -5.70
N TYR B 269 -26.83 -12.00 -4.43
CA TYR B 269 -25.51 -12.23 -3.77
C TYR B 269 -24.67 -10.97 -3.53
N TYR B 270 -24.01 -10.95 -2.38
CA TYR B 270 -23.09 -9.85 -2.02
C TYR B 270 -21.71 -10.40 -2.20
N ALA B 271 -21.54 -11.69 -1.88
CA ALA B 271 -20.24 -12.35 -2.09
C ALA B 271 -20.41 -13.79 -2.60
N ASP B 272 -19.30 -14.37 -3.04
CA ASP B 272 -19.28 -15.69 -3.66
C ASP B 272 -19.36 -16.81 -2.62
N GLY B 273 -20.06 -17.88 -3.01
CA GLY B 273 -20.17 -19.08 -2.20
C GLY B 273 -19.55 -20.25 -2.94
N TRP B 274 -18.32 -20.58 -2.55
CA TRP B 274 -17.59 -21.65 -3.21
C TRP B 274 -18.32 -22.98 -3.03
N TRP B 275 -19.19 -23.08 -1.99
CA TRP B 275 -19.87 -24.32 -1.65
C TRP B 275 -20.92 -24.70 -2.70
N LYS B 276 -21.34 -23.73 -3.52
CA LYS B 276 -22.58 -23.82 -4.29
C LYS B 276 -22.44 -24.77 -5.46
N GLY B 277 -21.21 -25.04 -5.89
CA GLY B 277 -20.97 -26.01 -6.95
C GLY B 277 -20.30 -27.28 -6.44
N GLY B 278 -20.51 -27.60 -5.15
CA GLY B 278 -19.79 -28.72 -4.55
C GLY B 278 -18.48 -28.21 -3.98
N GLU B 279 -17.98 -28.83 -2.91
CA GLU B 279 -16.67 -28.48 -2.34
C GLU B 279 -16.60 -27.01 -1.89
N LYS B 280 -16.85 -26.76 -0.62
CA LYS B 280 -16.69 -25.40 -0.09
C LYS B 280 -15.23 -25.02 -0.10
N SER B 281 -14.33 -26.01 -0.19
CA SER B 281 -12.93 -25.61 -0.09
C SER B 281 -12.25 -25.52 -1.46
N ASP B 282 -13.03 -25.61 -2.55
CA ASP B 282 -12.50 -25.36 -3.87
C ASP B 282 -13.39 -24.31 -4.53
N HIS B 283 -12.74 -23.35 -5.19
CA HIS B 283 -13.35 -22.40 -6.10
C HIS B 283 -13.26 -23.01 -7.49
N SER B 284 -14.33 -23.65 -7.94
CA SER B 284 -14.39 -24.30 -9.23
C SER B 284 -14.33 -23.29 -10.38
N LEU B 285 -13.46 -23.53 -11.35
CA LEU B 285 -13.29 -22.60 -12.46
C LEU B 285 -14.52 -22.64 -13.35
N ASN B 286 -15.29 -23.74 -13.27
CA ASN B 286 -16.35 -23.96 -14.25
C ASN B 286 -17.70 -24.24 -13.60
N GLN B 287 -17.92 -23.63 -12.42
CA GLN B 287 -19.19 -23.75 -11.73
C GLN B 287 -19.77 -22.37 -11.56
N PRO B 288 -20.57 -21.86 -12.54
CA PRO B 288 -21.24 -20.56 -12.44
C PRO B 288 -21.69 -20.09 -11.05
N GLU B 289 -22.14 -21.05 -10.20
CA GLU B 289 -22.82 -20.71 -8.95
C GLU B 289 -21.82 -20.10 -7.95
N GLU B 290 -20.53 -20.39 -8.20
CA GLU B 290 -19.48 -20.04 -7.27
C GLU B 290 -18.92 -18.65 -7.59
N TRP B 291 -19.51 -17.94 -8.57
CA TRP B 291 -18.98 -16.67 -9.05
C TRP B 291 -20.07 -15.62 -9.28
N PHE B 292 -21.00 -15.49 -8.33
CA PHE B 292 -22.08 -14.54 -8.49
C PHE B 292 -21.92 -13.42 -7.47
N GLY B 293 -20.70 -13.27 -6.96
CA GLY B 293 -20.48 -12.31 -5.89
C GLY B 293 -20.36 -10.90 -6.45
N PHE B 294 -20.73 -9.91 -5.65
CA PHE B 294 -20.20 -8.58 -5.85
C PHE B 294 -18.79 -8.55 -5.27
N TRP B 295 -18.57 -9.41 -4.26
CA TRP B 295 -17.31 -9.52 -3.54
C TRP B 295 -16.70 -10.88 -3.85
N GLY B 296 -15.38 -10.90 -4.03
CA GLY B 296 -14.73 -12.20 -4.29
C GLY B 296 -13.60 -12.45 -3.32
N TYR B 297 -13.20 -13.71 -3.20
CA TYR B 297 -12.13 -14.09 -2.24
C TYR B 297 -10.85 -14.43 -3.00
N SER B 298 -9.71 -14.07 -2.42
CA SER B 298 -8.40 -14.34 -3.05
C SER B 298 -8.00 -15.81 -2.89
N ASP B 299 -8.33 -16.42 -1.75
CA ASP B 299 -7.85 -17.77 -1.48
C ASP B 299 -8.75 -18.40 -0.42
N LEU B 300 -8.39 -19.62 0.02
CA LEU B 300 -9.18 -20.32 1.03
C LEU B 300 -9.17 -19.60 2.37
N ASN B 301 -8.09 -18.86 2.66
CA ASN B 301 -7.94 -18.16 3.93
C ASN B 301 -8.71 -16.84 3.93
N ASP B 302 -8.93 -16.21 2.76
CA ASP B 302 -9.56 -14.90 2.70
C ASP B 302 -10.94 -14.97 3.34
N LYS B 303 -11.12 -14.27 4.48
CA LYS B 303 -12.36 -14.34 5.21
C LYS B 303 -13.24 -13.12 4.92
N TYR B 304 -12.77 -12.19 4.07
CA TYR B 304 -13.34 -10.85 3.92
C TYR B 304 -13.66 -10.52 2.46
N GLY B 305 -12.64 -10.50 1.60
CA GLY B 305 -12.83 -10.28 0.16
C GLY B 305 -12.51 -8.85 -0.26
N THR B 306 -12.67 -8.58 -1.56
CA THR B 306 -12.74 -7.22 -2.05
C THR B 306 -13.91 -7.10 -3.02
N PRO B 307 -14.49 -5.87 -3.18
CA PRO B 307 -15.50 -5.61 -4.21
C PRO B 307 -15.01 -5.67 -5.65
N ARG B 308 -15.78 -6.38 -6.49
CA ARG B 308 -15.59 -6.37 -7.94
C ARG B 308 -16.20 -5.10 -8.51
N PRO B 309 -15.90 -4.71 -9.77
CA PRO B 309 -16.42 -3.44 -10.27
C PRO B 309 -17.93 -3.26 -10.11
N VAL B 310 -18.71 -4.34 -10.15
CA VAL B 310 -20.18 -4.23 -10.10
C VAL B 310 -20.64 -3.44 -8.87
N TRP B 311 -19.90 -3.59 -7.77
CA TRP B 311 -20.22 -2.93 -6.50
C TRP B 311 -20.34 -1.42 -6.67
N PHE B 312 -19.32 -0.81 -7.26
CA PHE B 312 -19.20 0.64 -7.31
C PHE B 312 -20.30 1.20 -8.22
N ALA B 313 -20.54 0.52 -9.34
CA ALA B 313 -21.59 0.88 -10.26
C ALA B 313 -22.93 0.89 -9.51
N MET B 314 -23.27 -0.22 -8.87
CA MET B 314 -24.55 -0.30 -8.18
C MET B 314 -24.70 0.84 -7.17
N ARG B 315 -23.60 1.18 -6.50
CA ARG B 315 -23.61 2.17 -5.44
C ARG B 315 -23.97 3.51 -6.05
N ASP B 316 -23.19 3.92 -7.06
CA ASP B 316 -23.47 5.16 -7.76
C ASP B 316 -24.89 5.12 -8.31
N TYR B 317 -25.30 4.00 -8.94
CA TYR B 317 -26.59 3.94 -9.60
C TYR B 317 -27.72 4.17 -8.59
N MET B 318 -27.60 3.59 -7.40
CA MET B 318 -28.70 3.49 -6.45
C MET B 318 -29.02 4.83 -5.79
N LYS B 319 -28.12 5.80 -5.92
CA LYS B 319 -28.28 7.10 -5.21
C LYS B 319 -29.26 8.03 -5.93
N GLY B 320 -30.24 7.49 -6.64
CA GLY B 320 -31.18 8.33 -7.40
C GLY B 320 -31.94 7.44 -8.36
N LEU B 321 -33.17 7.05 -8.01
CA LEU B 321 -33.87 6.06 -8.85
C LEU B 321 -35.07 6.65 -9.60
N ILE B 322 -35.12 6.45 -10.92
CA ILE B 322 -36.31 6.80 -11.68
C ILE B 322 -37.25 5.58 -11.65
N ILE B 323 -38.49 5.77 -11.20
CA ILE B 323 -39.58 4.79 -11.29
C ILE B 323 -40.48 5.12 -12.48
N SER B 324 -40.67 6.42 -12.73
CA SER B 324 -41.51 6.92 -13.81
C SER B 324 -40.97 8.27 -14.27
N PRO B 325 -40.83 8.51 -15.60
CA PRO B 325 -41.31 7.60 -16.64
C PRO B 325 -40.40 6.39 -16.74
N LYS B 326 -40.96 5.34 -17.34
CA LYS B 326 -40.26 4.08 -17.52
C LYS B 326 -39.61 4.13 -18.91
N ASN B 327 -38.36 3.63 -18.98
CA ASN B 327 -37.64 3.49 -20.22
C ASN B 327 -38.43 2.51 -21.11
N LYS B 328 -38.67 2.95 -22.36
CA LYS B 328 -39.41 2.22 -23.39
C LYS B 328 -40.91 2.17 -23.07
N SER B 329 -41.40 3.25 -22.45
CA SER B 329 -42.83 3.53 -22.33
C SER B 329 -43.30 4.35 -23.54
N ILE B 330 -44.63 4.41 -23.66
CA ILE B 330 -45.29 5.05 -24.77
C ILE B 330 -46.29 6.04 -24.19
N HIS B 331 -46.13 7.31 -24.54
CA HIS B 331 -46.90 8.37 -23.91
C HIS B 331 -47.82 9.08 -24.91
N THR B 332 -49.09 8.67 -24.92
CA THR B 332 -50.11 9.37 -25.68
C THR B 332 -50.68 10.48 -24.80
N ASN B 333 -49.83 11.42 -24.39
CA ASN B 333 -50.23 12.54 -23.54
C ASN B 333 -49.02 13.46 -23.29
N THR B 334 -49.29 14.76 -23.13
CA THR B 334 -48.26 15.78 -22.94
C THR B 334 -47.98 15.99 -21.45
N LYS B 335 -48.57 15.14 -20.60
CA LYS B 335 -48.32 15.15 -19.17
C LYS B 335 -47.73 13.80 -18.79
N ILE B 336 -46.46 13.78 -18.37
CA ILE B 336 -45.75 12.54 -18.09
C ILE B 336 -45.58 12.39 -16.57
N PRO B 337 -46.22 11.39 -15.89
CA PRO B 337 -45.98 11.15 -14.47
C PRO B 337 -44.49 10.93 -14.16
N LEU B 338 -44.02 11.62 -13.11
CA LEU B 338 -42.65 11.53 -12.65
C LEU B 338 -42.65 10.93 -11.24
N GLU B 339 -41.73 9.96 -11.02
CA GLU B 339 -41.60 9.23 -9.75
C GLU B 339 -40.14 8.90 -9.47
N LEU B 340 -39.56 9.52 -8.42
CA LEU B 340 -38.15 9.35 -8.07
C LEU B 340 -38.00 8.82 -6.65
N TYR B 341 -36.82 8.25 -6.35
CA TYR B 341 -36.46 7.83 -5.01
C TYR B 341 -34.99 8.14 -4.73
N ASN B 342 -34.77 9.22 -3.97
CA ASN B 342 -33.46 9.84 -3.84
C ASN B 342 -32.87 9.52 -2.47
N ASP B 343 -31.54 9.42 -2.42
CA ASP B 343 -30.84 9.26 -1.16
C ASP B 343 -30.51 10.67 -0.65
N LYS B 344 -29.77 10.76 0.46
CA LYS B 344 -29.63 12.02 1.18
C LYS B 344 -28.75 13.02 0.41
N ASP B 345 -28.04 12.57 -0.64
CA ASP B 345 -27.03 13.39 -1.30
C ASP B 345 -27.61 14.20 -2.45
N VAL B 346 -28.74 13.75 -3.02
CA VAL B 346 -29.40 14.40 -4.14
C VAL B 346 -30.07 15.69 -3.68
N LYS B 347 -29.56 16.83 -4.15
CA LYS B 347 -30.11 18.13 -3.81
C LYS B 347 -30.89 18.70 -4.99
N LYS B 348 -30.56 18.31 -6.22
CA LYS B 348 -31.27 18.83 -7.37
C LYS B 348 -31.37 17.78 -8.47
N VAL B 349 -32.51 17.75 -9.16
CA VAL B 349 -32.75 16.88 -10.29
C VAL B 349 -33.22 17.72 -11.47
N VAL B 350 -32.68 17.44 -12.67
CA VAL B 350 -32.94 18.22 -13.86
C VAL B 350 -33.16 17.27 -15.02
N VAL B 351 -34.12 17.58 -15.89
CA VAL B 351 -34.33 16.76 -17.08
C VAL B 351 -34.19 17.64 -18.32
N LYS B 352 -33.46 17.09 -19.32
CA LYS B 352 -33.15 17.78 -20.56
C LYS B 352 -33.58 16.93 -21.75
N PHE B 353 -33.97 17.62 -22.83
CA PHE B 353 -34.26 16.99 -24.11
C PHE B 353 -33.68 17.85 -25.23
N ARG B 354 -32.68 17.28 -25.93
CA ARG B 354 -31.84 17.97 -26.90
C ARG B 354 -31.12 19.14 -26.25
N ASP B 355 -30.66 18.90 -25.02
CA ASP B 355 -29.70 19.76 -24.32
C ASP B 355 -30.38 21.08 -23.92
N LYS B 356 -31.72 21.06 -23.77
CA LYS B 356 -32.48 22.17 -23.19
C LYS B 356 -33.25 21.66 -21.97
N VAL B 357 -33.45 22.53 -20.96
CA VAL B 357 -34.03 22.14 -19.68
C VAL B 357 -35.56 22.12 -19.80
N ILE B 358 -36.19 21.02 -19.35
CA ILE B 358 -37.65 20.92 -19.31
C ILE B 358 -38.15 20.69 -17.88
N TYR B 359 -37.27 20.18 -17.00
CA TYR B 359 -37.62 20.01 -15.60
C TYR B 359 -36.39 20.29 -14.73
N SER B 360 -36.61 20.99 -13.62
CA SER B 360 -35.58 21.22 -12.61
C SER B 360 -36.25 21.39 -11.25
N LYS B 361 -36.01 20.45 -10.33
CA LYS B 361 -36.61 20.49 -9.00
C LYS B 361 -35.51 20.37 -7.94
N ASN B 362 -35.43 21.38 -7.07
CA ASN B 362 -34.54 21.33 -5.90
C ASN B 362 -35.19 20.41 -4.88
N ILE B 363 -34.37 19.53 -4.27
CA ILE B 363 -34.89 18.44 -3.46
C ILE B 363 -34.77 18.83 -1.98
N THR B 364 -35.90 19.17 -1.32
CA THR B 364 -35.88 19.65 0.06
C THR B 364 -35.94 18.48 1.03
N SER B 365 -36.32 17.29 0.55
CA SER B 365 -36.35 16.12 1.41
C SER B 365 -36.10 14.89 0.55
N GLU B 366 -35.57 13.83 1.18
CA GLU B 366 -35.16 12.62 0.49
C GLU B 366 -36.33 11.64 0.41
N GLY B 367 -36.13 10.57 -0.36
CA GLY B 367 -37.11 9.51 -0.48
C GLY B 367 -38.01 9.70 -1.70
N TYR B 368 -39.26 9.28 -1.58
CA TYR B 368 -40.19 9.30 -2.69
C TYR B 368 -40.61 10.74 -2.96
N MET B 369 -40.73 11.07 -4.25
CA MET B 369 -41.12 12.39 -4.67
C MET B 369 -41.79 12.26 -6.03
N ALA B 370 -43.06 12.70 -6.12
CA ALA B 370 -43.84 12.60 -7.33
C ALA B 370 -43.99 13.98 -7.98
N ASP B 371 -44.23 14.00 -9.30
CA ASP B 371 -44.31 15.24 -10.06
C ASP B 371 -44.74 14.92 -11.49
N GLU B 372 -44.68 15.94 -12.37
CA GLU B 372 -44.99 15.82 -13.80
C GLU B 372 -43.89 16.43 -14.68
N LEU B 373 -43.72 15.90 -15.89
CA LEU B 373 -43.04 16.63 -16.95
C LEU B 373 -44.11 17.16 -17.91
N THR B 374 -43.72 18.18 -18.69
CA THR B 374 -44.53 18.62 -19.82
C THR B 374 -43.62 18.67 -21.06
N ILE B 375 -44.02 17.90 -22.08
CA ILE B 375 -43.31 17.83 -23.34
C ILE B 375 -44.22 18.38 -24.43
N ASP B 376 -43.63 18.73 -25.57
CA ASP B 376 -44.39 19.18 -26.72
C ASP B 376 -44.01 18.30 -27.90
N PRO B 377 -44.43 17.02 -27.93
CA PRO B 377 -44.00 16.09 -28.97
C PRO B 377 -44.78 16.29 -30.28
N VAL B 378 -44.02 16.42 -31.38
CA VAL B 378 -44.58 16.56 -32.71
C VAL B 378 -44.94 15.18 -33.24
N GLY B 379 -46.11 15.09 -33.91
CA GLY B 379 -46.61 13.87 -34.54
C GLY B 379 -46.37 12.62 -33.70
N ILE B 380 -45.47 11.75 -34.18
CA ILE B 380 -44.86 10.71 -33.37
C ILE B 380 -43.36 11.01 -33.25
N GLU B 381 -42.91 11.20 -32.00
CA GLU B 381 -41.57 11.66 -31.70
C GLU B 381 -40.96 10.78 -30.60
N ASP B 382 -39.88 10.09 -30.97
CA ASP B 382 -39.06 9.42 -29.99
C ASP B 382 -38.26 10.47 -29.24
N MET B 383 -38.07 10.23 -27.95
CA MET B 383 -37.39 11.17 -27.07
C MET B 383 -36.58 10.37 -26.05
N GLU B 384 -35.31 10.75 -25.88
CA GLU B 384 -34.48 10.28 -24.80
C GLU B 384 -34.38 11.41 -23.78
N LEU B 385 -35.05 11.21 -22.65
CA LEU B 385 -35.05 12.21 -21.60
C LEU B 385 -33.78 11.99 -20.77
N ALA B 386 -32.95 13.03 -20.68
CA ALA B 386 -31.68 12.97 -19.98
C ALA B 386 -31.81 13.47 -18.54
N PHE B 387 -31.74 12.55 -17.57
CA PHE B 387 -31.88 12.89 -16.16
C PHE B 387 -30.52 13.23 -15.54
N GLU B 388 -30.50 14.28 -14.70
CA GLU B 388 -29.27 14.81 -14.15
C GLU B 388 -29.43 15.05 -12.65
N PHE B 389 -28.69 14.25 -11.85
CA PHE B 389 -28.79 14.31 -10.40
C PHE B 389 -27.58 15.07 -9.85
N TYR B 390 -27.87 16.06 -9.00
CA TYR B 390 -26.87 16.95 -8.44
C TYR B 390 -26.81 16.77 -6.91
N ASP B 391 -25.67 17.19 -6.33
CA ASP B 391 -25.42 17.17 -4.90
C ASP B 391 -25.38 18.61 -4.39
N SER B 392 -25.07 18.79 -3.10
CA SER B 392 -24.66 20.09 -2.59
C SER B 392 -23.22 20.32 -3.02
N ASP B 393 -22.96 21.44 -3.70
CA ASP B 393 -21.77 21.69 -4.52
C ASP B 393 -22.17 21.88 -5.98
N ASN B 394 -23.29 21.26 -6.38
CA ASN B 394 -23.88 21.42 -7.70
C ASN B 394 -23.04 20.64 -8.71
N LYS B 395 -22.64 19.43 -8.29
CA LYS B 395 -21.92 18.50 -9.13
C LYS B 395 -22.88 17.42 -9.62
N ILE B 396 -22.74 17.02 -10.89
CA ILE B 396 -23.51 15.90 -11.43
C ILE B 396 -22.89 14.63 -10.87
N ILE B 397 -23.72 13.81 -10.21
CA ILE B 397 -23.26 12.60 -9.55
C ILE B 397 -23.83 11.37 -10.27
N LYS B 398 -24.89 11.56 -11.08
CA LYS B 398 -25.49 10.48 -11.83
C LYS B 398 -26.15 11.01 -13.10
N ASN B 399 -25.93 10.28 -14.21
CA ASN B 399 -26.73 10.42 -15.41
C ASN B 399 -27.53 9.14 -15.60
N GLU B 400 -28.81 9.30 -15.97
CA GLU B 400 -29.57 8.22 -16.59
C GLU B 400 -30.46 8.85 -17.64
N SER B 401 -30.70 8.10 -18.70
CA SER B 401 -31.63 8.50 -19.74
C SER B 401 -32.88 7.63 -19.59
N ILE B 402 -34.01 8.16 -20.06
CA ILE B 402 -35.25 7.42 -20.15
C ILE B 402 -35.78 7.66 -21.56
N ASN B 403 -35.96 6.57 -22.31
CA ASN B 403 -36.41 6.66 -23.69
C ASN B 403 -37.91 6.40 -23.75
N ILE B 404 -38.63 7.37 -24.31
CA ILE B 404 -40.07 7.28 -24.53
C ILE B 404 -40.35 7.56 -26.00
N LEU B 405 -41.40 6.90 -26.51
CA LEU B 405 -42.06 7.25 -27.74
C LEU B 405 -43.36 7.99 -27.41
N ALA B 406 -43.44 9.27 -27.77
CA ALA B 406 -44.53 10.12 -27.30
C ALA B 406 -45.29 10.76 -28.47
N SER B 407 -46.55 11.14 -28.19
CA SER B 407 -47.42 11.84 -29.11
C SER B 407 -48.51 12.54 -28.30
N LYS B 408 -49.09 13.60 -28.88
CA LYS B 408 -50.18 14.31 -28.23
C LYS B 408 -51.46 13.50 -28.34
N THR B 409 -51.52 12.66 -29.37
CA THR B 409 -52.68 11.81 -29.59
C THR B 409 -52.22 10.37 -29.84
N ALA B 410 -53.19 9.45 -29.76
CA ALA B 410 -52.93 8.02 -29.93
C ALA B 410 -52.48 7.77 -31.37
N PHE B 411 -51.70 6.70 -31.55
CA PHE B 411 -51.24 6.31 -32.88
C PHE B 411 -51.20 4.79 -32.95
N GLU B 412 -51.29 4.25 -34.17
CA GLU B 412 -51.18 2.82 -34.38
C GLU B 412 -49.73 2.40 -34.23
N LEU B 413 -49.54 1.27 -33.54
CA LEU B 413 -48.27 0.53 -33.49
C LEU B 413 -48.45 -0.76 -34.26
N PRO B 414 -47.36 -1.43 -34.70
CA PRO B 414 -47.48 -2.80 -35.21
C PRO B 414 -47.74 -3.72 -34.02
N GLU B 415 -48.47 -4.82 -34.24
CA GLU B 415 -48.71 -5.79 -33.17
C GLU B 415 -48.42 -7.22 -33.63
N LEU B 416 -48.22 -8.08 -32.64
CA LEU B 416 -47.87 -9.46 -32.88
C LEU B 416 -48.79 -10.29 -32.00
N THR B 417 -49.39 -11.30 -32.61
CA THR B 417 -50.24 -12.24 -31.89
C THR B 417 -49.95 -13.65 -32.38
N ILE B 418 -50.20 -14.63 -31.49
CA ILE B 418 -49.89 -16.01 -31.79
C ILE B 418 -51.13 -16.86 -31.52
N GLU B 419 -51.30 -17.87 -32.37
CA GLU B 419 -52.30 -18.91 -32.17
C GLU B 419 -51.57 -20.23 -32.03
N VAL B 420 -51.68 -20.82 -30.86
CA VAL B 420 -50.91 -22.01 -30.58
C VAL B 420 -51.81 -23.24 -30.80
N THR B 421 -51.15 -24.39 -31.04
CA THR B 421 -51.81 -25.68 -31.05
C THR B 421 -51.02 -26.60 -30.12
N PRO B 422 -51.66 -27.44 -29.28
CA PRO B 422 -53.09 -27.31 -28.98
C PRO B 422 -53.27 -26.04 -28.16
N GLU B 423 -54.40 -25.38 -28.37
CA GLU B 423 -54.68 -24.11 -27.71
C GLU B 423 -54.93 -24.25 -26.20
N LYS B 424 -55.55 -25.36 -25.74
CA LYS B 424 -56.05 -25.40 -24.37
C LYS B 424 -55.40 -26.50 -23.53
N ASP B 425 -55.28 -27.72 -24.08
CA ASP B 425 -54.85 -28.89 -23.33
C ASP B 425 -53.83 -29.70 -24.12
N LEU B 426 -52.63 -29.90 -23.55
CA LEU B 426 -51.52 -30.55 -24.25
C LEU B 426 -51.75 -32.05 -24.44
N ASN B 427 -52.86 -32.59 -23.93
CA ASN B 427 -53.15 -34.01 -24.12
C ASN B 427 -53.76 -34.20 -25.50
N GLU B 428 -54.15 -33.09 -26.16
CA GLU B 428 -54.88 -33.13 -27.42
C GLU B 428 -53.98 -33.53 -28.60
N GLY B 429 -52.65 -33.46 -28.44
CA GLY B 429 -51.73 -33.76 -29.52
C GLY B 429 -50.29 -33.89 -29.04
N LYS B 430 -49.49 -34.65 -29.80
CA LYS B 430 -48.08 -34.88 -29.50
C LYS B 430 -47.20 -33.85 -30.20
N ILE B 431 -47.75 -33.17 -31.21
CA ILE B 431 -47.02 -32.11 -31.87
C ILE B 431 -47.71 -30.79 -31.59
N ALA B 432 -46.92 -29.71 -31.51
CA ALA B 432 -47.44 -28.35 -31.33
C ALA B 432 -47.07 -27.44 -32.51
N SER B 433 -47.75 -26.28 -32.60
CA SER B 433 -47.43 -25.30 -33.63
C SER B 433 -47.75 -23.88 -33.17
N ILE B 434 -46.81 -22.95 -33.43
CA ILE B 434 -47.00 -21.53 -33.18
C ILE B 434 -47.13 -20.78 -34.51
N LYS B 435 -48.37 -20.35 -34.80
CA LYS B 435 -48.65 -19.52 -35.94
C LYS B 435 -48.46 -18.07 -35.50
N THR B 436 -47.40 -17.43 -36.00
CA THR B 436 -47.11 -16.04 -35.68
C THR B 436 -47.74 -15.14 -36.74
N LYS B 437 -48.08 -13.91 -36.33
CA LYS B 437 -48.96 -13.02 -37.08
C LYS B 437 -48.64 -11.58 -36.69
N ILE B 438 -47.96 -10.88 -37.62
CA ILE B 438 -47.48 -9.54 -37.40
C ILE B 438 -48.26 -8.61 -38.31
N GLU B 439 -48.96 -7.65 -37.69
CA GLU B 439 -49.56 -6.54 -38.42
C GLU B 439 -48.52 -5.42 -38.39
N THR B 440 -48.20 -4.89 -39.57
CA THR B 440 -47.18 -3.86 -39.67
C THR B 440 -47.85 -2.50 -39.54
N SER B 441 -47.02 -1.45 -39.58
CA SER B 441 -47.49 -0.09 -39.43
C SER B 441 -46.41 0.84 -39.98
N GLU B 442 -46.64 1.42 -41.17
CA GLU B 442 -45.59 2.14 -41.87
C GLU B 442 -44.97 3.17 -40.92
N ASN B 443 -43.68 3.45 -41.14
CA ASN B 443 -42.85 4.32 -40.30
C ASN B 443 -42.37 3.56 -39.06
N PHE B 444 -42.98 2.40 -38.74
CA PHE B 444 -42.41 1.45 -37.79
C PHE B 444 -41.78 0.31 -38.60
N THR B 445 -40.43 0.28 -38.62
CA THR B 445 -39.65 -0.71 -39.35
C THR B 445 -39.32 -1.86 -38.40
N LEU B 446 -39.76 -3.08 -38.76
CA LEU B 446 -39.40 -4.31 -38.04
C LEU B 446 -37.92 -4.56 -38.27
N LEU B 447 -37.31 -5.51 -37.57
CA LEU B 447 -35.93 -5.75 -37.94
C LEU B 447 -35.48 -7.17 -37.63
N ASP B 448 -34.25 -7.46 -38.07
CA ASP B 448 -33.59 -8.78 -37.84
C ASP B 448 -34.57 -9.94 -37.95
N ASP B 449 -34.69 -10.72 -36.87
CA ASP B 449 -35.50 -11.95 -36.99
C ASP B 449 -36.59 -12.02 -35.94
N LEU B 450 -37.72 -12.60 -36.33
CA LEU B 450 -38.80 -12.85 -35.37
C LEU B 450 -38.39 -14.12 -34.64
N LYS B 451 -38.29 -14.04 -33.31
CA LYS B 451 -37.86 -15.19 -32.52
C LYS B 451 -39.06 -15.90 -31.88
N ILE B 452 -39.08 -17.23 -31.97
CA ILE B 452 -40.13 -18.07 -31.42
C ILE B 452 -39.56 -18.91 -30.27
N SER B 453 -40.40 -19.21 -29.24
CA SER B 453 -39.97 -20.00 -28.09
C SER B 453 -41.09 -20.91 -27.60
N TYR B 454 -40.85 -22.22 -27.52
CA TYR B 454 -41.82 -23.14 -26.95
C TYR B 454 -41.20 -23.73 -25.69
N ASN B 455 -41.43 -23.09 -24.54
CA ASN B 455 -40.66 -23.41 -23.34
C ASN B 455 -41.37 -24.45 -22.46
N THR B 456 -40.84 -25.67 -22.44
CA THR B 456 -41.62 -26.80 -21.99
C THR B 456 -41.42 -27.07 -20.50
N HIS B 457 -40.59 -26.25 -19.82
CA HIS B 457 -40.58 -26.18 -18.36
C HIS B 457 -40.07 -27.47 -17.71
N LEU B 458 -39.22 -28.20 -18.45
CA LEU B 458 -38.54 -29.39 -17.96
C LEU B 458 -37.24 -28.95 -17.28
N GLY B 459 -37.27 -28.81 -15.94
CA GLY B 459 -36.14 -28.27 -15.20
C GLY B 459 -35.79 -26.85 -15.67
N TRP B 460 -34.49 -26.58 -15.86
CA TRP B 460 -34.08 -25.26 -16.35
C TRP B 460 -34.05 -25.21 -17.88
N ALA B 461 -34.46 -26.29 -18.54
CA ALA B 461 -34.38 -26.39 -19.99
C ALA B 461 -35.47 -25.55 -20.63
N ILE B 462 -35.07 -24.53 -21.40
CA ILE B 462 -35.99 -23.58 -21.98
C ILE B 462 -36.58 -24.15 -23.26
N GLY B 463 -36.27 -25.42 -23.56
CA GLY B 463 -36.89 -26.11 -24.67
C GLY B 463 -36.56 -25.39 -25.99
N SER B 464 -37.42 -25.57 -26.99
CA SER B 464 -37.07 -25.18 -28.34
C SER B 464 -37.19 -23.66 -28.51
N GLN B 465 -36.44 -23.18 -29.50
CA GLN B 465 -36.48 -21.82 -30.01
C GLN B 465 -36.39 -21.86 -31.54
N ALA B 466 -36.55 -20.71 -32.18
CA ALA B 466 -36.42 -20.60 -33.61
C ALA B 466 -36.20 -19.14 -33.96
N SER B 467 -35.27 -18.89 -34.90
CA SER B 467 -35.18 -17.64 -35.61
C SER B 467 -35.83 -17.81 -36.98
N VAL B 468 -36.50 -16.77 -37.46
CA VAL B 468 -37.18 -16.84 -38.74
C VAL B 468 -36.83 -15.56 -39.47
N SER B 469 -36.24 -15.72 -40.66
CA SER B 469 -36.01 -14.63 -41.58
C SER B 469 -37.38 -14.14 -42.04
N ILE B 470 -37.57 -12.83 -42.03
CA ILE B 470 -38.77 -12.27 -42.62
C ILE B 470 -38.41 -11.42 -43.85
N SER B 471 -37.17 -11.53 -44.35
CA SER B 471 -36.67 -10.74 -45.46
C SER B 471 -37.66 -10.70 -46.62
N ASP B 472 -38.13 -11.88 -47.04
CA ASP B 472 -38.96 -11.99 -48.22
C ASP B 472 -40.36 -11.40 -48.02
N GLN B 473 -40.72 -11.02 -46.77
CA GLN B 473 -42.09 -10.65 -46.44
C GLN B 473 -42.22 -9.22 -45.91
N LEU B 474 -41.16 -8.40 -45.99
CA LEU B 474 -41.17 -7.06 -45.41
C LEU B 474 -42.26 -6.19 -46.05
N ASP B 475 -42.45 -6.32 -47.38
CA ASP B 475 -43.40 -5.47 -48.09
C ASP B 475 -44.84 -5.67 -47.57
N LYS B 476 -45.14 -6.87 -47.08
CA LYS B 476 -46.52 -7.27 -46.85
C LYS B 476 -47.07 -6.55 -45.63
N LYS B 477 -48.41 -6.42 -45.57
CA LYS B 477 -49.13 -5.78 -44.48
C LYS B 477 -49.32 -6.76 -43.33
N ILE B 478 -49.57 -8.03 -43.66
CA ILE B 478 -49.59 -9.10 -42.65
C ILE B 478 -48.47 -10.09 -42.96
N ILE B 479 -47.50 -10.18 -42.04
CA ILE B 479 -46.42 -11.16 -42.06
C ILE B 479 -46.81 -12.33 -41.17
N THR B 480 -46.76 -13.56 -41.71
CA THR B 480 -47.14 -14.75 -40.97
C THR B 480 -45.99 -15.74 -40.96
N SER B 481 -46.08 -16.70 -40.03
CA SER B 481 -45.02 -17.66 -39.77
C SER B 481 -45.58 -18.81 -38.94
N GLU B 482 -45.32 -20.05 -39.39
CA GLU B 482 -45.78 -21.25 -38.70
C GLU B 482 -44.56 -22.04 -38.26
N ASN B 483 -44.58 -22.57 -37.05
CA ASN B 483 -43.42 -23.25 -36.47
C ASN B 483 -43.91 -24.44 -35.67
N PHE B 484 -43.14 -25.54 -35.70
CA PHE B 484 -43.57 -26.83 -35.15
C PHE B 484 -42.61 -27.30 -34.04
N PHE B 485 -43.17 -27.97 -33.03
CA PHE B 485 -42.36 -28.51 -31.96
C PHE B 485 -42.97 -29.79 -31.41
N ASN B 486 -42.11 -30.81 -31.24
CA ASN B 486 -42.46 -32.02 -30.54
C ASN B 486 -42.77 -31.68 -29.08
N ILE B 487 -43.80 -32.33 -28.49
CA ILE B 487 -44.23 -32.01 -27.14
C ILE B 487 -43.84 -33.16 -26.19
N PRO B 488 -42.85 -32.97 -25.29
CA PRO B 488 -42.50 -34.03 -24.35
C PRO B 488 -43.75 -34.53 -23.63
N ASP B 489 -43.72 -35.78 -23.18
CA ASP B 489 -44.82 -36.41 -22.45
C ASP B 489 -44.76 -36.13 -20.95
N ASN B 490 -43.66 -35.49 -20.49
CA ASN B 490 -43.51 -35.07 -19.11
C ASN B 490 -43.49 -33.55 -19.02
N CYS B 491 -43.90 -32.91 -20.13
CA CYS B 491 -44.15 -31.48 -20.17
C CYS B 491 -45.51 -31.17 -19.54
N TRP B 492 -45.48 -30.49 -18.40
CA TRP B 492 -46.72 -30.31 -17.66
C TRP B 492 -47.36 -28.97 -18.05
N VAL B 493 -46.51 -27.96 -18.23
CA VAL B 493 -46.94 -26.69 -18.76
C VAL B 493 -45.91 -26.19 -19.77
N VAL B 494 -46.39 -25.35 -20.70
CA VAL B 494 -45.55 -24.69 -21.69
C VAL B 494 -45.82 -23.19 -21.62
N ASN B 495 -44.87 -22.41 -22.17
CA ASN B 495 -44.98 -20.98 -22.41
C ASN B 495 -44.54 -20.69 -23.85
N ALA B 496 -45.50 -20.82 -24.75
CA ALA B 496 -45.33 -20.46 -26.16
C ALA B 496 -45.30 -18.94 -26.31
N SER B 497 -44.15 -18.44 -26.77
CA SER B 497 -43.94 -17.01 -26.90
C SER B 497 -43.23 -16.71 -28.23
N ALA B 498 -43.57 -15.57 -28.81
CA ALA B 498 -42.85 -15.07 -29.97
C ALA B 498 -42.67 -13.57 -29.81
N GLY B 499 -41.69 -13.01 -30.55
CA GLY B 499 -41.42 -11.58 -30.44
C GLY B 499 -40.37 -11.10 -31.43
N ILE B 500 -40.42 -9.79 -31.74
CA ILE B 500 -39.55 -9.17 -32.74
C ILE B 500 -39.27 -7.71 -32.38
N SER B 501 -38.08 -7.24 -32.71
CA SER B 501 -37.62 -5.90 -32.33
C SER B 501 -38.10 -4.87 -33.33
N VAL B 502 -38.64 -3.75 -32.82
CA VAL B 502 -39.21 -2.70 -33.66
C VAL B 502 -38.56 -1.37 -33.31
N ARG B 503 -38.43 -0.50 -34.32
CA ARG B 503 -37.70 0.73 -34.18
C ARG B 503 -38.54 1.90 -34.73
N TYR B 504 -38.64 2.96 -33.91
CA TYR B 504 -38.97 4.29 -34.41
C TYR B 504 -37.76 5.19 -34.11
N GLY B 505 -37.17 5.80 -35.16
CA GLY B 505 -36.04 6.72 -34.98
C GLY B 505 -34.94 6.06 -34.15
N LYS B 506 -34.71 6.58 -32.93
CA LYS B 506 -33.70 6.05 -32.02
C LYS B 506 -34.29 5.04 -31.02
N PHE B 507 -35.63 5.00 -30.92
CA PHE B 507 -36.31 4.16 -29.94
C PHE B 507 -36.50 2.74 -30.50
N THR B 508 -35.96 1.75 -29.75
CA THR B 508 -36.19 0.36 -30.08
C THR B 508 -37.04 -0.30 -29.00
N PHE B 509 -37.91 -1.21 -29.41
CA PHE B 509 -38.71 -1.98 -28.47
C PHE B 509 -39.14 -3.28 -29.12
N LYS B 510 -39.83 -4.12 -28.33
CA LYS B 510 -40.20 -5.45 -28.77
C LYS B 510 -41.72 -5.61 -28.74
N ILE B 511 -42.27 -6.14 -29.84
CA ILE B 511 -43.66 -6.61 -29.87
C ILE B 511 -43.68 -8.13 -29.79
N HIS B 512 -44.73 -8.69 -29.17
CA HIS B 512 -44.70 -10.09 -28.77
C HIS B 512 -46.08 -10.56 -28.32
N ASP B 513 -46.24 -11.87 -28.12
CA ASP B 513 -47.43 -12.44 -27.51
C ASP B 513 -47.05 -13.72 -26.77
N GLN B 514 -47.82 -14.07 -25.71
CA GLN B 514 -47.48 -15.15 -24.78
C GLN B 514 -48.72 -16.01 -24.50
N LYS B 515 -48.55 -17.34 -24.56
CA LYS B 515 -49.63 -18.26 -24.18
C LYS B 515 -49.11 -19.32 -23.22
N ILE B 516 -49.70 -19.35 -22.01
CA ILE B 516 -49.36 -20.36 -21.01
C ILE B 516 -50.43 -21.45 -21.04
N ILE B 517 -50.00 -22.68 -21.37
CA ILE B 517 -50.90 -23.77 -21.67
C ILE B 517 -50.45 -25.00 -20.88
N TYR B 518 -51.40 -25.59 -20.13
CA TYR B 518 -51.17 -26.75 -19.31
C TYR B 518 -51.51 -28.05 -20.05
N ARG B 519 -51.13 -29.18 -19.44
CA ARG B 519 -51.62 -30.51 -19.79
C ARG B 519 -52.66 -30.90 -18.74
N GLY B 520 -53.87 -31.26 -19.18
CA GLY B 520 -54.95 -31.61 -18.27
C GLY B 520 -55.16 -30.57 -17.16
N ASP B 521 -55.59 -31.05 -16.00
CA ASP B 521 -56.10 -30.14 -14.99
C ASP B 521 -55.23 -30.18 -13.73
N TRP B 522 -53.97 -30.64 -13.87
CA TRP B 522 -53.09 -30.79 -12.72
C TRP B 522 -52.91 -29.46 -11.99
N ALA B 523 -53.10 -28.37 -12.74
CA ALA B 523 -52.80 -27.03 -12.26
C ALA B 523 -54.06 -26.36 -11.68
N LYS B 524 -55.07 -27.16 -11.33
CA LYS B 524 -56.34 -26.62 -10.87
C LYS B 524 -56.13 -25.62 -9.72
N GLU B 525 -55.23 -25.97 -8.80
CA GLU B 525 -54.97 -25.17 -7.62
C GLU B 525 -53.78 -24.23 -7.82
N VAL B 526 -52.62 -24.78 -8.21
CA VAL B 526 -51.35 -24.03 -8.18
C VAL B 526 -51.34 -22.91 -9.22
N GLY B 527 -51.94 -23.17 -10.40
CA GLY B 527 -51.84 -22.28 -11.55
C GLY B 527 -52.65 -21.00 -11.36
N ARG B 528 -52.41 -19.99 -12.19
CA ARG B 528 -53.12 -18.70 -12.07
C ARG B 528 -54.50 -18.81 -12.73
N LYS B 529 -55.37 -17.81 -12.53
CA LYS B 529 -56.68 -17.77 -13.23
C LYS B 529 -57.10 -16.32 -13.48
N LEU B 530 -58.21 -16.11 -14.19
CA LEU B 530 -58.70 -14.75 -14.56
C LEU B 530 -58.59 -13.78 -13.38
N SER C 3 13.95 30.09 -20.35
CA SER C 3 13.85 28.61 -20.29
C SER C 3 12.54 28.14 -20.91
N LYS C 4 12.62 27.48 -22.08
CA LYS C 4 11.44 27.03 -22.82
C LYS C 4 11.37 25.50 -22.85
N THR C 5 10.22 24.99 -23.30
CA THR C 5 9.95 23.56 -23.34
C THR C 5 10.90 22.89 -24.33
N LYS C 6 11.59 21.84 -23.86
CA LYS C 6 12.34 20.95 -24.72
C LYS C 6 11.49 19.72 -25.04
N ILE C 7 11.27 19.45 -26.34
CA ILE C 7 10.51 18.29 -26.80
C ILE C 7 11.48 17.26 -27.38
N GLU C 8 11.11 15.97 -27.33
CA GLU C 8 11.98 14.89 -27.78
C GLU C 8 11.17 13.60 -28.03
N LEU C 9 11.31 13.03 -29.24
CA LEU C 9 10.52 11.89 -29.70
C LEU C 9 11.40 10.64 -29.80
N LYS C 10 11.38 9.80 -28.77
CA LYS C 10 12.13 8.55 -28.78
C LYS C 10 11.21 7.43 -28.30
N ASP C 11 11.41 6.22 -28.82
CA ASP C 11 10.65 5.04 -28.43
C ASP C 11 9.15 5.25 -28.69
N ASN C 12 8.82 6.12 -29.65
CA ASN C 12 7.44 6.37 -30.07
C ASN C 12 6.66 7.06 -28.96
N TRP C 13 7.31 8.03 -28.32
CA TRP C 13 6.76 8.78 -27.21
C TRP C 13 7.25 10.22 -27.29
N TYR C 14 6.32 11.17 -27.19
CA TYR C 14 6.68 12.55 -26.92
C TYR C 14 7.31 12.61 -25.54
N HIS C 15 8.38 13.40 -25.41
CA HIS C 15 8.95 13.75 -24.12
C HIS C 15 8.97 15.26 -23.99
N LEU C 16 8.36 15.79 -22.92
CA LEU C 16 8.45 17.20 -22.58
C LEU C 16 9.42 17.35 -21.41
N ASP C 17 10.57 18.01 -21.66
CA ASP C 17 11.60 18.22 -20.65
C ASP C 17 12.06 16.90 -20.03
N GLY C 18 12.22 15.86 -20.85
CA GLY C 18 12.79 14.60 -20.40
C GLY C 18 11.73 13.55 -20.09
N GLU C 19 10.54 13.98 -19.65
CA GLU C 19 9.54 13.06 -19.13
C GLU C 19 8.55 12.72 -20.23
N LYS C 20 8.16 11.43 -20.28
CA LYS C 20 7.22 10.94 -21.28
C LYS C 20 5.85 11.59 -21.08
N TYR C 21 5.32 12.27 -22.12
CA TYR C 21 4.10 13.05 -22.01
C TYR C 21 3.02 12.48 -22.93
N PHE C 22 1.98 11.90 -22.31
CA PHE C 22 0.80 11.45 -23.02
C PHE C 22 -0.09 12.66 -23.24
N ILE C 23 -0.52 12.87 -24.49
CA ILE C 23 -1.28 14.05 -24.83
C ILE C 23 -2.76 13.73 -24.68
N LYS C 24 -3.32 14.11 -23.52
CA LYS C 24 -4.73 13.97 -23.26
C LYS C 24 -5.44 15.23 -23.76
N ALA C 25 -5.85 15.21 -25.03
CA ALA C 25 -6.33 16.41 -25.68
C ALA C 25 -7.84 16.36 -25.85
N ILE C 26 -8.37 17.46 -26.38
CA ILE C 26 -9.73 17.54 -26.90
C ILE C 26 -9.73 18.56 -28.04
N GLY C 27 -10.59 18.33 -29.03
CA GLY C 27 -10.72 19.31 -30.12
C GLY C 27 -11.66 20.42 -29.72
N TYR C 28 -11.19 21.67 -29.76
CA TYR C 28 -12.05 22.83 -29.44
C TYR C 28 -12.10 23.78 -30.64
N GLU C 29 -13.29 24.29 -30.95
CA GLU C 29 -13.45 25.22 -32.10
C GLU C 29 -14.12 26.52 -31.65
N ILE C 30 -13.33 27.55 -31.32
CA ILE C 30 -13.88 28.86 -31.03
C ILE C 30 -14.49 29.43 -32.32
N GLY C 31 -15.46 30.34 -32.16
CA GLY C 31 -16.13 30.95 -33.30
C GLY C 31 -17.16 30.00 -33.93
N ALA C 32 -17.71 29.10 -33.10
CA ALA C 32 -18.71 28.13 -33.54
C ALA C 32 -19.75 27.91 -32.45
N ARG C 33 -20.33 29.02 -32.00
CA ARG C 33 -21.56 29.01 -31.22
C ARG C 33 -22.73 28.88 -32.18
N PRO C 34 -23.98 28.81 -31.66
CA PRO C 34 -25.16 29.13 -32.46
C PRO C 34 -25.07 30.57 -32.97
N GLY C 35 -25.14 30.74 -34.30
CA GLY C 35 -25.15 32.04 -34.95
C GLY C 35 -23.77 32.45 -35.46
N GLN C 36 -22.81 31.51 -35.49
CA GLN C 36 -21.45 31.81 -35.92
C GLN C 36 -21.01 30.76 -36.94
N ALA C 37 -20.28 31.24 -37.96
CA ALA C 37 -19.56 30.40 -38.91
C ALA C 37 -18.08 30.77 -38.90
N PRO C 38 -17.19 29.89 -38.38
CA PRO C 38 -15.80 30.28 -38.14
C PRO C 38 -14.95 30.50 -39.40
N TYR C 39 -15.36 29.93 -40.54
CA TYR C 39 -14.57 30.07 -41.74
C TYR C 39 -15.14 31.17 -42.66
N GLU C 40 -16.26 31.79 -42.26
CA GLU C 40 -16.97 32.74 -43.10
C GLU C 40 -17.01 34.12 -42.46
N ASP C 41 -17.02 34.14 -41.13
CA ASP C 41 -17.22 35.42 -40.41
C ASP C 41 -15.91 36.14 -40.09
N GLU C 42 -15.99 37.46 -39.92
CA GLU C 42 -14.80 38.27 -39.58
C GLU C 42 -14.16 37.70 -38.33
N ARG C 43 -13.03 37.03 -38.50
CA ARG C 43 -12.39 36.35 -37.34
C ARG C 43 -12.24 37.30 -36.14
N LYS C 44 -12.82 36.94 -35.00
CA LYS C 44 -12.61 37.68 -33.78
C LYS C 44 -11.85 36.78 -32.81
N ASP C 45 -11.14 37.39 -31.85
CA ASP C 45 -10.37 36.67 -30.86
C ASP C 45 -11.31 35.97 -29.87
N GLU C 46 -12.38 36.66 -29.47
CA GLU C 46 -13.37 36.12 -28.53
C GLU C 46 -12.66 35.59 -27.30
N LEU C 47 -11.88 36.48 -26.67
CA LEU C 47 -11.14 36.13 -25.48
C LEU C 47 -12.14 35.65 -24.43
N GLU C 48 -13.26 36.38 -24.30
CA GLU C 48 -14.24 36.14 -23.26
C GLU C 48 -14.62 34.65 -23.24
N LEU C 49 -15.25 34.18 -24.31
CA LEU C 49 -15.78 32.82 -24.35
C LEU C 49 -14.67 31.76 -24.21
N MET C 50 -13.44 32.09 -24.62
CA MET C 50 -12.32 31.16 -24.49
C MET C 50 -12.02 30.90 -23.03
N LYS C 51 -12.01 31.94 -22.18
CA LYS C 51 -11.67 31.73 -20.77
C LYS C 51 -12.71 30.79 -20.13
N PHE C 52 -13.99 30.91 -20.51
CA PHE C 52 -15.05 30.06 -19.98
C PHE C 52 -14.84 28.62 -20.47
N ASP C 53 -14.49 28.46 -21.74
CA ASP C 53 -14.26 27.14 -22.29
C ASP C 53 -12.95 26.59 -21.75
N LEU C 54 -11.84 27.29 -22.02
CA LEU C 54 -10.49 26.88 -21.64
C LEU C 54 -10.44 26.49 -20.17
N GLU C 55 -11.31 27.07 -19.32
CA GLU C 55 -11.37 26.70 -17.91
C GLU C 55 -12.16 25.40 -17.74
N ASN C 56 -13.24 25.23 -18.51
CA ASN C 56 -14.01 24.00 -18.52
C ASN C 56 -13.14 22.85 -18.99
N ILE C 57 -12.37 23.09 -20.07
CA ILE C 57 -11.51 22.06 -20.63
C ILE C 57 -10.48 21.63 -19.58
N LYS C 58 -10.06 22.56 -18.72
CA LYS C 58 -9.16 22.22 -17.62
C LYS C 58 -9.90 21.34 -16.60
N GLU C 59 -11.12 21.71 -16.23
CA GLU C 59 -11.92 20.91 -15.31
C GLU C 59 -12.25 19.56 -15.96
N GLY C 60 -12.32 19.53 -17.30
CA GLY C 60 -12.70 18.31 -18.02
C GLY C 60 -11.63 17.21 -17.94
N GLY C 61 -10.44 17.55 -17.41
CA GLY C 61 -9.36 16.60 -17.20
C GLY C 61 -8.25 16.70 -18.25
N TYR C 62 -8.43 17.62 -19.21
CA TYR C 62 -7.61 17.64 -20.42
C TYR C 62 -6.40 18.57 -20.25
N ASN C 63 -5.24 18.14 -20.77
CA ASN C 63 -4.00 18.89 -20.67
C ASN C 63 -3.66 19.63 -21.97
N THR C 64 -4.35 19.28 -23.07
CA THR C 64 -4.02 19.80 -24.38
C THR C 64 -5.31 20.09 -25.15
N ILE C 65 -5.19 20.99 -26.13
CA ILE C 65 -6.29 21.40 -26.99
C ILE C 65 -5.80 21.26 -28.43
N ARG C 66 -6.68 20.88 -29.36
CA ARG C 66 -6.34 20.68 -30.77
C ARG C 66 -7.23 21.55 -31.65
N THR C 67 -6.62 22.30 -32.60
CA THR C 67 -7.36 23.22 -33.45
C THR C 67 -7.35 22.74 -34.90
N TRP C 68 -8.15 23.39 -35.75
CA TRP C 68 -8.15 23.17 -37.19
C TRP C 68 -7.65 24.41 -37.91
N SER C 69 -7.52 25.50 -37.16
CA SER C 69 -7.22 26.80 -37.71
C SER C 69 -6.31 27.59 -36.77
N GLN C 70 -5.61 28.57 -37.35
CA GLN C 70 -4.55 29.29 -36.66
C GLN C 70 -5.13 30.33 -35.74
N TYR C 71 -4.65 30.35 -34.49
CA TYR C 71 -5.02 31.36 -33.51
C TYR C 71 -4.27 32.66 -33.79
N SER C 72 -4.74 33.75 -33.17
CA SER C 72 -4.03 35.02 -33.15
C SER C 72 -3.03 35.03 -32.00
N GLU C 73 -2.20 36.08 -31.96
CA GLU C 73 -1.22 36.25 -30.90
C GLU C 73 -1.97 36.51 -29.59
N ASN C 74 -3.10 37.23 -29.65
CA ASN C 74 -3.96 37.47 -28.50
C ASN C 74 -4.54 36.15 -27.99
N GLN C 75 -5.05 35.33 -28.92
CA GLN C 75 -5.58 34.03 -28.57
C GLN C 75 -4.47 33.15 -27.99
N LEU C 76 -3.26 33.19 -28.57
CA LEU C 76 -2.15 32.36 -28.12
C LEU C 76 -1.80 32.68 -26.67
N LYS C 77 -1.77 33.97 -26.30
CA LYS C 77 -1.30 34.39 -24.98
C LYS C 77 -2.22 33.84 -23.90
N LEU C 78 -3.50 33.64 -24.26
CA LEU C 78 -4.51 33.13 -23.34
C LEU C 78 -4.29 31.64 -23.07
N VAL C 79 -4.09 30.86 -24.13
CA VAL C 79 -3.80 29.44 -24.03
C VAL C 79 -2.50 29.24 -23.25
N GLN C 80 -1.53 30.13 -23.49
CA GLN C 80 -0.24 30.08 -22.82
C GLN C 80 -0.46 30.16 -21.31
N GLU C 81 -1.20 31.19 -20.89
CA GLU C 81 -1.40 31.52 -19.48
C GLU C 81 -2.23 30.44 -18.77
N SER C 82 -3.15 29.80 -19.51
CA SER C 82 -4.12 28.87 -18.95
C SER C 82 -3.45 27.66 -18.30
N GLY C 83 -2.32 27.22 -18.88
CA GLY C 83 -1.66 26.01 -18.47
C GLY C 83 -1.76 24.92 -19.54
N LEU C 84 -2.71 25.09 -20.47
CA LEU C 84 -3.02 24.09 -21.48
C LEU C 84 -1.95 24.07 -22.58
N LYS C 85 -1.79 22.89 -23.22
CA LYS C 85 -0.93 22.69 -24.38
C LYS C 85 -1.76 22.71 -25.66
N LEU C 86 -1.11 22.92 -26.81
CA LEU C 86 -1.79 23.29 -28.05
C LEU C 86 -1.21 22.54 -29.23
N ILE C 87 -2.07 21.79 -29.92
CA ILE C 87 -1.79 21.22 -31.22
C ILE C 87 -2.41 22.16 -32.25
N MET C 88 -1.64 23.17 -32.67
CA MET C 88 -2.13 24.26 -33.49
C MET C 88 -2.28 23.81 -34.95
N GLY C 89 -3.51 23.92 -35.47
CA GLY C 89 -3.79 23.56 -36.86
C GLY C 89 -3.70 24.78 -37.76
N ILE C 90 -3.08 24.62 -38.94
CA ILE C 90 -3.02 25.74 -39.93
C ILE C 90 -4.04 25.38 -41.02
N ASP C 91 -4.91 26.33 -41.38
CA ASP C 91 -6.02 26.06 -42.33
C ASP C 91 -5.57 26.13 -43.78
N ILE C 92 -5.02 25.04 -44.31
CA ILE C 92 -4.76 25.03 -45.78
C ILE C 92 -5.99 24.35 -46.38
N LYS C 93 -6.88 25.13 -46.97
CA LYS C 93 -8.15 24.55 -47.49
C LYS C 93 -7.82 23.27 -48.28
N PRO C 94 -8.46 22.14 -47.96
CA PRO C 94 -8.15 20.88 -48.64
C PRO C 94 -8.49 20.79 -50.12
N GLU C 95 -9.47 21.61 -50.57
CA GLU C 95 -10.05 21.49 -51.89
C GLU C 95 -9.33 22.42 -52.86
N GLU C 96 -8.29 23.15 -52.41
CA GLU C 96 -7.52 24.02 -53.29
C GLU C 96 -6.46 23.21 -54.04
N ASP C 97 -5.97 23.77 -55.16
CA ASP C 97 -4.93 23.08 -55.96
C ASP C 97 -3.58 23.32 -55.30
N TYR C 98 -2.88 22.24 -54.95
CA TYR C 98 -1.60 22.38 -54.21
C TYR C 98 -0.49 22.65 -55.20
N GLY C 99 -0.68 22.22 -56.45
CA GLY C 99 0.33 22.45 -57.50
C GLY C 99 0.11 23.77 -58.18
N ASP C 100 -0.54 24.70 -57.47
CA ASP C 100 -0.79 26.02 -58.03
C ASP C 100 0.04 27.01 -57.22
N PRO C 101 1.14 27.55 -57.79
CA PRO C 101 2.10 28.36 -57.03
C PRO C 101 1.52 29.45 -56.16
N GLU C 102 0.36 30.02 -56.56
CA GLU C 102 -0.28 31.08 -55.80
C GLU C 102 -0.74 30.53 -54.45
N PHE C 103 -1.27 29.30 -54.44
CA PHE C 103 -1.72 28.68 -53.20
C PHE C 103 -0.53 28.50 -52.28
N VAL C 104 0.57 28.03 -52.87
CA VAL C 104 1.78 27.72 -52.12
C VAL C 104 2.35 29.03 -51.58
N LYS C 105 2.33 30.08 -52.40
CA LYS C 105 2.92 31.36 -52.00
C LYS C 105 2.04 31.99 -50.90
N ASP C 106 0.71 31.94 -51.05
CA ASP C 106 -0.20 32.45 -50.02
C ASP C 106 -0.01 31.64 -48.73
N SER C 107 0.12 30.31 -48.87
CA SER C 107 0.29 29.42 -47.74
C SER C 107 1.60 29.72 -47.02
N GLU C 108 2.64 30.05 -47.79
CA GLU C 108 3.96 30.29 -47.23
C GLU C 108 3.94 31.54 -46.38
N ILE C 109 3.38 32.62 -46.95
CA ILE C 109 3.37 33.94 -46.32
C ILE C 109 2.41 33.91 -45.12
N GLU C 110 1.27 33.21 -45.27
CA GLU C 110 0.31 33.05 -44.19
C GLU C 110 0.96 32.33 -43.01
N LEU C 111 1.66 31.24 -43.31
CA LEU C 111 2.29 30.44 -42.29
C LEU C 111 3.40 31.26 -41.63
N LYS C 112 4.35 31.73 -42.44
CA LYS C 112 5.50 32.43 -41.88
C LYS C 112 5.01 33.51 -40.92
N ARG C 113 3.90 34.16 -41.29
CA ARG C 113 3.31 35.19 -40.45
C ARG C 113 2.99 34.60 -39.08
N VAL C 114 2.10 33.60 -39.04
CA VAL C 114 1.63 33.08 -37.76
C VAL C 114 2.86 32.66 -36.97
N LEU C 115 3.81 32.01 -37.64
CA LEU C 115 5.00 31.54 -36.96
C LEU C 115 5.79 32.71 -36.38
N ASN C 116 5.73 33.88 -37.03
CA ASN C 116 6.54 35.01 -36.64
C ASN C 116 6.23 35.46 -35.22
N TYR C 117 5.07 35.07 -34.67
CA TYR C 117 4.78 35.29 -33.25
C TYR C 117 4.63 33.95 -32.51
N ALA C 118 4.07 32.92 -33.16
CA ALA C 118 3.75 31.66 -32.49
C ALA C 118 4.97 31.05 -31.81
N LYS C 119 6.14 31.26 -32.42
CA LYS C 119 7.42 30.76 -31.93
C LYS C 119 7.64 31.05 -30.44
N LYS C 120 7.02 32.11 -29.91
CA LYS C 120 7.29 32.58 -28.55
C LYS C 120 6.21 32.06 -27.60
N TYR C 121 5.69 30.86 -27.90
CA TYR C 121 4.66 30.22 -27.10
C TYR C 121 4.98 28.73 -27.02
N ASP C 122 5.68 28.33 -25.95
CA ASP C 122 6.11 26.95 -25.77
C ASP C 122 4.97 26.10 -25.23
N CYS C 123 3.73 26.55 -25.45
CA CYS C 123 2.54 25.74 -25.22
C CYS C 123 2.18 24.94 -26.46
N ILE C 124 2.68 25.39 -27.63
CA ILE C 124 2.46 24.68 -28.88
C ILE C 124 3.43 23.50 -28.94
N ILE C 125 2.87 22.31 -29.15
CA ILE C 125 3.54 21.03 -28.99
C ILE C 125 3.48 20.21 -30.28
N THR C 126 2.58 20.54 -31.20
CA THR C 126 2.62 20.01 -32.56
C THR C 126 1.89 20.99 -33.49
N TYR C 127 2.33 21.05 -34.76
CA TYR C 127 1.62 21.77 -35.80
C TYR C 127 0.92 20.74 -36.70
N LEU C 128 -0.33 21.03 -37.10
CA LEU C 128 -1.05 20.24 -38.09
C LEU C 128 -1.13 21.05 -39.39
N VAL C 129 -0.58 20.45 -40.46
CA VAL C 129 -0.28 21.16 -41.69
C VAL C 129 -1.50 21.12 -42.62
N ILE C 130 -2.36 20.12 -42.46
CA ILE C 130 -3.52 19.99 -43.30
C ILE C 130 -4.43 18.97 -42.66
N ASN C 131 -5.71 19.02 -43.02
CA ASN C 131 -6.73 18.20 -42.40
C ASN C 131 -7.62 17.54 -43.46
N GLU C 132 -7.75 16.22 -43.39
CA GLU C 132 -8.69 15.47 -44.23
C GLU C 132 -8.47 15.83 -45.71
N PRO C 133 -7.30 15.57 -46.31
CA PRO C 133 -7.17 15.65 -47.76
C PRO C 133 -7.79 14.41 -48.42
N GLN C 134 -8.71 14.65 -49.35
CA GLN C 134 -9.44 13.53 -50.01
C GLN C 134 -8.58 12.89 -51.10
N THR C 135 -8.79 11.59 -51.33
CA THR C 135 -8.00 10.84 -52.32
C THR C 135 -8.20 11.43 -53.70
N ASP C 136 -9.41 11.36 -54.25
CA ASP C 136 -9.64 11.84 -55.64
C ASP C 136 -8.99 13.22 -55.81
N HIS C 137 -9.24 14.12 -54.87
CA HIS C 137 -8.67 15.46 -55.07
C HIS C 137 -7.16 15.36 -55.27
N ILE C 138 -6.47 14.51 -54.51
CA ILE C 138 -5.03 14.36 -54.67
C ILE C 138 -4.72 13.84 -56.08
N HIS C 139 -5.50 12.86 -56.57
CA HIS C 139 -5.27 12.32 -57.90
C HIS C 139 -5.39 13.44 -58.93
N SER C 140 -6.47 14.24 -58.84
CA SER C 140 -6.71 15.31 -59.81
C SER C 140 -5.52 16.26 -59.92
N VAL C 141 -5.01 16.73 -58.78
CA VAL C 141 -3.93 17.72 -58.77
C VAL C 141 -2.54 17.05 -58.69
N THR C 142 -2.52 15.72 -58.53
CA THR C 142 -1.33 14.85 -58.51
C THR C 142 -0.80 14.74 -57.09
N GLY C 143 -0.26 13.55 -56.78
CA GLY C 143 0.45 13.28 -55.53
C GLY C 143 1.76 14.06 -55.46
N LYS C 144 2.36 14.37 -56.62
CA LYS C 144 3.57 15.17 -56.64
C LYS C 144 3.31 16.51 -55.94
N ALA C 145 2.25 17.19 -56.39
CA ALA C 145 1.87 18.51 -55.89
C ALA C 145 1.65 18.48 -54.38
N PHE C 146 1.03 17.41 -53.87
CA PHE C 146 0.68 17.32 -52.46
C PHE C 146 1.94 17.23 -51.61
N VAL C 147 2.91 16.41 -52.04
CA VAL C 147 4.03 16.05 -51.18
C VAL C 147 5.04 17.21 -51.14
N ASP C 148 5.04 18.05 -52.19
CA ASP C 148 5.95 19.19 -52.22
C ASP C 148 5.41 20.32 -51.35
N LEU C 149 4.08 20.47 -51.31
CA LEU C 149 3.41 21.40 -50.42
C LEU C 149 3.72 21.02 -48.98
N MET C 150 3.60 19.73 -48.69
CA MET C 150 3.85 19.23 -47.34
C MET C 150 5.31 19.50 -46.97
N ASN C 151 6.22 19.19 -47.89
CA ASN C 151 7.65 19.38 -47.67
C ASN C 151 7.97 20.87 -47.48
N THR C 152 7.42 21.72 -48.36
CA THR C 152 7.59 23.16 -48.22
C THR C 152 7.09 23.59 -46.84
N LEU C 153 5.86 23.20 -46.48
CA LEU C 153 5.23 23.60 -45.22
C LEU C 153 6.00 23.07 -44.01
N ILE C 154 6.28 21.75 -43.99
CA ILE C 154 7.01 21.17 -42.88
C ILE C 154 8.29 21.98 -42.66
N ASN C 155 9.12 22.06 -43.70
CA ASN C 155 10.46 22.62 -43.54
C ASN C 155 10.38 24.06 -43.03
N ILE C 156 9.38 24.82 -43.48
CA ILE C 156 9.23 26.20 -43.04
C ILE C 156 9.01 26.25 -41.54
N ILE C 157 8.36 25.21 -40.98
CA ILE C 157 8.02 25.17 -39.57
C ILE C 157 9.26 24.80 -38.75
N HIS C 158 10.08 23.85 -39.26
CA HIS C 158 11.29 23.41 -38.57
C HIS C 158 12.27 24.58 -38.40
N LYS C 159 12.38 25.44 -39.41
CA LYS C 159 13.26 26.60 -39.35
C LYS C 159 12.60 27.73 -38.56
N GLY C 160 11.26 27.79 -38.59
CA GLY C 160 10.51 28.93 -38.08
C GLY C 160 10.22 28.80 -36.59
N HIS C 161 9.62 27.66 -36.21
CA HIS C 161 9.46 27.31 -34.81
C HIS C 161 10.31 26.06 -34.57
N PRO C 162 11.58 26.22 -34.12
CA PRO C 162 12.51 25.08 -34.00
C PRO C 162 12.16 24.16 -32.84
N GLY C 163 12.12 22.85 -33.13
CA GLY C 163 12.01 21.82 -32.11
C GLY C 163 10.58 21.33 -31.96
N ILE C 164 9.68 21.79 -32.83
CA ILE C 164 8.28 21.43 -32.73
C ILE C 164 8.00 20.36 -33.78
N PRO C 165 7.34 19.24 -33.39
CA PRO C 165 6.79 18.29 -34.36
C PRO C 165 5.80 18.90 -35.35
N VAL C 166 5.84 18.37 -36.58
CA VAL C 166 4.82 18.64 -37.57
C VAL C 166 4.22 17.31 -38.00
N THR C 167 2.91 17.31 -38.23
CA THR C 167 2.24 16.19 -38.89
C THR C 167 0.99 16.74 -39.57
N LEU C 168 0.03 15.87 -39.89
CA LEU C 168 -1.20 16.28 -40.54
C LEU C 168 -2.36 15.48 -39.95
N SER C 169 -3.57 15.86 -40.33
CA SER C 169 -4.78 15.29 -39.78
C SER C 169 -5.40 14.32 -40.79
N ALA C 170 -4.65 13.31 -41.23
CA ALA C 170 -5.13 12.48 -42.31
C ALA C 170 -6.22 11.57 -41.77
N ASN C 171 -7.16 11.18 -42.62
CA ASN C 171 -8.30 10.39 -42.18
C ASN C 171 -8.01 8.91 -42.46
N ALA C 172 -8.17 8.06 -41.43
CA ALA C 172 -7.68 6.71 -41.54
C ALA C 172 -8.53 5.91 -42.53
N MET C 173 -9.78 6.27 -42.71
CA MET C 173 -10.65 5.46 -43.54
C MET C 173 -10.37 5.70 -45.01
N ILE C 174 -9.61 6.77 -45.36
CA ILE C 174 -9.44 7.22 -46.74
C ILE C 174 -7.99 7.49 -47.10
N SER C 175 -7.16 7.85 -46.10
CA SER C 175 -5.74 8.09 -46.28
C SER C 175 -4.92 6.96 -45.62
N ASP C 176 -5.41 5.73 -45.75
CA ASP C 176 -4.67 4.56 -45.26
C ASP C 176 -3.40 4.37 -46.09
N TYR C 177 -3.58 4.45 -47.43
CA TYR C 177 -2.56 4.22 -48.44
C TYR C 177 -1.45 5.27 -48.32
N MET C 178 -1.75 6.37 -47.62
CA MET C 178 -0.88 7.54 -47.63
C MET C 178 0.37 7.31 -46.78
N ASP C 179 1.53 7.74 -47.32
CA ASP C 179 2.79 7.74 -46.60
C ASP C 179 2.86 8.92 -45.64
N GLU C 180 3.28 8.71 -44.38
CA GLU C 180 3.45 9.82 -43.46
C GLU C 180 4.90 9.91 -42.95
N SER C 181 5.82 9.17 -43.58
CA SER C 181 7.21 9.12 -43.15
C SER C 181 7.94 10.47 -43.25
N ILE C 182 7.51 11.36 -44.14
CA ILE C 182 8.18 12.65 -44.22
C ILE C 182 7.87 13.47 -42.96
N PHE C 183 6.76 13.16 -42.27
CA PHE C 183 6.37 13.92 -41.10
C PHE C 183 7.05 13.37 -39.84
N ASP C 184 7.11 14.22 -38.80
CA ASP C 184 7.78 13.90 -37.55
C ASP C 184 6.98 12.87 -36.75
N VAL C 185 5.65 12.83 -36.95
CA VAL C 185 4.74 11.99 -36.19
C VAL C 185 3.74 11.32 -37.13
N TYR C 186 3.16 10.19 -36.71
CA TYR C 186 2.04 9.55 -37.38
C TYR C 186 0.74 10.06 -36.75
N ALA C 187 -0.28 10.34 -37.58
CA ALA C 187 -1.55 10.86 -37.08
C ALA C 187 -2.71 10.47 -38.00
N TYR C 188 -3.88 10.26 -37.40
CA TYR C 188 -5.09 9.94 -38.15
C TYR C 188 -6.36 10.38 -37.42
N ASN C 189 -7.34 10.82 -38.21
CA ASN C 189 -8.72 10.91 -37.76
C ASN C 189 -9.31 9.50 -37.82
N CYS C 190 -9.57 8.92 -36.65
CA CYS C 190 -10.03 7.55 -36.61
C CYS C 190 -11.49 7.54 -36.10
N TYR C 191 -12.36 6.81 -36.81
CA TYR C 191 -13.76 6.66 -36.47
C TYR C 191 -14.26 5.25 -36.73
N ASP C 192 -14.89 4.69 -35.69
CA ASP C 192 -15.36 3.33 -35.68
C ASP C 192 -16.86 3.32 -35.96
N HIS C 193 -17.23 2.95 -37.19
CA HIS C 193 -18.62 2.80 -37.59
C HIS C 193 -18.96 1.33 -37.90
N ASN C 194 -18.05 0.41 -37.57
CA ASN C 194 -18.23 -1.00 -37.90
C ASN C 194 -18.69 -1.14 -39.35
N GLU C 195 -17.89 -0.60 -40.29
CA GLU C 195 -18.15 -0.69 -41.72
C GLU C 195 -16.83 -0.69 -42.52
N GLY C 196 -16.76 -1.49 -43.58
CA GLY C 196 -15.54 -1.56 -44.38
C GLY C 196 -14.35 -1.98 -43.51
N GLN C 197 -13.28 -1.18 -43.50
CA GLN C 197 -12.04 -1.54 -42.83
C GLN C 197 -12.28 -1.83 -41.34
N THR C 198 -13.26 -1.18 -40.70
CA THR C 198 -13.47 -1.36 -39.27
C THR C 198 -14.46 -2.48 -39.01
N ALA C 199 -15.08 -3.04 -40.04
CA ALA C 199 -15.89 -4.23 -39.86
C ALA C 199 -15.07 -5.50 -40.13
N THR C 200 -14.13 -5.40 -41.05
CA THR C 200 -13.32 -6.56 -41.39
C THR C 200 -12.31 -6.80 -40.29
N MET C 201 -11.57 -5.76 -39.90
CA MET C 201 -10.48 -5.89 -38.95
C MET C 201 -10.93 -5.44 -37.57
N GLY C 202 -11.94 -4.58 -37.54
CA GLY C 202 -12.22 -3.88 -36.31
C GLY C 202 -11.26 -2.72 -36.10
N PHE C 203 -11.57 -1.93 -35.07
CA PHE C 203 -11.05 -0.59 -34.93
C PHE C 203 -9.59 -0.69 -34.51
N LYS C 204 -9.30 -1.21 -33.31
CA LYS C 204 -7.93 -1.39 -32.86
C LYS C 204 -7.04 -1.97 -33.97
N ASP C 205 -7.47 -3.11 -34.50
CA ASP C 205 -6.60 -3.79 -35.45
C ASP C 205 -6.37 -2.89 -36.68
N TYR C 206 -7.45 -2.39 -37.30
CA TYR C 206 -7.32 -1.56 -38.49
C TYR C 206 -6.36 -0.41 -38.25
N ILE C 207 -6.53 0.35 -37.18
CA ILE C 207 -5.63 1.47 -36.95
C ILE C 207 -4.21 0.98 -36.67
N LYS C 208 -4.10 -0.15 -35.94
CA LYS C 208 -2.82 -0.78 -35.65
C LYS C 208 -2.16 -1.26 -36.95
N GLY C 209 -2.93 -1.97 -37.78
CA GLY C 209 -2.49 -2.44 -39.08
C GLY C 209 -1.81 -1.33 -39.88
N LEU C 210 -2.43 -0.14 -39.86
CA LEU C 210 -1.78 1.04 -40.41
C LEU C 210 -0.45 1.29 -39.70
N ASN C 211 -0.43 1.27 -38.38
CA ASN C 211 0.77 1.68 -37.69
C ASN C 211 1.90 0.70 -38.01
N GLU C 212 1.56 -0.59 -38.15
CA GLU C 212 2.53 -1.62 -38.49
C GLU C 212 3.04 -1.40 -39.93
N LEU C 213 2.17 -0.94 -40.83
CA LEU C 213 2.63 -0.60 -42.17
C LEU C 213 3.54 0.62 -42.12
N ASN C 214 3.23 1.61 -41.26
CA ASN C 214 3.97 2.86 -41.17
C ASN C 214 5.38 2.64 -40.62
N GLY C 215 5.61 1.54 -39.89
CA GLY C 215 6.95 1.16 -39.51
C GLY C 215 7.36 1.55 -38.09
N LEU C 216 6.38 1.76 -37.20
CA LEU C 216 6.57 1.75 -35.74
C LEU C 216 7.76 2.59 -35.27
N ASP C 217 8.10 3.67 -35.99
CA ASP C 217 9.38 4.34 -35.80
C ASP C 217 9.21 5.81 -35.40
N LYS C 218 7.98 6.18 -35.03
CA LYS C 218 7.69 7.54 -34.57
C LYS C 218 6.44 7.49 -33.73
N PRO C 219 6.22 8.48 -32.83
CA PRO C 219 4.98 8.56 -32.05
C PRO C 219 3.75 8.45 -32.95
N PHE C 220 2.67 7.88 -32.42
CA PHE C 220 1.38 7.85 -33.09
C PHE C 220 0.35 8.50 -32.17
N ILE C 221 -0.46 9.41 -32.76
CA ILE C 221 -1.47 10.17 -32.06
C ILE C 221 -2.73 10.19 -32.91
N THR C 222 -3.90 10.19 -32.24
CA THR C 222 -5.19 10.35 -32.88
C THR C 222 -5.57 11.83 -32.82
N THR C 223 -5.97 12.38 -33.98
CA THR C 223 -6.32 13.79 -34.11
C THR C 223 -7.83 14.02 -34.01
N GLU C 224 -8.64 12.97 -34.27
CA GLU C 224 -10.09 12.97 -34.09
C GLU C 224 -10.55 11.55 -33.73
N PHE C 225 -11.64 11.44 -32.95
CA PHE C 225 -12.48 10.25 -32.86
C PHE C 225 -13.72 10.62 -32.06
N GLY C 226 -14.89 10.04 -32.39
CA GLY C 226 -16.09 10.37 -31.63
C GLY C 226 -17.39 10.05 -32.36
N TYR C 227 -18.51 10.43 -31.72
CA TYR C 227 -19.83 10.04 -32.19
C TYR C 227 -20.75 11.24 -32.09
N SER C 228 -21.86 11.13 -32.83
CA SER C 228 -22.84 12.20 -33.05
C SER C 228 -24.22 11.80 -32.55
N VAL C 229 -24.92 12.76 -31.92
CA VAL C 229 -26.21 12.49 -31.28
C VAL C 229 -27.31 13.33 -31.92
N SER C 230 -27.29 13.41 -33.26
CA SER C 230 -28.35 14.07 -34.00
C SER C 230 -29.66 13.34 -33.79
N PRO C 231 -30.81 14.05 -33.63
CA PRO C 231 -32.11 13.36 -33.63
C PRO C 231 -32.23 12.29 -34.71
N GLU C 232 -31.59 12.50 -35.86
CA GLU C 232 -31.72 11.59 -36.98
C GLU C 232 -30.71 11.94 -38.05
N GLY C 233 -30.84 11.31 -39.21
CA GLY C 233 -29.96 11.58 -40.34
C GLY C 233 -28.58 10.96 -40.12
N GLY C 234 -27.90 10.66 -41.25
CA GLY C 234 -26.64 9.90 -41.24
C GLY C 234 -26.88 8.45 -41.67
N ASN C 235 -26.01 7.54 -41.23
CA ASN C 235 -26.15 6.11 -41.49
C ASN C 235 -25.49 5.31 -40.38
N GLY C 236 -26.08 4.16 -40.02
CA GLY C 236 -25.68 3.38 -38.86
C GLY C 236 -25.20 4.28 -37.73
N GLN C 237 -23.92 4.19 -37.40
CA GLN C 237 -23.37 4.83 -36.21
C GLN C 237 -22.92 6.26 -36.47
N TYR C 238 -22.94 6.66 -37.74
CA TYR C 238 -22.66 8.03 -38.12
C TYR C 238 -23.96 8.82 -37.92
N GLY C 239 -24.02 9.57 -36.82
CA GLY C 239 -25.23 10.29 -36.44
C GLY C 239 -26.25 9.39 -35.75
N SER C 240 -27.37 9.98 -35.33
CA SER C 240 -28.51 9.28 -34.74
C SER C 240 -28.13 8.38 -33.54
N ASN C 241 -27.16 8.79 -32.71
CA ASN C 241 -26.80 8.05 -31.51
C ASN C 241 -27.54 8.60 -30.30
N THR C 242 -27.65 7.79 -29.23
CA THR C 242 -28.18 8.31 -27.97
C THR C 242 -27.02 8.88 -27.16
N LEU C 243 -27.36 9.61 -26.08
CA LEU C 243 -26.36 10.25 -25.22
C LEU C 243 -25.50 9.17 -24.56
N LYS C 244 -26.15 8.02 -24.30
CA LYS C 244 -25.51 6.83 -23.77
C LYS C 244 -24.48 6.28 -24.75
N GLN C 245 -24.86 6.11 -26.01
CA GLN C 245 -24.01 5.45 -27.00
C GLN C 245 -22.80 6.30 -27.35
N GLN C 246 -22.98 7.63 -27.28
CA GLN C 246 -21.89 8.55 -27.51
C GLN C 246 -20.89 8.36 -26.39
N SER C 247 -21.36 8.51 -25.14
CA SER C 247 -20.54 8.24 -23.96
C SER C 247 -19.81 6.91 -24.15
N ASP C 248 -20.59 5.84 -24.25
CA ASP C 248 -20.07 4.50 -24.24
C ASP C 248 -19.08 4.30 -25.37
N GLY C 249 -19.36 4.95 -26.51
CA GLY C 249 -18.56 4.80 -27.71
C GLY C 249 -17.21 5.51 -27.57
N LEU C 250 -17.24 6.75 -27.07
CA LEU C 250 -16.03 7.53 -26.88
C LEU C 250 -15.02 6.71 -26.08
N ILE C 251 -15.49 6.09 -25.00
CA ILE C 251 -14.65 5.31 -24.10
C ILE C 251 -14.17 4.08 -24.84
N SER C 252 -15.07 3.46 -25.60
CA SER C 252 -14.73 2.27 -26.35
C SER C 252 -13.61 2.55 -27.36
N ASN C 253 -13.64 3.73 -27.98
CA ASN C 253 -12.63 4.18 -28.93
C ASN C 253 -11.31 4.48 -28.22
N TYR C 254 -11.38 5.11 -27.04
CA TYR C 254 -10.21 5.61 -26.33
C TYR C 254 -9.31 4.43 -26.01
N ARG C 255 -9.93 3.32 -25.59
CA ARG C 255 -9.22 2.11 -25.23
C ARG C 255 -8.61 1.49 -26.49
N ASP C 256 -9.44 1.38 -27.55
CA ASP C 256 -9.00 0.76 -28.80
C ASP C 256 -7.74 1.44 -29.34
N LEU C 257 -7.76 2.78 -29.44
CA LEU C 257 -6.73 3.51 -30.15
C LEU C 257 -5.40 3.47 -29.40
N ILE C 258 -5.48 3.43 -28.07
CA ILE C 258 -4.31 3.18 -27.25
C ILE C 258 -3.77 1.79 -27.59
N ASP C 259 -4.68 0.80 -27.56
CA ASP C 259 -4.38 -0.60 -27.86
C ASP C 259 -3.67 -0.72 -29.21
N ALA C 260 -3.86 0.28 -30.10
CA ALA C 260 -3.28 0.26 -31.43
C ALA C 260 -2.01 1.12 -31.52
N GLY C 261 -1.59 1.73 -30.41
CA GLY C 261 -0.29 2.37 -30.32
C GLY C 261 -0.31 3.85 -29.94
N ALA C 262 -1.50 4.49 -29.91
CA ALA C 262 -1.57 5.92 -29.66
C ALA C 262 -0.86 6.27 -28.35
N VAL C 263 -0.06 7.33 -28.40
CA VAL C 263 0.50 7.92 -27.20
C VAL C 263 0.05 9.37 -27.14
N GLY C 264 -0.92 9.71 -27.99
CA GLY C 264 -1.58 11.00 -27.95
C GLY C 264 -3.03 10.83 -28.40
N MET C 265 -3.95 11.57 -27.77
CA MET C 265 -5.35 11.36 -28.06
C MET C 265 -6.07 12.70 -28.16
N CYS C 266 -6.83 12.88 -29.25
CA CYS C 266 -7.55 14.11 -29.50
C CYS C 266 -9.02 13.81 -29.73
N PRO C 267 -9.82 13.46 -28.68
CA PRO C 267 -11.26 13.22 -28.81
C PRO C 267 -11.96 14.31 -29.59
N PHE C 268 -13.07 13.98 -30.23
CA PHE C 268 -13.65 14.99 -31.15
C PHE C 268 -14.66 15.96 -30.55
N TYR C 269 -14.36 17.26 -30.61
CA TYR C 269 -15.33 18.35 -30.30
C TYR C 269 -15.65 18.57 -28.83
N TYR C 270 -15.47 19.82 -28.40
CA TYR C 270 -15.90 20.21 -27.03
C TYR C 270 -17.36 20.62 -27.15
N ALA C 271 -17.73 21.25 -28.28
CA ALA C 271 -19.11 21.71 -28.44
C ALA C 271 -19.56 21.69 -29.89
N ASP C 272 -20.88 21.49 -30.05
CA ASP C 272 -21.56 21.47 -31.32
C ASP C 272 -21.28 22.75 -32.12
N GLY C 273 -21.16 22.57 -33.44
CA GLY C 273 -21.23 23.69 -34.37
C GLY C 273 -22.53 23.61 -35.16
N TRP C 274 -23.38 24.63 -35.04
CA TRP C 274 -24.64 24.65 -35.78
C TRP C 274 -24.41 25.00 -37.24
N TRP C 275 -23.16 25.29 -37.60
CA TRP C 275 -22.78 25.74 -38.94
C TRP C 275 -22.41 24.58 -39.85
N LYS C 276 -21.90 23.49 -39.25
CA LYS C 276 -21.28 22.42 -40.01
C LYS C 276 -22.31 21.77 -40.94
N GLY C 277 -23.61 22.02 -40.73
CA GLY C 277 -24.65 21.40 -41.54
C GLY C 277 -25.32 22.36 -42.52
N GLY C 278 -24.68 23.48 -42.85
CA GLY C 278 -25.14 24.32 -43.95
C GLY C 278 -25.81 25.63 -43.50
N GLU C 279 -26.45 25.63 -42.33
CA GLU C 279 -27.08 26.83 -41.78
C GLU C 279 -26.75 26.97 -40.30
N LYS C 280 -26.13 28.12 -39.96
CA LYS C 280 -25.45 28.34 -38.70
C LYS C 280 -26.37 28.91 -37.63
N SER C 281 -27.68 28.92 -37.88
CA SER C 281 -28.67 29.34 -36.88
C SER C 281 -29.77 28.28 -36.71
N ASP C 282 -29.82 27.31 -37.62
CA ASP C 282 -30.70 26.16 -37.52
C ASP C 282 -29.87 24.95 -37.11
N HIS C 283 -30.01 24.58 -35.83
CA HIS C 283 -29.56 23.28 -35.36
C HIS C 283 -30.43 22.24 -36.06
N SER C 284 -29.88 21.53 -37.04
CA SER C 284 -30.69 20.65 -37.86
C SER C 284 -30.94 19.34 -37.09
N LEU C 285 -32.01 18.63 -37.48
CA LEU C 285 -32.37 17.36 -36.90
C LEU C 285 -31.66 16.25 -37.67
N ASN C 286 -31.42 16.46 -38.97
CA ASN C 286 -30.87 15.41 -39.84
C ASN C 286 -29.46 15.78 -40.32
N GLN C 287 -28.74 16.57 -39.50
CA GLN C 287 -27.36 16.94 -39.78
C GLN C 287 -26.44 16.40 -38.68
N PRO C 288 -25.83 15.22 -38.89
CA PRO C 288 -24.89 14.64 -37.93
C PRO C 288 -23.83 15.62 -37.44
N GLU C 289 -23.21 16.37 -38.37
CA GLU C 289 -22.03 17.16 -38.06
C GLU C 289 -22.35 18.27 -37.07
N GLU C 290 -23.65 18.49 -36.84
CA GLU C 290 -24.09 19.55 -35.95
C GLU C 290 -24.34 19.02 -34.54
N TRP C 291 -23.89 17.80 -34.21
CA TRP C 291 -24.16 17.24 -32.88
C TRP C 291 -23.01 16.37 -32.36
N PHE C 292 -21.74 16.72 -32.73
CA PHE C 292 -20.57 15.96 -32.29
C PHE C 292 -20.00 16.45 -30.96
N GLY C 293 -20.59 17.53 -30.40
CA GLY C 293 -20.07 18.17 -29.20
C GLY C 293 -20.24 17.30 -27.95
N PHE C 294 -19.34 17.53 -26.98
CA PHE C 294 -19.48 17.04 -25.62
C PHE C 294 -20.40 18.00 -24.86
N TRP C 295 -20.46 19.25 -25.32
CA TRP C 295 -21.45 20.21 -24.82
C TRP C 295 -22.53 20.43 -25.87
N GLY C 296 -23.75 20.74 -25.42
CA GLY C 296 -24.84 21.14 -26.31
C GLY C 296 -25.33 22.56 -26.02
N TYR C 297 -26.14 23.10 -26.95
CA TYR C 297 -26.61 24.48 -26.84
C TYR C 297 -28.14 24.48 -26.81
N SER C 298 -28.71 25.08 -25.75
CA SER C 298 -30.14 25.03 -25.43
C SER C 298 -30.98 25.51 -26.60
N ASP C 299 -30.56 26.65 -27.15
CA ASP C 299 -31.26 27.33 -28.22
C ASP C 299 -30.23 28.17 -28.98
N LEU C 300 -30.70 29.09 -29.83
CA LEU C 300 -29.83 29.95 -30.62
C LEU C 300 -29.16 30.99 -29.72
N ASN C 301 -29.80 31.27 -28.59
CA ASN C 301 -29.26 32.33 -27.69
C ASN C 301 -28.45 31.72 -26.54
N ASP C 302 -27.96 30.48 -26.70
CA ASP C 302 -27.23 29.83 -25.57
C ASP C 302 -25.88 30.53 -25.37
N LYS C 303 -24.87 30.19 -26.17
CA LYS C 303 -23.53 30.85 -26.12
C LYS C 303 -22.68 30.27 -24.98
N TYR C 304 -23.20 29.29 -24.23
CA TYR C 304 -22.43 28.64 -23.18
C TYR C 304 -22.57 27.13 -23.27
N GLY C 305 -23.81 26.64 -23.11
CA GLY C 305 -24.11 25.21 -23.23
C GLY C 305 -24.01 24.51 -21.88
N THR C 306 -24.21 23.18 -21.90
CA THR C 306 -23.92 22.30 -20.77
C THR C 306 -23.16 21.08 -21.28
N PRO C 307 -22.44 20.32 -20.40
CA PRO C 307 -21.78 19.10 -20.84
C PRO C 307 -22.71 17.92 -20.85
N ARG C 308 -22.61 17.11 -21.92
CA ARG C 308 -23.45 15.89 -22.03
C ARG C 308 -22.82 14.80 -21.16
N PRO C 309 -23.44 13.61 -21.02
CA PRO C 309 -22.82 12.54 -20.26
C PRO C 309 -21.38 12.26 -20.66
N VAL C 310 -21.10 12.17 -21.96
CA VAL C 310 -19.78 11.82 -22.44
C VAL C 310 -18.71 12.51 -21.59
N TRP C 311 -18.84 13.82 -21.45
CA TRP C 311 -17.90 14.66 -20.73
C TRP C 311 -17.39 14.00 -19.46
N PHE C 312 -18.33 13.46 -18.65
CA PHE C 312 -18.08 13.02 -17.28
C PHE C 312 -17.47 11.61 -17.29
N ALA C 313 -17.89 10.78 -18.26
CA ALA C 313 -17.29 9.46 -18.42
C ALA C 313 -15.81 9.64 -18.71
N MET C 314 -15.53 10.53 -19.68
CA MET C 314 -14.19 10.79 -20.20
C MET C 314 -13.30 11.31 -19.07
N ARG C 315 -13.76 12.34 -18.37
CA ARG C 315 -13.01 12.93 -17.28
C ARG C 315 -12.50 11.82 -16.35
N ASP C 316 -13.41 10.90 -16.01
CA ASP C 316 -13.16 9.85 -15.03
C ASP C 316 -12.28 8.76 -15.61
N TYR C 317 -12.45 8.51 -16.91
CA TYR C 317 -11.59 7.56 -17.61
C TYR C 317 -10.16 8.11 -17.76
N MET C 318 -10.00 9.44 -17.83
CA MET C 318 -8.70 10.03 -18.14
C MET C 318 -7.78 10.14 -16.92
N LYS C 319 -8.28 9.81 -15.72
CA LYS C 319 -7.53 10.01 -14.48
C LYS C 319 -6.36 9.03 -14.40
N GLY C 320 -6.61 7.81 -14.87
CA GLY C 320 -5.62 6.75 -14.87
C GLY C 320 -5.77 5.94 -16.15
N LEU C 321 -4.71 5.94 -16.98
CA LEU C 321 -4.71 5.34 -18.30
C LEU C 321 -3.81 4.12 -18.31
N ILE C 322 -4.27 3.04 -18.97
CA ILE C 322 -3.44 1.87 -19.16
C ILE C 322 -2.98 1.83 -20.62
N ILE C 323 -1.64 1.84 -20.82
CA ILE C 323 -1.02 1.80 -22.14
C ILE C 323 -0.47 0.39 -22.40
N SER C 324 -0.02 -0.29 -21.34
CA SER C 324 0.38 -1.67 -21.45
C SER C 324 0.13 -2.34 -20.11
N PRO C 325 -0.37 -3.60 -20.08
CA PRO C 325 -0.69 -4.34 -21.30
C PRO C 325 -1.83 -3.72 -22.12
N LYS C 326 -1.94 -4.12 -23.39
CA LYS C 326 -3.02 -3.70 -24.25
C LYS C 326 -4.13 -4.74 -24.25
N ASN C 327 -5.38 -4.24 -24.25
CA ASN C 327 -6.57 -5.06 -24.30
C ASN C 327 -6.64 -5.80 -25.62
N LYS C 328 -7.16 -7.03 -25.55
CA LYS C 328 -7.01 -8.04 -26.58
C LYS C 328 -5.57 -8.08 -27.10
N SER C 329 -4.61 -8.19 -26.18
CA SER C 329 -3.25 -8.57 -26.53
C SER C 329 -3.00 -10.06 -26.23
N ILE C 330 -2.06 -10.62 -27.00
CA ILE C 330 -1.63 -12.01 -26.95
C ILE C 330 -0.23 -12.05 -26.36
N HIS C 331 -0.06 -12.76 -25.25
CA HIS C 331 1.24 -12.89 -24.62
C HIS C 331 1.64 -14.36 -24.58
N THR C 332 2.90 -14.64 -24.93
CA THR C 332 3.43 -15.99 -24.91
C THR C 332 4.57 -16.01 -23.89
N ASN C 333 4.40 -15.25 -22.81
CA ASN C 333 5.48 -14.95 -21.89
C ASN C 333 4.88 -14.62 -20.53
N THR C 334 5.60 -14.97 -19.47
CA THR C 334 5.09 -14.81 -18.13
C THR C 334 5.38 -13.39 -17.62
N LYS C 335 6.22 -12.63 -18.34
CA LYS C 335 6.49 -11.24 -18.00
C LYS C 335 5.69 -10.31 -18.92
N ILE C 336 4.91 -9.40 -18.32
CA ILE C 336 3.99 -8.52 -19.04
C ILE C 336 4.38 -7.06 -18.80
N PRO C 337 4.95 -6.36 -19.80
CA PRO C 337 5.28 -4.95 -19.63
C PRO C 337 4.03 -4.19 -19.16
N LEU C 338 4.23 -3.29 -18.20
CA LEU C 338 3.17 -2.48 -17.63
C LEU C 338 3.49 -1.00 -17.88
N GLU C 339 2.56 -0.27 -18.47
CA GLU C 339 2.76 1.15 -18.72
C GLU C 339 1.51 1.92 -18.32
N LEU C 340 1.72 3.00 -17.56
CA LEU C 340 0.61 3.78 -17.03
C LEU C 340 0.90 5.28 -17.14
N TYR C 341 -0.16 6.05 -17.46
CA TYR C 341 -0.18 7.50 -17.28
C TYR C 341 -1.23 7.86 -16.22
N ASN C 342 -0.73 8.45 -15.12
CA ASN C 342 -1.54 8.74 -13.94
C ASN C 342 -1.48 10.24 -13.67
N ASP C 343 -2.66 10.85 -13.48
CA ASP C 343 -2.72 12.22 -13.01
C ASP C 343 -2.55 12.21 -11.48
N LYS C 344 -2.59 13.40 -10.88
CA LYS C 344 -2.10 13.61 -9.53
C LYS C 344 -3.07 13.04 -8.48
N ASP C 345 -4.24 12.60 -8.92
CA ASP C 345 -5.25 12.07 -8.01
C ASP C 345 -4.93 10.63 -7.65
N VAL C 346 -4.32 9.88 -8.58
CA VAL C 346 -4.03 8.48 -8.36
C VAL C 346 -2.82 8.34 -7.45
N LYS C 347 -3.06 7.75 -6.27
CA LYS C 347 -2.03 7.53 -5.29
C LYS C 347 -1.77 6.04 -5.07
N LYS C 348 -2.56 5.16 -5.72
CA LYS C 348 -2.30 3.71 -5.68
C LYS C 348 -2.95 3.00 -6.87
N VAL C 349 -2.36 1.89 -7.31
CA VAL C 349 -2.81 1.16 -8.49
C VAL C 349 -2.68 -0.35 -8.25
N VAL C 350 -3.78 -1.09 -8.35
CA VAL C 350 -3.80 -2.50 -7.99
C VAL C 350 -4.35 -3.29 -9.17
N VAL C 351 -3.67 -4.41 -9.50
CA VAL C 351 -4.12 -5.31 -10.55
C VAL C 351 -4.53 -6.63 -9.92
N LYS C 352 -5.71 -7.14 -10.31
CA LYS C 352 -6.23 -8.38 -9.75
C LYS C 352 -6.57 -9.35 -10.87
N PHE C 353 -6.51 -10.64 -10.50
CA PHE C 353 -6.97 -11.73 -11.35
C PHE C 353 -7.63 -12.78 -10.46
N ARG C 354 -8.88 -13.12 -10.80
CA ARG C 354 -9.71 -13.98 -9.97
C ARG C 354 -9.66 -13.47 -8.54
N ASP C 355 -9.97 -12.19 -8.35
CA ASP C 355 -10.01 -11.58 -7.04
C ASP C 355 -8.72 -11.84 -6.26
N LYS C 356 -7.55 -11.86 -6.91
CA LYS C 356 -6.29 -12.02 -6.22
C LYS C 356 -5.30 -10.98 -6.74
N VAL C 357 -4.66 -10.27 -5.80
CA VAL C 357 -3.73 -9.19 -6.15
C VAL C 357 -2.50 -9.79 -6.83
N ILE C 358 -2.09 -9.18 -7.95
CA ILE C 358 -0.88 -9.62 -8.65
C ILE C 358 0.05 -8.46 -8.97
N TYR C 359 -0.36 -7.22 -8.66
CA TYR C 359 0.51 -6.06 -8.72
C TYR C 359 -0.07 -5.02 -7.74
N SER C 360 0.80 -4.17 -7.18
CA SER C 360 0.37 -3.13 -6.26
C SER C 360 1.52 -2.16 -6.02
N LYS C 361 1.31 -0.89 -6.39
CA LYS C 361 2.35 0.12 -6.25
C LYS C 361 1.68 1.42 -5.82
N ASN C 362 2.04 1.89 -4.62
CA ASN C 362 1.67 3.23 -4.21
C ASN C 362 2.35 4.21 -5.16
N ILE C 363 1.65 5.30 -5.52
CA ILE C 363 2.16 6.26 -6.49
C ILE C 363 2.64 7.50 -5.73
N THR C 364 3.93 7.82 -5.89
CA THR C 364 4.53 9.04 -5.35
C THR C 364 4.43 10.15 -6.39
N SER C 365 4.83 9.81 -7.61
CA SER C 365 5.12 10.76 -8.66
C SER C 365 4.24 10.48 -9.87
N GLU C 366 3.61 11.54 -10.42
CA GLU C 366 2.54 11.41 -11.39
C GLU C 366 3.10 11.24 -12.80
N GLY C 367 2.20 10.89 -13.73
CA GLY C 367 2.54 10.81 -15.13
C GLY C 367 2.98 9.38 -15.50
N TYR C 368 4.02 9.30 -16.34
CA TYR C 368 4.46 8.03 -16.90
C TYR C 368 5.06 7.16 -15.80
N MET C 369 4.85 5.86 -15.93
CA MET C 369 5.35 4.92 -14.95
C MET C 369 5.36 3.55 -15.62
N ALA C 370 6.47 2.81 -15.47
CA ALA C 370 6.69 1.55 -16.16
C ALA C 370 7.04 0.45 -15.17
N ASP C 371 6.68 -0.79 -15.48
CA ASP C 371 6.98 -1.91 -14.61
C ASP C 371 6.68 -3.23 -15.31
N GLU C 372 6.76 -4.35 -14.56
CA GLU C 372 6.35 -5.65 -15.08
C GLU C 372 5.35 -6.32 -14.15
N LEU C 373 4.33 -6.97 -14.75
CA LEU C 373 3.49 -7.94 -14.07
C LEU C 373 4.11 -9.31 -14.22
N THR C 374 3.86 -10.21 -13.25
CA THR C 374 4.15 -11.61 -13.44
C THR C 374 2.82 -12.37 -13.47
N ILE C 375 2.70 -13.31 -14.41
CA ILE C 375 1.53 -14.17 -14.46
C ILE C 375 2.00 -15.61 -14.56
N ASP C 376 1.06 -16.55 -14.46
CA ASP C 376 1.37 -17.96 -14.37
C ASP C 376 0.28 -18.76 -15.08
N PRO C 377 0.04 -18.51 -16.37
CA PRO C 377 -1.09 -19.11 -17.06
C PRO C 377 -0.97 -20.62 -17.19
N VAL C 378 -2.11 -21.32 -17.12
CA VAL C 378 -2.12 -22.75 -17.36
C VAL C 378 -2.65 -23.03 -18.76
N GLY C 379 -1.75 -23.56 -19.61
CA GLY C 379 -2.06 -23.89 -20.99
C GLY C 379 -2.25 -22.61 -21.79
N ILE C 380 -3.35 -22.53 -22.55
CA ILE C 380 -3.74 -21.27 -23.15
C ILE C 380 -4.80 -20.63 -22.24
N GLU C 381 -4.56 -19.39 -21.81
CA GLU C 381 -5.38 -18.80 -20.78
C GLU C 381 -5.75 -17.37 -21.17
N ASP C 382 -7.02 -17.20 -21.55
CA ASP C 382 -7.72 -15.92 -21.46
C ASP C 382 -7.83 -15.47 -20.00
N MET C 383 -7.45 -14.21 -19.76
CA MET C 383 -7.41 -13.62 -18.43
C MET C 383 -7.88 -12.17 -18.51
N GLU C 384 -8.95 -11.85 -17.79
CA GLU C 384 -9.31 -10.47 -17.56
C GLU C 384 -8.54 -9.93 -16.36
N LEU C 385 -7.49 -9.14 -16.60
CA LEU C 385 -6.80 -8.42 -15.54
C LEU C 385 -7.69 -7.27 -15.07
N ALA C 386 -7.90 -7.17 -13.76
CA ALA C 386 -8.75 -6.11 -13.22
C ALA C 386 -7.90 -5.05 -12.56
N PHE C 387 -7.91 -3.84 -13.13
CA PHE C 387 -7.15 -2.74 -12.59
C PHE C 387 -8.03 -1.89 -11.68
N GLU C 388 -7.35 -1.13 -10.83
CA GLU C 388 -7.98 -0.33 -9.81
C GLU C 388 -7.09 0.85 -9.51
N PHE C 389 -7.71 2.04 -9.47
CA PHE C 389 -7.06 3.30 -9.20
C PHE C 389 -7.68 3.88 -7.93
N TYR C 390 -6.83 4.23 -6.96
CA TYR C 390 -7.26 4.73 -5.67
C TYR C 390 -6.83 6.19 -5.51
N ASP C 391 -7.57 6.98 -4.70
CA ASP C 391 -7.24 8.38 -4.47
C ASP C 391 -6.59 8.51 -3.10
N SER C 392 -6.45 9.75 -2.59
CA SER C 392 -5.70 10.01 -1.36
C SER C 392 -6.48 9.59 -0.11
N ASP C 393 -7.77 9.27 -0.25
CA ASP C 393 -8.58 8.75 0.85
C ASP C 393 -8.53 7.23 0.87
N ASN C 394 -8.03 6.64 -0.22
CA ASN C 394 -7.97 5.20 -0.41
C ASN C 394 -9.33 4.68 -0.90
N LYS C 395 -9.95 5.39 -1.86
CA LYS C 395 -11.20 4.99 -2.48
C LYS C 395 -11.03 4.89 -4.00
N ILE C 396 -11.61 3.83 -4.59
CA ILE C 396 -11.45 3.55 -6.00
C ILE C 396 -12.16 4.64 -6.83
N ILE C 397 -11.46 5.22 -7.81
CA ILE C 397 -12.01 6.25 -8.68
C ILE C 397 -12.10 5.77 -10.13
N LYS C 398 -11.62 4.56 -10.42
CA LYS C 398 -11.76 4.00 -11.76
C LYS C 398 -11.47 2.50 -11.73
N ASN C 399 -12.29 1.74 -12.48
CA ASN C 399 -12.10 0.32 -12.69
C ASN C 399 -12.05 0.03 -14.20
N GLU C 400 -10.91 -0.46 -14.69
CA GLU C 400 -10.78 -0.90 -16.07
C GLU C 400 -10.12 -2.28 -16.11
N SER C 401 -10.64 -3.14 -17.00
CA SER C 401 -10.04 -4.44 -17.26
C SER C 401 -9.11 -4.35 -18.46
N ILE C 402 -8.14 -5.27 -18.58
CA ILE C 402 -7.44 -5.52 -19.83
C ILE C 402 -7.50 -7.02 -20.11
N ASN C 403 -7.96 -7.39 -21.30
CA ASN C 403 -8.18 -8.77 -21.65
C ASN C 403 -6.96 -9.32 -22.39
N ILE C 404 -6.36 -10.40 -21.86
CA ILE C 404 -5.26 -11.00 -22.59
C ILE C 404 -5.54 -12.48 -22.84
N LEU C 405 -4.78 -13.02 -23.79
CA LEU C 405 -4.69 -14.45 -24.06
C LEU C 405 -3.23 -14.86 -23.88
N ALA C 406 -2.96 -15.70 -22.87
CA ALA C 406 -1.64 -15.84 -22.28
C ALA C 406 -1.21 -17.29 -22.28
N SER C 407 0.10 -17.47 -22.49
CA SER C 407 0.78 -18.74 -22.28
C SER C 407 2.26 -18.52 -21.97
N LYS C 408 2.93 -19.58 -21.54
CA LYS C 408 4.34 -19.49 -21.19
C LYS C 408 5.21 -19.73 -22.41
N THR C 409 4.67 -20.48 -23.38
CA THR C 409 5.33 -20.76 -24.65
C THR C 409 4.36 -20.37 -25.77
N ALA C 410 4.81 -20.47 -27.02
CA ALA C 410 4.04 -20.04 -28.17
C ALA C 410 2.89 -21.01 -28.46
N PHE C 411 1.75 -20.47 -28.93
CA PHE C 411 0.66 -21.31 -29.40
C PHE C 411 0.17 -20.89 -30.78
N GLU C 412 -0.47 -21.85 -31.44
CA GLU C 412 -1.14 -21.68 -32.71
C GLU C 412 -2.34 -20.75 -32.54
N LEU C 413 -2.61 -20.01 -33.62
CA LEU C 413 -3.75 -19.14 -33.76
C LEU C 413 -4.41 -19.47 -35.10
N PRO C 414 -5.72 -19.22 -35.26
CA PRO C 414 -6.34 -19.32 -36.56
C PRO C 414 -5.85 -18.13 -37.37
N GLU C 415 -5.79 -18.32 -38.70
CA GLU C 415 -5.11 -17.36 -39.54
C GLU C 415 -5.96 -17.15 -40.79
N LEU C 416 -6.20 -15.87 -41.10
CA LEU C 416 -6.98 -15.48 -42.26
C LEU C 416 -6.06 -14.69 -43.18
N THR C 417 -6.11 -15.04 -44.46
CA THR C 417 -5.30 -14.43 -45.50
C THR C 417 -6.17 -14.33 -46.74
N ILE C 418 -5.85 -13.37 -47.62
CA ILE C 418 -6.68 -13.10 -48.78
C ILE C 418 -5.80 -12.85 -49.98
N GLU C 419 -6.27 -13.32 -51.16
CA GLU C 419 -5.60 -13.10 -52.43
C GLU C 419 -6.55 -12.33 -53.34
N VAL C 420 -6.08 -11.22 -53.92
CA VAL C 420 -6.92 -10.20 -54.54
C VAL C 420 -6.56 -10.11 -56.01
N THR C 421 -7.57 -10.06 -56.89
CA THR C 421 -7.30 -9.78 -58.29
C THR C 421 -7.85 -8.41 -58.66
N PRO C 422 -7.16 -7.63 -59.52
CA PRO C 422 -5.72 -7.79 -59.76
C PRO C 422 -4.91 -7.57 -58.48
N GLU C 423 -3.71 -8.12 -58.40
CA GLU C 423 -2.93 -8.13 -57.17
C GLU C 423 -2.15 -6.81 -57.03
N LYS C 424 -1.82 -6.16 -58.14
CA LYS C 424 -0.79 -5.14 -58.09
C LYS C 424 -1.27 -3.84 -58.74
N ASP C 425 -1.85 -3.93 -59.93
CA ASP C 425 -2.30 -2.77 -60.65
C ASP C 425 -3.76 -2.94 -61.10
N LEU C 426 -4.62 -1.97 -60.71
CA LEU C 426 -6.05 -2.01 -61.00
C LEU C 426 -6.39 -1.82 -62.48
N ASN C 427 -5.41 -1.39 -63.31
CA ASN C 427 -5.60 -1.28 -64.74
C ASN C 427 -5.71 -2.66 -65.41
N GLU C 428 -5.31 -3.73 -64.73
CA GLU C 428 -5.21 -5.01 -65.39
C GLU C 428 -6.58 -5.66 -65.65
N GLY C 429 -7.63 -5.22 -64.95
CA GLY C 429 -8.95 -5.76 -65.22
C GLY C 429 -10.04 -4.75 -64.88
N LYS C 430 -11.25 -5.05 -65.31
CA LYS C 430 -12.42 -4.27 -64.94
C LYS C 430 -13.11 -4.91 -63.74
N ILE C 431 -12.83 -6.21 -63.50
CA ILE C 431 -13.49 -6.99 -62.44
C ILE C 431 -12.44 -7.48 -61.44
N ALA C 432 -12.74 -7.38 -60.14
CA ALA C 432 -11.85 -7.83 -59.09
C ALA C 432 -12.37 -9.11 -58.44
N SER C 433 -11.52 -9.78 -57.65
CA SER C 433 -11.93 -10.84 -56.73
C SER C 433 -11.13 -10.76 -55.44
N ILE C 434 -11.77 -11.13 -54.31
CA ILE C 434 -11.09 -11.40 -53.04
C ILE C 434 -11.32 -12.86 -52.67
N LYS C 435 -10.25 -13.67 -52.69
CA LYS C 435 -10.30 -15.09 -52.34
C LYS C 435 -9.77 -15.26 -50.92
N THR C 436 -10.67 -15.57 -49.97
CA THR C 436 -10.38 -15.68 -48.55
C THR C 436 -9.96 -17.12 -48.19
N LYS C 437 -9.03 -17.24 -47.25
CA LYS C 437 -8.68 -18.54 -46.72
C LYS C 437 -8.47 -18.43 -45.22
N ILE C 438 -9.28 -19.18 -44.46
CA ILE C 438 -9.19 -19.24 -43.00
C ILE C 438 -8.59 -20.59 -42.62
N GLU C 439 -7.44 -20.55 -41.93
CA GLU C 439 -6.91 -21.73 -41.25
C GLU C 439 -7.52 -21.83 -39.85
N THR C 440 -8.33 -22.87 -39.63
CA THR C 440 -8.96 -23.08 -38.34
C THR C 440 -7.92 -23.61 -37.36
N SER C 441 -8.33 -23.76 -36.11
CA SER C 441 -7.45 -24.18 -35.01
C SER C 441 -8.33 -24.58 -33.83
N GLU C 442 -8.14 -25.76 -33.24
CA GLU C 442 -9.15 -26.26 -32.31
C GLU C 442 -9.18 -25.39 -31.05
N ASN C 443 -10.33 -25.36 -30.40
CA ASN C 443 -10.54 -24.57 -29.20
C ASN C 443 -10.63 -23.08 -29.51
N PHE C 444 -10.25 -22.65 -30.72
CA PHE C 444 -10.68 -21.36 -31.23
C PHE C 444 -12.00 -21.58 -31.98
N THR C 445 -13.02 -20.78 -31.63
CA THR C 445 -14.35 -20.87 -32.23
C THR C 445 -14.53 -19.71 -33.20
N LEU C 446 -14.96 -20.03 -34.43
CA LEU C 446 -15.26 -19.01 -35.42
C LEU C 446 -16.71 -18.56 -35.25
N LEU C 447 -16.87 -17.27 -34.97
CA LEU C 447 -18.25 -16.83 -34.62
C LEU C 447 -18.79 -15.83 -35.63
N ASP C 448 -20.05 -16.01 -36.00
CA ASP C 448 -20.76 -15.01 -36.85
C ASP C 448 -20.45 -15.16 -38.32
N ASP C 449 -20.17 -14.03 -38.94
CA ASP C 449 -20.03 -14.10 -40.42
C ASP C 449 -18.77 -13.45 -40.94
N LEU C 450 -18.02 -14.21 -41.71
CA LEU C 450 -16.95 -13.66 -42.52
C LEU C 450 -17.44 -12.41 -43.24
N LYS C 451 -16.68 -11.31 -43.10
CA LYS C 451 -16.99 -10.04 -43.73
C LYS C 451 -15.90 -9.69 -44.73
N ILE C 452 -16.33 -9.21 -45.92
CA ILE C 452 -15.46 -8.91 -47.05
C ILE C 452 -15.75 -7.46 -47.47
N SER C 453 -14.69 -6.69 -47.79
CA SER C 453 -14.76 -5.28 -48.16
C SER C 453 -13.75 -4.90 -49.26
N TYR C 454 -14.27 -4.23 -50.30
CA TYR C 454 -13.49 -3.60 -51.34
C TYR C 454 -13.73 -2.09 -51.33
N ASN C 455 -12.96 -1.34 -50.54
CA ASN C 455 -13.21 0.08 -50.33
C ASN C 455 -12.53 0.89 -51.44
N THR C 456 -13.34 1.35 -52.39
CA THR C 456 -12.86 1.96 -53.62
C THR C 456 -12.46 3.42 -53.43
N HIS C 457 -12.65 3.95 -52.22
CA HIS C 457 -12.00 5.17 -51.77
C HIS C 457 -12.58 6.42 -52.44
N LEU C 458 -13.66 6.22 -53.22
CA LEU C 458 -14.45 7.28 -53.84
C LEU C 458 -15.08 8.10 -52.73
N GLY C 459 -14.37 9.15 -52.31
CA GLY C 459 -14.88 10.05 -51.29
C GLY C 459 -15.03 9.39 -49.93
N TRP C 460 -16.28 9.31 -49.43
CA TRP C 460 -16.58 8.69 -48.15
C TRP C 460 -17.27 7.33 -48.30
N ALA C 461 -17.76 7.05 -49.53
CA ALA C 461 -18.28 5.73 -49.86
C ALA C 461 -17.29 4.64 -49.44
N ILE C 462 -17.79 3.63 -48.74
CA ILE C 462 -16.91 2.56 -48.30
C ILE C 462 -16.84 1.43 -49.34
N GLY C 463 -17.58 1.52 -50.45
CA GLY C 463 -17.55 0.53 -51.50
C GLY C 463 -18.40 -0.69 -51.14
N SER C 464 -18.37 -1.74 -51.96
CA SER C 464 -19.08 -2.96 -51.62
C SER C 464 -18.50 -3.61 -50.36
N GLN C 465 -19.39 -4.40 -49.73
CA GLN C 465 -19.14 -5.28 -48.61
C GLN C 465 -19.86 -6.61 -48.87
N ALA C 466 -19.64 -7.63 -48.04
CA ALA C 466 -20.43 -8.84 -48.18
C ALA C 466 -20.27 -9.72 -46.95
N SER C 467 -21.37 -10.30 -46.50
CA SER C 467 -21.37 -11.23 -45.38
C SER C 467 -21.48 -12.65 -45.90
N VAL C 468 -20.50 -13.50 -45.58
CA VAL C 468 -20.51 -14.87 -46.06
C VAL C 468 -20.73 -15.81 -44.89
N SER C 469 -21.67 -16.75 -45.06
CA SER C 469 -21.97 -17.75 -44.05
C SER C 469 -20.97 -18.87 -44.19
N ILE C 470 -20.44 -19.35 -43.06
CA ILE C 470 -19.51 -20.48 -43.11
C ILE C 470 -20.15 -21.68 -42.44
N SER C 471 -21.42 -21.54 -42.00
CA SER C 471 -22.15 -22.62 -41.34
C SER C 471 -21.93 -23.95 -42.06
N ASP C 472 -21.99 -23.96 -43.39
CA ASP C 472 -21.77 -25.19 -44.15
C ASP C 472 -20.28 -25.53 -44.32
N GLN C 473 -19.36 -24.91 -43.56
CA GLN C 473 -17.95 -25.28 -43.63
C GLN C 473 -17.26 -25.43 -42.27
N LEU C 474 -18.02 -25.49 -41.17
CA LEU C 474 -17.41 -25.47 -39.83
C LEU C 474 -16.51 -26.70 -39.63
N ASP C 475 -16.86 -27.82 -40.28
CA ASP C 475 -16.08 -29.04 -40.15
C ASP C 475 -14.64 -28.87 -40.65
N LYS C 476 -14.47 -28.04 -41.69
CA LYS C 476 -13.27 -28.08 -42.51
C LYS C 476 -12.10 -27.41 -41.81
N LYS C 477 -10.88 -27.86 -42.16
CA LYS C 477 -9.65 -27.30 -41.61
C LYS C 477 -9.32 -25.99 -42.33
N ILE C 478 -9.57 -25.96 -43.64
CA ILE C 478 -9.42 -24.76 -44.43
C ILE C 478 -10.80 -24.31 -44.93
N ILE C 479 -11.24 -23.11 -44.52
CA ILE C 479 -12.51 -22.56 -45.01
C ILE C 479 -12.18 -21.50 -46.07
N THR C 480 -12.78 -21.61 -47.27
CA THR C 480 -12.40 -20.75 -48.40
C THR C 480 -13.64 -20.04 -48.97
N SER C 481 -13.45 -18.77 -49.40
CA SER C 481 -14.47 -18.01 -50.12
C SER C 481 -13.85 -17.34 -51.35
N GLU C 482 -14.70 -16.95 -52.32
CA GLU C 482 -14.29 -16.15 -53.47
C GLU C 482 -15.41 -15.16 -53.79
N ASN C 483 -15.10 -13.85 -53.80
CA ASN C 483 -16.11 -12.79 -53.83
C ASN C 483 -15.77 -11.71 -54.85
N PHE C 484 -16.63 -11.51 -55.84
CA PHE C 484 -16.35 -10.66 -56.99
C PHE C 484 -16.87 -9.23 -56.81
N PHE C 485 -16.10 -8.25 -57.29
CA PHE C 485 -16.50 -6.86 -57.23
C PHE C 485 -16.12 -6.17 -58.55
N ASN C 486 -17.02 -5.33 -59.05
CA ASN C 486 -16.76 -4.48 -60.21
C ASN C 486 -15.85 -3.33 -59.79
N ILE C 487 -14.82 -3.04 -60.60
CA ILE C 487 -13.87 -1.98 -60.28
C ILE C 487 -14.31 -0.69 -60.95
N PRO C 488 -14.65 0.36 -60.16
CA PRO C 488 -15.01 1.65 -60.73
C PRO C 488 -13.76 2.20 -61.41
N ASP C 489 -13.95 2.65 -62.65
CA ASP C 489 -12.91 3.22 -63.51
C ASP C 489 -12.24 4.42 -62.83
N ASN C 490 -13.00 5.15 -62.00
CA ASN C 490 -12.47 6.26 -61.21
C ASN C 490 -11.93 5.79 -59.86
N CYS C 491 -11.88 4.47 -59.62
CA CYS C 491 -11.21 3.93 -58.44
C CYS C 491 -9.70 4.05 -58.63
N TRP C 492 -9.05 4.89 -57.81
CA TRP C 492 -7.62 5.12 -57.93
C TRP C 492 -6.85 4.18 -57.00
N VAL C 493 -7.45 3.87 -55.85
CA VAL C 493 -6.85 3.02 -54.83
C VAL C 493 -7.96 2.34 -54.05
N VAL C 494 -7.75 1.05 -53.70
CA VAL C 494 -8.73 0.22 -53.00
C VAL C 494 -8.10 -0.42 -51.77
N ASN C 495 -8.93 -0.64 -50.75
CA ASN C 495 -8.53 -1.40 -49.59
C ASN C 495 -9.34 -2.69 -49.59
N ALA C 496 -8.73 -3.76 -50.10
CA ALA C 496 -9.36 -5.07 -50.12
C ALA C 496 -9.02 -5.80 -48.83
N SER C 497 -10.03 -6.03 -48.00
CA SER C 497 -9.88 -6.63 -46.69
C SER C 497 -10.98 -7.66 -46.45
N ALA C 498 -10.70 -8.57 -45.50
CA ALA C 498 -11.65 -9.56 -45.01
C ALA C 498 -11.37 -9.82 -43.54
N GLY C 499 -12.36 -10.40 -42.85
CA GLY C 499 -12.24 -10.54 -41.42
C GLY C 499 -13.41 -11.32 -40.80
N ILE C 500 -13.11 -11.91 -39.64
CA ILE C 500 -14.06 -12.69 -38.85
C ILE C 500 -13.63 -12.64 -37.38
N SER C 501 -14.64 -12.73 -36.52
CA SER C 501 -14.48 -12.75 -35.07
C SER C 501 -14.20 -14.17 -34.59
N VAL C 502 -13.35 -14.27 -33.56
CA VAL C 502 -12.83 -15.55 -33.06
C VAL C 502 -13.00 -15.55 -31.55
N ARG C 503 -13.32 -16.71 -30.93
CA ARG C 503 -13.51 -16.78 -29.47
C ARG C 503 -12.69 -17.92 -28.87
N TYR C 504 -11.84 -17.57 -27.90
CA TYR C 504 -11.20 -18.51 -26.99
C TYR C 504 -11.60 -18.15 -25.57
N GLY C 505 -12.58 -18.86 -24.99
CA GLY C 505 -13.01 -18.59 -23.64
C GLY C 505 -13.82 -17.31 -23.61
N LYS C 506 -13.41 -16.35 -22.76
CA LYS C 506 -14.03 -15.04 -22.64
C LYS C 506 -13.39 -14.03 -23.60
N PHE C 507 -12.35 -14.48 -24.32
CA PHE C 507 -11.51 -13.66 -25.18
C PHE C 507 -11.97 -13.84 -26.62
N THR C 508 -12.25 -12.70 -27.24
CA THR C 508 -12.74 -12.59 -28.59
C THR C 508 -11.91 -11.52 -29.27
N PHE C 509 -11.61 -11.75 -30.55
CA PHE C 509 -10.73 -10.88 -31.31
C PHE C 509 -11.07 -11.13 -32.78
N LYS C 510 -10.36 -10.45 -33.67
CA LYS C 510 -10.63 -10.65 -35.07
C LYS C 510 -9.34 -11.08 -35.75
N ILE C 511 -9.47 -12.02 -36.67
CA ILE C 511 -8.39 -12.38 -37.57
C ILE C 511 -8.78 -11.83 -38.93
N HIS C 512 -7.80 -11.50 -39.76
CA HIS C 512 -8.09 -10.60 -40.87
C HIS C 512 -6.83 -10.35 -41.71
N ASP C 513 -6.96 -9.54 -42.75
CA ASP C 513 -5.94 -9.33 -43.75
C ASP C 513 -6.33 -8.09 -44.54
N GLN C 514 -5.37 -7.52 -45.29
CA GLN C 514 -5.52 -6.23 -45.96
C GLN C 514 -4.52 -6.12 -47.11
N LYS C 515 -5.04 -5.85 -48.31
CA LYS C 515 -4.19 -5.42 -49.43
C LYS C 515 -4.65 -4.03 -49.85
N ILE C 516 -3.69 -3.13 -50.09
CA ILE C 516 -3.94 -1.77 -50.54
C ILE C 516 -3.41 -1.64 -51.97
N ILE C 517 -4.28 -1.56 -52.99
CA ILE C 517 -3.82 -1.69 -54.36
C ILE C 517 -4.25 -0.48 -55.20
N TYR C 518 -3.29 0.07 -55.97
CA TYR C 518 -3.49 1.31 -56.69
C TYR C 518 -3.69 1.07 -58.20
N ARG C 519 -4.25 2.07 -58.89
CA ARG C 519 -4.37 2.01 -60.33
C ARG C 519 -3.17 2.71 -60.96
N GLY C 520 -2.37 1.95 -61.72
CA GLY C 520 -1.11 2.46 -62.22
C GLY C 520 -0.32 3.16 -61.13
N ASP C 521 0.33 4.26 -61.50
CA ASP C 521 1.48 4.75 -60.78
C ASP C 521 1.24 6.12 -60.15
N TRP C 522 -0.02 6.57 -60.12
CA TRP C 522 -0.31 7.91 -59.67
C TRP C 522 0.22 8.14 -58.25
N ALA C 523 0.48 7.05 -57.51
CA ALA C 523 0.84 7.21 -56.11
C ALA C 523 2.31 6.92 -55.89
N LYS C 524 3.12 7.15 -56.93
CA LYS C 524 4.55 6.91 -56.83
C LYS C 524 5.19 7.87 -55.83
N GLU C 525 4.53 9.00 -55.55
CA GLU C 525 5.00 9.95 -54.57
C GLU C 525 4.26 9.75 -53.25
N VAL C 526 2.93 9.92 -53.32
CA VAL C 526 2.13 10.15 -52.12
C VAL C 526 1.87 8.85 -51.36
N GLY C 527 1.91 7.71 -52.05
CA GLY C 527 1.63 6.43 -51.43
C GLY C 527 2.79 5.96 -50.54
N ARG C 528 2.46 5.10 -49.57
CA ARG C 528 3.43 4.54 -48.63
C ARG C 528 4.45 3.68 -49.38
N LYS C 529 5.73 3.85 -49.06
CA LYS C 529 6.83 3.07 -49.66
C LYS C 529 7.11 1.81 -48.83
N LEU C 530 8.08 1.01 -49.33
CA LEU C 530 8.55 -0.26 -48.77
C LEU C 530 7.50 -1.37 -49.01
N SER D 3 23.95 -37.11 -6.71
CA SER D 3 24.03 -35.64 -6.52
C SER D 3 24.24 -35.32 -5.04
N LYS D 4 25.40 -34.75 -4.70
CA LYS D 4 25.68 -34.28 -3.34
C LYS D 4 26.44 -32.95 -3.39
N THR D 5 26.29 -32.13 -2.33
CA THR D 5 26.65 -30.72 -2.38
C THR D 5 28.08 -30.53 -2.86
N LYS D 6 28.26 -29.70 -3.90
CA LYS D 6 29.57 -29.20 -4.27
C LYS D 6 29.85 -27.92 -3.49
N ILE D 7 30.96 -27.89 -2.77
CA ILE D 7 31.33 -26.72 -2.00
C ILE D 7 32.60 -26.14 -2.60
N GLU D 8 32.65 -24.82 -2.72
CA GLU D 8 33.70 -24.22 -3.52
C GLU D 8 34.06 -22.86 -2.91
N LEU D 9 35.34 -22.70 -2.59
CA LEU D 9 35.87 -21.47 -2.00
C LEU D 9 36.57 -20.62 -3.06
N LYS D 10 36.04 -19.41 -3.31
CA LYS D 10 36.62 -18.49 -4.28
C LYS D 10 36.08 -17.07 -4.06
N ASP D 11 36.98 -16.08 -4.16
CA ASP D 11 36.67 -14.70 -3.81
C ASP D 11 36.27 -14.67 -2.33
N ASN D 12 36.88 -15.56 -1.55
CA ASN D 12 36.78 -15.60 -0.09
C ASN D 12 35.35 -15.80 0.41
N TRP D 13 34.57 -16.48 -0.42
CA TRP D 13 33.18 -16.82 -0.16
C TRP D 13 33.04 -18.33 -0.30
N TYR D 14 32.25 -18.92 0.58
CA TYR D 14 31.77 -20.28 0.39
C TYR D 14 30.76 -20.21 -0.75
N HIS D 15 30.63 -21.33 -1.46
CA HIS D 15 29.62 -21.51 -2.48
C HIS D 15 29.06 -22.91 -2.30
N LEU D 16 27.74 -23.02 -2.22
CA LEU D 16 27.09 -24.32 -2.24
C LEU D 16 26.39 -24.46 -3.59
N ASP D 17 26.75 -25.50 -4.33
CA ASP D 17 26.18 -25.68 -5.66
C ASP D 17 26.22 -24.36 -6.43
N GLY D 18 27.36 -23.67 -6.33
CA GLY D 18 27.71 -22.62 -7.27
C GLY D 18 27.06 -21.28 -6.90
N GLU D 19 26.48 -21.22 -5.68
CA GLU D 19 25.76 -20.04 -5.21
C GLU D 19 26.43 -19.57 -3.93
N LYS D 20 26.84 -18.31 -3.89
CA LYS D 20 27.47 -17.76 -2.71
C LYS D 20 26.54 -17.90 -1.50
N TYR D 21 27.07 -18.41 -0.38
CA TYR D 21 26.27 -18.80 0.76
C TYR D 21 26.92 -18.24 2.02
N PHE D 22 26.19 -17.32 2.67
CA PHE D 22 26.62 -16.74 3.93
C PHE D 22 26.21 -17.67 5.05
N ILE D 23 27.18 -18.18 5.82
CA ILE D 23 26.92 -19.17 6.84
C ILE D 23 26.36 -18.42 8.04
N LYS D 24 25.04 -18.56 8.23
CA LYS D 24 24.33 -17.94 9.34
C LYS D 24 24.11 -18.99 10.44
N ALA D 25 25.16 -19.23 11.25
CA ALA D 25 25.20 -20.38 12.11
C ALA D 25 24.90 -19.96 13.53
N ILE D 26 24.82 -20.95 14.44
CA ILE D 26 24.79 -20.71 15.87
C ILE D 26 25.47 -21.87 16.55
N GLY D 27 26.26 -21.58 17.58
CA GLY D 27 26.87 -22.64 18.38
C GLY D 27 25.84 -23.40 19.21
N TYR D 28 25.99 -24.75 19.17
CA TYR D 28 25.04 -25.73 19.70
C TYR D 28 25.76 -26.93 20.32
N GLU D 29 25.70 -27.03 21.65
CA GLU D 29 26.11 -28.20 22.39
C GLU D 29 24.88 -28.92 22.96
N ILE D 30 24.54 -30.10 22.39
CA ILE D 30 23.64 -31.07 23.00
C ILE D 30 24.41 -31.63 24.18
N GLY D 31 23.74 -32.40 25.06
CA GLY D 31 24.39 -33.00 26.19
C GLY D 31 24.74 -32.02 27.32
N ALA D 32 24.07 -30.87 27.40
CA ALA D 32 24.48 -29.87 28.39
C ALA D 32 23.28 -29.21 29.05
N ARG D 33 22.23 -29.98 29.30
CA ARG D 33 21.12 -29.41 30.04
C ARG D 33 21.60 -29.25 31.48
N PRO D 34 20.77 -28.62 32.34
CA PRO D 34 20.97 -28.69 33.79
C PRO D 34 21.00 -30.16 34.24
N GLY D 35 22.10 -30.52 34.91
CA GLY D 35 22.33 -31.88 35.36
C GLY D 35 23.41 -32.63 34.59
N GLN D 36 23.76 -32.15 33.38
CA GLN D 36 24.55 -32.92 32.41
C GLN D 36 25.96 -32.35 32.25
N ALA D 37 26.92 -33.22 31.94
CA ALA D 37 28.26 -32.79 31.60
C ALA D 37 28.70 -33.57 30.37
N PRO D 38 28.82 -32.91 29.21
CA PRO D 38 28.92 -33.64 27.96
C PRO D 38 30.26 -34.36 27.87
N TYR D 39 31.32 -33.81 28.45
CA TYR D 39 32.62 -34.46 28.34
C TYR D 39 32.74 -35.56 29.40
N GLU D 40 31.97 -35.47 30.51
CA GLU D 40 32.08 -36.37 31.64
C GLU D 40 31.09 -37.50 31.54
N ASP D 41 29.84 -37.22 31.13
CA ASP D 41 28.77 -38.21 31.17
C ASP D 41 29.00 -39.28 30.10
N GLU D 42 28.40 -40.46 30.28
CA GLU D 42 28.19 -41.38 29.17
C GLU D 42 27.47 -40.65 28.05
N ARG D 43 27.98 -40.72 26.82
CA ARG D 43 27.36 -40.01 25.71
C ARG D 43 26.05 -40.68 25.32
N LYS D 44 25.03 -39.87 25.00
CA LYS D 44 23.78 -40.36 24.45
C LYS D 44 23.40 -39.50 23.25
N ASP D 45 22.71 -40.12 22.29
CA ASP D 45 22.28 -39.44 21.08
C ASP D 45 21.28 -38.33 21.41
N GLU D 46 20.37 -38.63 22.35
CA GLU D 46 19.45 -37.64 22.87
C GLU D 46 18.72 -36.95 21.72
N LEU D 47 18.06 -37.75 20.87
CA LEU D 47 17.43 -37.26 19.66
C LEU D 47 16.29 -36.30 20.00
N GLU D 48 15.46 -36.69 20.99
CA GLU D 48 14.22 -35.99 21.28
C GLU D 48 14.49 -34.50 21.52
N LEU D 49 15.50 -34.19 22.34
CA LEU D 49 15.81 -32.81 22.67
C LEU D 49 16.37 -32.12 21.42
N MET D 50 17.17 -32.83 20.61
CA MET D 50 17.64 -32.21 19.37
C MET D 50 16.46 -31.76 18.51
N LYS D 51 15.42 -32.61 18.35
CA LYS D 51 14.32 -32.26 17.47
C LYS D 51 13.70 -30.92 17.90
N PHE D 52 13.64 -30.71 19.22
CA PHE D 52 13.13 -29.47 19.77
C PHE D 52 14.12 -28.34 19.55
N ASP D 53 15.42 -28.59 19.66
CA ASP D 53 16.40 -27.52 19.51
C ASP D 53 16.56 -27.16 18.03
N LEU D 54 16.73 -28.17 17.19
CA LEU D 54 17.02 -27.91 15.79
C LEU D 54 15.85 -27.13 15.19
N GLU D 55 14.63 -27.55 15.53
CA GLU D 55 13.44 -26.85 15.06
C GLU D 55 13.43 -25.41 15.59
N ASN D 56 13.85 -25.20 16.85
CA ASN D 56 13.91 -23.85 17.38
C ASN D 56 14.91 -23.03 16.59
N ILE D 57 16.03 -23.69 16.24
CA ILE D 57 17.18 -23.05 15.61
C ILE D 57 16.80 -22.58 14.21
N LYS D 58 16.05 -23.41 13.46
CA LYS D 58 15.44 -22.97 12.21
C LYS D 58 14.53 -21.77 12.48
N GLU D 59 13.45 -21.93 13.26
CA GLU D 59 12.59 -20.81 13.59
C GLU D 59 13.41 -19.61 14.08
N GLY D 60 14.67 -19.79 14.47
CA GLY D 60 15.45 -18.72 15.06
C GLY D 60 16.19 -17.87 14.03
N GLY D 61 16.13 -18.28 12.75
CA GLY D 61 16.74 -17.54 11.65
C GLY D 61 18.03 -18.14 11.08
N TYR D 62 18.54 -19.23 11.66
CA TYR D 62 19.86 -19.77 11.39
C TYR D 62 19.75 -20.82 10.29
N ASN D 63 20.79 -20.95 9.46
CA ASN D 63 20.88 -22.01 8.46
C ASN D 63 21.95 -23.02 8.85
N THR D 64 22.69 -22.81 9.96
CA THR D 64 23.76 -23.70 10.33
C THR D 64 23.96 -23.80 11.85
N ILE D 65 24.41 -24.99 12.33
CA ILE D 65 24.91 -25.19 13.69
C ILE D 65 26.42 -25.47 13.67
N ARG D 66 27.05 -25.04 14.77
CA ARG D 66 28.49 -25.20 14.97
C ARG D 66 28.74 -25.94 16.28
N THR D 67 29.48 -27.05 16.26
CA THR D 67 29.59 -27.91 17.42
C THR D 67 31.06 -28.07 17.78
N TRP D 68 31.36 -28.48 19.03
CA TRP D 68 32.75 -28.60 19.50
C TRP D 68 33.21 -30.04 19.60
N SER D 69 32.34 -30.97 19.21
CA SER D 69 32.51 -32.38 19.49
C SER D 69 31.64 -33.20 18.54
N GLN D 70 32.18 -34.33 18.08
CA GLN D 70 31.67 -35.11 16.96
C GLN D 70 30.29 -35.68 17.26
N TYR D 71 29.41 -35.65 16.25
CA TYR D 71 28.08 -36.22 16.37
C TYR D 71 28.15 -37.72 16.05
N SER D 72 27.17 -38.48 16.54
CA SER D 72 27.01 -39.86 16.12
C SER D 72 26.30 -39.88 14.77
N GLU D 73 26.33 -41.01 14.09
CA GLU D 73 25.68 -41.17 12.79
C GLU D 73 24.19 -40.89 12.93
N ASN D 74 23.58 -41.45 13.97
CA ASN D 74 22.18 -41.25 14.32
C ASN D 74 21.90 -39.77 14.49
N GLN D 75 22.75 -39.05 15.25
CA GLN D 75 22.60 -37.60 15.39
C GLN D 75 22.81 -36.91 14.05
N LEU D 76 23.74 -37.39 13.24
CA LEU D 76 23.92 -36.80 11.94
C LEU D 76 22.63 -36.94 11.15
N LYS D 77 21.97 -38.10 11.26
CA LYS D 77 20.82 -38.37 10.42
C LYS D 77 19.76 -37.29 10.63
N LEU D 78 19.70 -36.79 11.86
CA LEU D 78 18.69 -35.86 12.28
C LEU D 78 19.03 -34.50 11.71
N VAL D 79 20.31 -34.13 11.77
CA VAL D 79 20.72 -32.87 11.19
C VAL D 79 20.43 -32.93 9.69
N GLN D 80 20.82 -34.04 9.04
CA GLN D 80 20.56 -34.20 7.62
C GLN D 80 19.10 -33.83 7.31
N GLU D 81 18.18 -34.52 7.98
CA GLU D 81 16.76 -34.42 7.66
C GLU D 81 16.22 -33.04 8.03
N SER D 82 16.96 -32.29 8.84
CA SER D 82 16.42 -31.11 9.48
C SER D 82 16.50 -29.92 8.53
N GLY D 83 17.41 -30.05 7.56
CA GLY D 83 17.69 -29.03 6.54
C GLY D 83 18.90 -28.17 6.90
N LEU D 84 19.35 -28.29 8.17
CA LEU D 84 20.37 -27.41 8.72
C LEU D 84 21.75 -27.82 8.21
N LYS D 85 22.71 -26.90 8.28
CA LYS D 85 24.08 -27.16 7.89
C LYS D 85 24.93 -27.23 9.16
N LEU D 86 26.00 -28.03 9.10
CA LEU D 86 26.76 -28.42 10.28
C LEU D 86 28.25 -28.15 10.03
N ILE D 87 28.82 -27.34 10.91
CA ILE D 87 30.25 -27.25 11.10
C ILE D 87 30.55 -28.11 12.33
N MET D 88 31.16 -29.28 12.13
CA MET D 88 31.30 -30.27 13.19
C MET D 88 32.68 -30.13 13.81
N GLY D 89 32.70 -30.01 15.14
CA GLY D 89 33.96 -29.95 15.87
C GLY D 89 34.49 -31.36 16.16
N ILE D 90 35.82 -31.52 16.16
CA ILE D 90 36.38 -32.77 16.62
C ILE D 90 37.01 -32.53 17.99
N ASP D 91 36.54 -33.27 19.01
CA ASP D 91 37.08 -33.18 20.36
C ASP D 91 38.43 -33.89 20.43
N ILE D 92 39.47 -33.15 19.99
CA ILE D 92 40.85 -33.39 20.31
C ILE D 92 41.15 -32.55 21.55
N LYS D 93 41.63 -33.16 22.62
CA LYS D 93 41.72 -32.43 23.87
C LYS D 93 42.85 -31.39 23.74
N PRO D 94 42.57 -30.08 23.92
CA PRO D 94 43.61 -29.03 23.84
C PRO D 94 44.74 -29.07 24.85
N GLU D 95 44.53 -29.78 25.97
CA GLU D 95 45.51 -29.84 27.05
C GLU D 95 46.49 -31.00 26.90
N GLU D 96 46.19 -32.01 26.05
CA GLU D 96 47.07 -33.14 25.82
C GLU D 96 48.36 -32.77 25.08
N ASP D 97 49.34 -33.68 25.14
CA ASP D 97 50.57 -33.51 24.40
C ASP D 97 50.36 -33.95 22.95
N TYR D 98 50.46 -32.99 22.02
CA TYR D 98 50.26 -33.28 20.61
C TYR D 98 51.38 -34.18 20.11
N GLY D 99 52.51 -34.21 20.84
CA GLY D 99 53.74 -34.82 20.36
C GLY D 99 53.85 -36.27 20.83
N ASP D 100 52.85 -36.67 21.61
CA ASP D 100 52.77 -38.03 22.12
C ASP D 100 52.26 -38.93 21.00
N PRO D 101 53.07 -39.89 20.51
CA PRO D 101 52.64 -40.79 19.45
C PRO D 101 51.30 -41.45 19.78
N GLU D 102 51.10 -41.76 21.05
CA GLU D 102 49.90 -42.45 21.47
C GLU D 102 48.68 -41.53 21.21
N PHE D 103 48.84 -40.23 21.51
CA PHE D 103 47.75 -39.28 21.32
C PHE D 103 47.47 -39.14 19.83
N VAL D 104 48.52 -39.04 19.02
CA VAL D 104 48.35 -38.91 17.59
C VAL D 104 47.59 -40.14 17.10
N LYS D 105 47.95 -41.31 17.60
CA LYS D 105 47.38 -42.54 17.07
C LYS D 105 45.91 -42.65 17.45
N ASP D 106 45.51 -42.28 18.67
CA ASP D 106 44.10 -42.36 19.03
C ASP D 106 43.29 -41.33 18.24
N SER D 107 43.90 -40.16 17.97
CA SER D 107 43.28 -39.09 17.23
C SER D 107 42.94 -39.57 15.82
N GLU D 108 43.97 -39.97 15.07
CA GLU D 108 43.78 -40.55 13.74
C GLU D 108 42.59 -41.51 13.75
N ILE D 109 42.60 -42.46 14.70
CA ILE D 109 41.72 -43.63 14.68
C ILE D 109 40.30 -43.17 14.89
N GLU D 110 40.15 -42.16 15.75
CA GLU D 110 38.85 -41.65 16.16
C GLU D 110 38.28 -40.82 15.03
N LEU D 111 39.15 -40.07 14.37
CA LEU D 111 38.74 -39.20 13.27
C LEU D 111 38.33 -40.08 12.10
N LYS D 112 39.16 -41.08 11.78
CA LYS D 112 38.85 -41.96 10.68
C LYS D 112 37.53 -42.67 10.98
N ARG D 113 37.27 -42.91 12.28
CA ARG D 113 36.12 -43.71 12.68
C ARG D 113 34.87 -42.93 12.33
N VAL D 114 34.86 -41.67 12.76
CA VAL D 114 33.77 -40.72 12.51
C VAL D 114 33.61 -40.59 10.99
N LEU D 115 34.73 -40.25 10.34
CA LEU D 115 34.75 -39.94 8.91
C LEU D 115 34.15 -41.09 8.13
N ASN D 116 34.11 -42.27 8.72
CA ASN D 116 33.72 -43.44 7.97
C ASN D 116 32.23 -43.41 7.68
N TYR D 117 31.46 -42.70 8.51
CA TYR D 117 30.04 -42.51 8.25
C TYR D 117 29.75 -41.05 7.90
N ALA D 118 30.42 -40.10 8.58
CA ALA D 118 30.18 -38.68 8.36
C ALA D 118 30.22 -38.33 6.88
N LYS D 119 31.03 -39.08 6.14
CA LYS D 119 31.31 -38.76 4.75
C LYS D 119 30.10 -38.99 3.87
N LYS D 120 28.95 -39.40 4.46
CA LYS D 120 27.74 -39.65 3.70
C LYS D 120 26.71 -38.55 3.97
N TYR D 121 27.07 -37.58 4.80
CA TYR D 121 26.13 -36.55 5.19
C TYR D 121 26.61 -35.20 4.65
N ASP D 122 26.04 -34.80 3.49
CA ASP D 122 26.48 -33.59 2.82
C ASP D 122 26.08 -32.34 3.59
N CYS D 123 25.31 -32.48 4.67
CA CYS D 123 25.01 -31.32 5.50
C CYS D 123 26.30 -30.75 6.10
N ILE D 124 27.35 -31.55 6.22
CA ILE D 124 28.59 -31.02 6.77
C ILE D 124 29.28 -30.10 5.75
N ILE D 125 29.69 -28.90 6.21
CA ILE D 125 30.29 -27.95 5.31
C ILE D 125 31.64 -27.48 5.83
N THR D 126 32.03 -27.86 7.04
CA THR D 126 33.33 -27.45 7.58
C THR D 126 33.69 -28.27 8.82
N TYR D 127 34.87 -28.93 8.84
CA TYR D 127 35.34 -29.61 10.04
C TYR D 127 36.26 -28.69 10.84
N LEU D 128 36.00 -28.54 12.16
CA LEU D 128 36.91 -27.86 13.07
C LEU D 128 37.77 -28.91 13.77
N VAL D 129 39.08 -28.84 13.55
CA VAL D 129 39.98 -29.90 13.97
C VAL D 129 40.34 -29.77 15.45
N ILE D 130 40.22 -28.58 16.02
CA ILE D 130 40.60 -28.36 17.40
C ILE D 130 40.04 -27.03 17.89
N ASN D 131 39.89 -26.89 19.20
CA ASN D 131 39.35 -25.66 19.77
C ASN D 131 40.28 -25.08 20.83
N GLU D 132 40.44 -23.75 20.79
CA GLU D 132 41.26 -22.98 21.71
C GLU D 132 42.45 -23.78 22.25
N PRO D 133 43.45 -24.05 21.40
CA PRO D 133 44.77 -24.42 21.87
C PRO D 133 45.40 -23.19 22.50
N GLN D 134 45.95 -23.37 23.69
CA GLN D 134 46.63 -22.30 24.39
C GLN D 134 48.06 -22.11 23.87
N THR D 135 48.65 -20.96 24.21
CA THR D 135 49.93 -20.51 23.69
C THR D 135 51.06 -21.12 24.50
N ASP D 136 51.02 -20.96 25.82
CA ASP D 136 52.04 -21.55 26.69
C ASP D 136 52.12 -23.07 26.45
N HIS D 137 50.96 -23.68 26.16
CA HIS D 137 50.87 -25.12 25.99
C HIS D 137 51.59 -25.55 24.74
N ILE D 138 51.32 -24.84 23.64
CA ILE D 138 51.99 -25.12 22.37
C ILE D 138 53.51 -25.01 22.55
N HIS D 139 53.95 -23.88 23.13
CA HIS D 139 55.35 -23.68 23.46
C HIS D 139 55.93 -24.87 24.23
N SER D 140 55.18 -25.40 25.20
CA SER D 140 55.69 -26.47 26.06
C SER D 140 55.84 -27.76 25.27
N VAL D 141 54.89 -28.05 24.35
CA VAL D 141 54.95 -29.28 23.57
C VAL D 141 55.65 -29.06 22.22
N THR D 142 55.89 -27.77 21.87
CA THR D 142 56.53 -27.32 20.64
C THR D 142 55.47 -27.05 19.58
N GLY D 143 55.65 -25.98 18.84
CA GLY D 143 54.81 -25.70 17.69
C GLY D 143 54.95 -26.79 16.63
N LYS D 144 56.13 -27.40 16.55
CA LYS D 144 56.31 -28.49 15.61
C LYS D 144 55.26 -29.57 15.90
N ALA D 145 55.13 -29.99 17.16
CA ALA D 145 54.17 -31.03 17.46
C ALA D 145 52.79 -30.57 16.98
N PHE D 146 52.44 -29.34 17.34
CA PHE D 146 51.15 -28.81 16.93
C PHE D 146 50.98 -28.89 15.42
N VAL D 147 51.94 -28.34 14.67
CA VAL D 147 51.71 -28.19 13.24
C VAL D 147 51.58 -29.57 12.61
N ASP D 148 52.38 -30.52 13.07
CA ASP D 148 52.37 -31.86 12.51
C ASP D 148 51.00 -32.50 12.75
N LEU D 149 50.46 -32.35 13.98
CA LEU D 149 49.18 -32.93 14.33
C LEU D 149 48.11 -32.43 13.36
N MET D 150 48.01 -31.10 13.30
CA MET D 150 47.05 -30.43 12.43
C MET D 150 47.16 -30.99 11.02
N ASN D 151 48.39 -31.05 10.48
CA ASN D 151 48.58 -31.52 9.12
C ASN D 151 48.07 -32.96 8.97
N THR D 152 48.27 -33.78 10.01
CA THR D 152 47.84 -35.18 10.00
C THR D 152 46.31 -35.22 9.93
N LEU D 153 45.65 -34.51 10.84
CA LEU D 153 44.19 -34.49 10.86
C LEU D 153 43.64 -33.88 9.56
N ILE D 154 44.22 -32.77 9.08
CA ILE D 154 43.71 -32.14 7.87
C ILE D 154 43.71 -33.15 6.72
N ASN D 155 44.84 -33.84 6.52
CA ASN D 155 44.98 -34.69 5.35
C ASN D 155 44.04 -35.90 5.42
N ILE D 156 43.77 -36.41 6.63
CA ILE D 156 42.81 -37.50 6.80
C ILE D 156 41.40 -37.03 6.43
N ILE D 157 41.04 -35.78 6.73
CA ILE D 157 39.70 -35.29 6.41
C ILE D 157 39.63 -35.04 4.91
N HIS D 158 40.71 -34.51 4.32
CA HIS D 158 40.71 -34.21 2.90
C HIS D 158 40.51 -35.47 2.07
N LYS D 159 41.00 -36.62 2.55
CA LYS D 159 40.85 -37.89 1.84
C LYS D 159 39.60 -38.62 2.31
N GLY D 160 39.24 -38.46 3.60
CA GLY D 160 38.22 -39.28 4.19
C GLY D 160 36.82 -38.77 3.88
N HIS D 161 36.72 -37.43 3.81
CA HIS D 161 35.52 -36.73 3.38
C HIS D 161 35.91 -35.65 2.39
N PRO D 162 36.17 -36.02 1.12
CA PRO D 162 36.63 -35.04 0.14
C PRO D 162 35.63 -33.89 -0.04
N GLY D 163 36.18 -32.70 -0.27
CA GLY D 163 35.40 -31.52 -0.61
C GLY D 163 35.08 -30.67 0.59
N ILE D 164 35.32 -31.17 1.82
CA ILE D 164 34.84 -30.40 2.96
C ILE D 164 35.99 -29.61 3.57
N PRO D 165 35.93 -28.26 3.55
CA PRO D 165 36.92 -27.40 4.19
C PRO D 165 37.16 -27.83 5.62
N VAL D 166 38.41 -27.66 6.08
CA VAL D 166 38.82 -27.88 7.44
C VAL D 166 39.57 -26.67 7.97
N THR D 167 39.18 -26.19 9.15
CA THR D 167 39.93 -25.18 9.88
C THR D 167 39.90 -25.52 11.38
N LEU D 168 40.23 -24.54 12.23
CA LEU D 168 40.26 -24.74 13.66
C LEU D 168 39.60 -23.53 14.32
N SER D 169 38.96 -23.72 15.47
CA SER D 169 38.46 -22.62 16.29
C SER D 169 39.62 -22.04 17.10
N ALA D 170 40.46 -21.23 16.47
CA ALA D 170 41.51 -20.60 17.25
C ALA D 170 40.91 -19.35 17.86
N ASN D 171 41.38 -18.99 19.05
CA ASN D 171 40.89 -17.78 19.70
C ASN D 171 41.70 -16.57 19.23
N ALA D 172 41.02 -15.49 18.83
CA ALA D 172 41.71 -14.36 18.24
C ALA D 172 42.50 -13.54 19.23
N MET D 173 42.13 -13.51 20.50
CA MET D 173 42.90 -12.72 21.43
C MET D 173 44.24 -13.37 21.80
N ILE D 174 44.37 -14.71 21.67
CA ILE D 174 45.56 -15.41 22.14
C ILE D 174 46.26 -16.16 21.02
N SER D 175 45.59 -16.29 19.87
CA SER D 175 46.18 -17.04 18.77
C SER D 175 46.34 -16.15 17.53
N ASP D 176 46.45 -14.85 17.78
CA ASP D 176 46.70 -13.92 16.70
C ASP D 176 47.90 -14.39 15.87
N TYR D 177 49.00 -14.72 16.54
CA TYR D 177 50.28 -14.97 15.88
C TYR D 177 50.20 -16.16 14.93
N MET D 178 49.34 -17.13 15.25
CA MET D 178 49.37 -18.45 14.65
C MET D 178 49.06 -18.41 13.16
N ASP D 179 49.88 -19.06 12.35
CA ASP D 179 49.63 -19.22 10.94
C ASP D 179 48.39 -20.09 10.76
N GLU D 180 47.49 -19.73 9.83
CA GLU D 180 46.37 -20.60 9.51
C GLU D 180 46.40 -21.04 8.04
N SER D 181 47.53 -20.85 7.35
CA SER D 181 47.58 -21.11 5.91
C SER D 181 47.49 -22.59 5.56
N ILE D 182 47.75 -23.50 6.49
CA ILE D 182 47.55 -24.91 6.19
C ILE D 182 46.05 -25.24 6.07
N PHE D 183 45.19 -24.39 6.63
CA PHE D 183 43.77 -24.69 6.61
C PHE D 183 43.15 -24.15 5.31
N ASP D 184 41.96 -24.68 5.02
CA ASP D 184 41.21 -24.28 3.85
C ASP D 184 40.58 -22.91 4.12
N VAL D 185 40.30 -22.63 5.41
CA VAL D 185 39.47 -21.50 5.79
C VAL D 185 40.13 -20.79 6.98
N TYR D 186 40.06 -19.45 7.03
CA TYR D 186 40.46 -18.73 8.22
C TYR D 186 39.28 -18.72 9.19
N ALA D 187 39.55 -18.81 10.51
CA ALA D 187 38.50 -18.77 11.53
C ALA D 187 39.06 -18.25 12.84
N TYR D 188 38.23 -17.52 13.60
CA TYR D 188 38.63 -17.13 14.94
C TYR D 188 37.47 -17.14 15.97
N ASN D 189 37.82 -17.28 17.26
CA ASN D 189 36.87 -17.01 18.32
C ASN D 189 37.07 -15.55 18.71
N CYS D 190 36.12 -14.71 18.28
CA CYS D 190 36.28 -13.27 18.38
C CYS D 190 35.41 -12.72 19.51
N TYR D 191 36.03 -12.10 20.52
CA TYR D 191 35.29 -11.53 21.63
C TYR D 191 35.78 -10.09 21.84
N ASP D 192 34.79 -9.18 21.85
CA ASP D 192 34.98 -7.76 22.04
C ASP D 192 34.67 -7.43 23.50
N HIS D 193 35.68 -7.43 24.37
CA HIS D 193 35.55 -6.91 25.72
C HIS D 193 36.32 -5.59 25.83
N ASN D 194 36.52 -4.88 24.72
CA ASN D 194 37.27 -3.63 24.71
C ASN D 194 38.44 -3.66 25.70
N GLU D 195 39.39 -4.61 25.54
CA GLU D 195 40.62 -4.64 26.34
C GLU D 195 41.80 -5.10 25.48
N GLY D 196 43.02 -4.66 25.82
CA GLY D 196 44.18 -4.98 25.02
C GLY D 196 43.96 -4.67 23.54
N GLN D 197 43.92 -5.72 22.70
CA GLN D 197 43.86 -5.54 21.25
C GLN D 197 42.57 -4.86 20.79
N THR D 198 41.44 -5.18 21.44
CA THR D 198 40.16 -4.65 21.04
C THR D 198 39.97 -3.25 21.65
N ALA D 199 40.93 -2.80 22.45
CA ALA D 199 40.87 -1.47 23.05
C ALA D 199 41.67 -0.48 22.18
N THR D 200 42.82 -0.96 21.67
CA THR D 200 43.64 -0.13 20.82
C THR D 200 43.03 -0.07 19.40
N MET D 201 42.81 -1.22 18.78
CA MET D 201 42.39 -1.23 17.38
C MET D 201 40.87 -1.21 17.31
N GLY D 202 40.22 -1.71 18.37
CA GLY D 202 38.81 -1.93 18.29
C GLY D 202 38.51 -3.24 17.55
N PHE D 203 37.28 -3.72 17.76
CA PHE D 203 36.87 -5.06 17.37
C PHE D 203 36.98 -5.22 15.85
N LYS D 204 36.28 -4.35 15.08
CA LYS D 204 36.26 -4.51 13.65
C LYS D 204 37.69 -4.54 13.11
N ASP D 205 38.51 -3.54 13.49
CA ASP D 205 39.84 -3.42 12.94
C ASP D 205 40.76 -4.55 13.36
N TYR D 206 40.75 -4.90 14.65
CA TYR D 206 41.63 -5.94 15.15
C TYR D 206 41.41 -7.20 14.34
N ILE D 207 40.14 -7.62 14.25
CA ILE D 207 39.86 -8.85 13.54
C ILE D 207 40.22 -8.70 12.07
N LYS D 208 39.96 -7.51 11.51
CA LYS D 208 40.22 -7.19 10.12
C LYS D 208 41.73 -7.25 9.87
N GLY D 209 42.51 -6.78 10.85
CA GLY D 209 43.97 -6.78 10.73
C GLY D 209 44.54 -8.20 10.68
N LEU D 210 43.91 -9.13 11.41
CA LEU D 210 44.34 -10.52 11.31
C LEU D 210 44.08 -11.00 9.89
N ASN D 211 42.92 -10.61 9.34
CA ASN D 211 42.54 -11.11 8.03
C ASN D 211 43.50 -10.61 6.96
N GLU D 212 44.02 -9.38 7.15
CA GLU D 212 44.97 -8.79 6.23
C GLU D 212 46.35 -9.43 6.39
N LEU D 213 46.73 -9.75 7.63
CA LEU D 213 47.95 -10.52 7.83
C LEU D 213 47.74 -11.93 7.31
N ASN D 214 46.53 -12.50 7.40
CA ASN D 214 46.39 -13.86 6.88
C ASN D 214 46.46 -13.88 5.36
N GLY D 215 46.28 -12.72 4.69
CA GLY D 215 46.58 -12.54 3.28
C GLY D 215 45.36 -12.52 2.35
N LEU D 216 44.14 -12.48 2.88
CA LEU D 216 42.96 -12.27 2.05
C LEU D 216 42.77 -13.33 0.95
N ASP D 217 43.32 -14.55 1.12
CA ASP D 217 43.25 -15.54 0.06
C ASP D 217 42.31 -16.70 0.42
N LYS D 218 41.48 -16.54 1.46
CA LYS D 218 40.57 -17.59 1.86
C LYS D 218 39.31 -17.02 2.48
N PRO D 219 38.20 -17.79 2.48
CA PRO D 219 37.06 -17.45 3.30
C PRO D 219 37.56 -17.30 4.74
N PHE D 220 36.96 -16.33 5.43
CA PHE D 220 37.17 -16.07 6.83
C PHE D 220 35.81 -16.07 7.54
N ILE D 221 35.69 -16.89 8.59
CA ILE D 221 34.44 -17.00 9.31
C ILE D 221 34.72 -16.80 10.80
N THR D 222 33.74 -16.34 11.58
CA THR D 222 33.86 -16.35 13.03
C THR D 222 33.24 -17.62 13.57
N THR D 223 33.94 -18.23 14.52
CA THR D 223 33.52 -19.49 15.10
C THR D 223 32.87 -19.26 16.46
N GLU D 224 33.17 -18.13 17.12
CA GLU D 224 32.40 -17.72 18.29
C GLU D 224 32.34 -16.20 18.41
N PHE D 225 31.34 -15.71 19.17
CA PHE D 225 31.30 -14.35 19.68
C PHE D 225 30.02 -14.20 20.51
N GLY D 226 30.00 -13.35 21.55
CA GLY D 226 28.84 -13.41 22.40
C GLY D 226 29.13 -12.86 23.78
N TYR D 227 28.08 -12.83 24.63
CA TYR D 227 28.18 -12.22 25.93
C TYR D 227 27.41 -13.06 26.95
N SER D 228 27.78 -12.88 28.23
CA SER D 228 27.18 -13.68 29.34
C SER D 228 26.34 -12.83 30.29
N VAL D 229 25.13 -13.32 30.61
CA VAL D 229 24.23 -12.59 31.54
C VAL D 229 24.29 -13.27 32.92
N SER D 230 25.47 -13.31 33.52
CA SER D 230 25.67 -14.00 34.81
C SER D 230 25.41 -12.98 35.93
N PRO D 231 24.74 -13.35 37.04
CA PRO D 231 24.45 -12.35 38.07
C PRO D 231 25.65 -11.49 38.46
N GLU D 232 26.79 -12.13 38.69
CA GLU D 232 28.01 -11.40 38.98
C GLU D 232 29.18 -12.17 38.40
N GLY D 233 30.40 -11.71 38.71
CA GLY D 233 31.60 -12.44 38.37
C GLY D 233 32.12 -12.08 36.99
N GLY D 234 33.35 -12.50 36.69
CA GLY D 234 34.04 -12.16 35.45
C GLY D 234 34.88 -10.89 35.64
N ASN D 235 35.19 -10.18 34.55
CA ASN D 235 35.72 -8.83 34.67
C ASN D 235 35.17 -8.02 33.51
N GLY D 236 34.91 -6.72 33.74
CA GLY D 236 34.40 -5.86 32.68
C GLY D 236 33.23 -6.57 32.00
N GLN D 237 33.24 -6.63 30.67
CA GLN D 237 32.15 -7.21 29.91
C GLN D 237 32.26 -8.74 29.79
N TYR D 238 33.36 -9.31 30.28
CA TYR D 238 33.37 -10.74 30.46
C TYR D 238 32.51 -10.98 31.70
N GLY D 239 31.32 -11.56 31.48
CA GLY D 239 30.35 -11.83 32.55
C GLY D 239 29.60 -10.58 33.01
N SER D 240 28.55 -10.80 33.83
CA SER D 240 27.80 -9.73 34.49
C SER D 240 27.22 -8.71 33.51
N ASN D 241 26.80 -9.13 32.31
CA ASN D 241 26.08 -8.25 31.41
C ASN D 241 24.59 -8.40 31.66
N THR D 242 23.81 -7.31 31.49
CA THR D 242 22.35 -7.37 31.54
C THR D 242 21.87 -8.02 30.25
N LEU D 243 20.57 -8.30 30.17
CA LEU D 243 20.02 -9.07 29.05
C LEU D 243 20.09 -8.24 27.77
N LYS D 244 20.02 -6.92 27.99
CA LYS D 244 19.99 -5.83 27.02
C LYS D 244 21.39 -5.56 26.50
N GLN D 245 22.37 -5.58 27.42
CA GLN D 245 23.77 -5.49 27.03
C GLN D 245 24.12 -6.67 26.14
N GLN D 246 23.73 -7.86 26.61
CA GLN D 246 23.91 -9.07 25.83
C GLN D 246 23.28 -8.89 24.44
N SER D 247 22.09 -8.30 24.34
CA SER D 247 21.44 -8.26 23.05
C SER D 247 22.14 -7.29 22.08
N ASP D 248 22.42 -6.07 22.55
CA ASP D 248 23.10 -5.08 21.75
C ASP D 248 24.51 -5.59 21.37
N GLY D 249 25.24 -6.18 22.31
CA GLY D 249 26.59 -6.68 22.03
C GLY D 249 26.61 -7.67 20.86
N LEU D 250 25.58 -8.54 20.83
CA LEU D 250 25.48 -9.55 19.77
C LEU D 250 25.27 -8.90 18.41
N ILE D 251 24.32 -7.96 18.35
CA ILE D 251 24.06 -7.19 17.13
C ILE D 251 25.31 -6.44 16.72
N SER D 252 25.97 -5.83 17.71
CA SER D 252 27.18 -5.05 17.53
C SER D 252 28.36 -5.92 17.06
N ASN D 253 28.62 -7.06 17.71
CA ASN D 253 29.66 -7.95 17.22
C ASN D 253 29.33 -8.36 15.79
N TYR D 254 28.07 -8.68 15.49
CA TYR D 254 27.67 -9.21 14.20
C TYR D 254 28.03 -8.23 13.09
N ARG D 255 27.78 -6.94 13.32
CA ARG D 255 28.08 -5.94 12.32
C ARG D 255 29.60 -5.79 12.21
N ASP D 256 30.26 -5.63 13.37
CA ASP D 256 31.70 -5.40 13.41
C ASP D 256 32.51 -6.46 12.66
N LEU D 257 32.10 -7.73 12.76
CA LEU D 257 32.86 -8.83 12.19
C LEU D 257 32.62 -8.92 10.69
N ILE D 258 31.41 -8.59 10.23
CA ILE D 258 31.16 -8.59 8.80
C ILE D 258 32.07 -7.51 8.18
N ASP D 259 32.14 -6.37 8.89
CA ASP D 259 32.93 -5.21 8.51
C ASP D 259 34.41 -5.55 8.52
N ALA D 260 34.77 -6.60 9.29
CA ALA D 260 36.12 -7.12 9.32
C ALA D 260 36.40 -8.09 8.17
N GLY D 261 35.36 -8.55 7.46
CA GLY D 261 35.54 -9.44 6.32
C GLY D 261 34.79 -10.77 6.42
N ALA D 262 34.09 -11.04 7.52
CA ALA D 262 33.48 -12.35 7.69
C ALA D 262 32.48 -12.65 6.58
N VAL D 263 32.50 -13.89 6.08
CA VAL D 263 31.45 -14.38 5.19
C VAL D 263 30.78 -15.58 5.82
N GLY D 264 30.96 -15.78 7.13
CA GLY D 264 30.25 -16.83 7.85
C GLY D 264 30.27 -16.55 9.35
N MET D 265 29.12 -16.71 10.01
CA MET D 265 29.03 -16.28 11.40
C MET D 265 28.54 -17.40 12.34
N CYS D 266 29.26 -17.56 13.44
CA CYS D 266 28.90 -18.53 14.44
C CYS D 266 28.69 -17.83 15.78
N PRO D 267 27.57 -17.06 15.96
CA PRO D 267 27.27 -16.41 17.24
C PRO D 267 27.39 -17.40 18.38
N PHE D 268 27.82 -16.93 19.55
CA PHE D 268 28.11 -17.92 20.63
C PHE D 268 26.94 -18.39 21.50
N TYR D 269 26.58 -19.67 21.36
CA TYR D 269 25.64 -20.37 22.29
C TYR D 269 24.16 -20.10 22.11
N TYR D 270 23.41 -21.21 22.00
CA TYR D 270 21.95 -21.16 21.96
C TYR D 270 21.45 -21.31 23.37
N ALA D 271 22.06 -22.22 24.15
CA ALA D 271 21.53 -22.50 25.49
C ALA D 271 22.63 -22.54 26.55
N ASP D 272 22.34 -22.06 27.76
CA ASP D 272 23.33 -22.17 28.84
C ASP D 272 23.74 -23.62 29.09
N GLY D 273 24.96 -23.73 29.63
CA GLY D 273 25.57 -24.96 30.10
C GLY D 273 26.04 -24.79 31.54
N TRP D 274 25.28 -25.36 32.49
CA TRP D 274 25.55 -25.23 33.91
C TRP D 274 26.78 -26.01 34.34
N TRP D 275 27.31 -26.85 33.43
CA TRP D 275 28.52 -27.62 33.70
C TRP D 275 29.80 -26.78 33.60
N LYS D 276 29.75 -25.66 32.88
CA LYS D 276 30.98 -25.02 32.40
C LYS D 276 31.77 -24.39 33.54
N GLY D 277 31.11 -24.14 34.66
CA GLY D 277 31.82 -23.48 35.77
C GLY D 277 32.06 -24.44 36.90
N GLY D 278 31.65 -25.69 36.71
CA GLY D 278 31.78 -26.67 37.79
C GLY D 278 30.51 -27.46 38.00
N GLU D 279 29.76 -27.15 39.05
CA GLU D 279 28.59 -27.98 39.40
C GLU D 279 27.61 -28.02 38.22
N LYS D 280 27.32 -29.21 37.71
CA LYS D 280 26.49 -29.46 36.55
C LYS D 280 25.03 -29.35 36.95
N SER D 281 24.78 -29.29 38.26
CA SER D 281 23.43 -29.06 38.76
C SER D 281 23.34 -27.79 39.61
N ASP D 282 24.34 -26.89 39.57
CA ASP D 282 24.24 -25.58 40.18
C ASP D 282 24.55 -24.53 39.11
N HIS D 283 23.57 -23.62 38.90
CA HIS D 283 23.75 -22.40 38.13
C HIS D 283 24.40 -21.37 39.03
N SER D 284 25.74 -21.34 39.00
CA SER D 284 26.53 -20.42 39.81
C SER D 284 26.21 -18.98 39.43
N LEU D 285 26.06 -18.12 40.44
CA LEU D 285 25.66 -16.73 40.25
C LEU D 285 26.86 -15.98 39.71
N ASN D 286 28.08 -16.53 39.95
CA ASN D 286 29.27 -15.80 39.57
C ASN D 286 30.15 -16.65 38.68
N GLN D 287 29.54 -17.50 37.83
CA GLN D 287 30.32 -18.22 36.83
C GLN D 287 29.92 -17.74 35.44
N PRO D 288 30.60 -16.69 34.92
CA PRO D 288 30.35 -16.20 33.57
C PRO D 288 30.16 -17.29 32.51
N GLU D 289 30.81 -18.43 32.70
CA GLU D 289 30.79 -19.49 31.70
C GLU D 289 29.36 -20.03 31.57
N GLU D 290 28.58 -19.93 32.65
CA GLU D 290 27.36 -20.71 32.74
C GLU D 290 26.17 -19.90 32.23
N TRP D 291 26.39 -18.71 31.63
CA TRP D 291 25.29 -17.81 31.30
C TRP D 291 25.38 -17.20 29.92
N PHE D 292 26.06 -17.86 28.95
CA PHE D 292 26.25 -17.32 27.60
C PHE D 292 25.08 -17.67 26.67
N GLY D 293 24.01 -18.27 27.20
CA GLY D 293 22.91 -18.76 26.36
C GLY D 293 22.13 -17.63 25.72
N PHE D 294 21.55 -17.90 24.54
CA PHE D 294 20.39 -17.18 24.05
C PHE D 294 19.13 -17.73 24.74
N TRP D 295 19.23 -18.97 25.29
CA TRP D 295 18.14 -19.62 26.01
C TRP D 295 18.57 -19.95 27.44
N GLY D 296 17.63 -19.82 28.37
CA GLY D 296 17.88 -19.88 29.79
C GLY D 296 17.03 -20.99 30.41
N TYR D 297 17.61 -21.71 31.38
CA TYR D 297 16.91 -22.82 32.02
C TYR D 297 16.41 -22.29 33.36
N SER D 298 15.12 -22.52 33.59
CA SER D 298 14.37 -22.01 34.71
C SER D 298 14.95 -22.50 36.03
N ASP D 299 14.98 -23.83 36.18
CA ASP D 299 15.50 -24.54 37.35
C ASP D 299 16.06 -25.89 36.89
N LEU D 300 16.47 -26.75 37.83
CA LEU D 300 17.28 -27.92 37.48
C LEU D 300 16.49 -28.88 36.59
N ASN D 301 15.17 -28.99 36.79
CA ASN D 301 14.40 -30.01 36.10
C ASN D 301 13.98 -29.54 34.71
N ASP D 302 14.37 -28.32 34.31
CA ASP D 302 13.95 -27.74 33.05
C ASP D 302 14.86 -28.20 31.91
N LYS D 303 14.26 -28.97 30.98
CA LYS D 303 14.90 -29.48 29.78
C LYS D 303 14.68 -28.60 28.54
N TYR D 304 13.95 -27.48 28.66
CA TYR D 304 13.48 -26.75 27.48
C TYR D 304 13.97 -25.30 27.52
N GLY D 305 13.62 -24.58 28.58
CA GLY D 305 14.10 -23.22 28.79
C GLY D 305 13.25 -22.20 28.02
N THR D 306 13.70 -20.95 28.02
CA THR D 306 13.03 -19.94 27.23
C THR D 306 14.08 -19.02 26.60
N PRO D 307 13.81 -18.51 25.38
CA PRO D 307 14.72 -17.57 24.74
C PRO D 307 14.79 -16.22 25.45
N ARG D 308 16.00 -15.76 25.77
CA ARG D 308 16.20 -14.38 26.17
C ARG D 308 16.09 -13.39 24.99
N PRO D 309 16.00 -12.08 25.29
CA PRO D 309 15.85 -11.09 24.23
C PRO D 309 16.81 -11.21 23.04
N VAL D 310 18.07 -11.57 23.28
CA VAL D 310 19.03 -11.52 22.19
C VAL D 310 18.57 -12.41 21.02
N TRP D 311 17.85 -13.50 21.33
CA TRP D 311 17.36 -14.42 20.32
C TRP D 311 16.61 -13.67 19.25
N PHE D 312 15.67 -12.84 19.73
CA PHE D 312 14.72 -12.15 18.88
C PHE D 312 15.44 -11.06 18.07
N ALA D 313 16.38 -10.37 18.74
CA ALA D 313 17.23 -9.37 18.12
C ALA D 313 17.97 -10.00 16.94
N MET D 314 18.55 -11.19 17.20
CA MET D 314 19.42 -11.86 16.23
C MET D 314 18.62 -12.34 15.03
N ARG D 315 17.42 -12.89 15.29
CA ARG D 315 16.59 -13.38 14.20
C ARG D 315 16.27 -12.24 13.24
N ASP D 316 15.60 -11.22 13.80
CA ASP D 316 15.21 -9.99 13.11
C ASP D 316 16.40 -9.46 12.30
N TYR D 317 17.58 -9.38 12.93
CA TYR D 317 18.73 -8.75 12.29
C TYR D 317 19.20 -9.56 11.09
N MET D 318 19.03 -10.89 11.19
CA MET D 318 19.58 -11.84 10.22
C MET D 318 18.77 -11.91 8.93
N LYS D 319 17.66 -11.16 8.82
CA LYS D 319 16.72 -11.35 7.73
C LYS D 319 17.26 -10.70 6.46
N GLY D 320 18.14 -9.72 6.66
CA GLY D 320 18.83 -9.09 5.57
C GLY D 320 20.19 -8.56 6.04
N LEU D 321 21.27 -9.12 5.49
CA LEU D 321 22.58 -8.74 5.92
C LEU D 321 23.26 -7.90 4.84
N ILE D 322 23.94 -6.85 5.31
CA ILE D 322 24.76 -5.98 4.52
C ILE D 322 26.20 -6.44 4.68
N ILE D 323 26.75 -7.04 3.62
CA ILE D 323 28.17 -7.38 3.60
C ILE D 323 28.98 -6.18 3.12
N SER D 324 28.42 -5.41 2.18
CA SER D 324 29.06 -4.24 1.60
C SER D 324 27.97 -3.22 1.23
N PRO D 325 28.16 -1.90 1.42
CA PRO D 325 29.33 -1.31 2.08
C PRO D 325 29.47 -1.64 3.56
N LYS D 326 30.72 -1.65 4.03
CA LYS D 326 31.03 -1.97 5.40
C LYS D 326 30.95 -0.70 6.22
N ASN D 327 30.39 -0.82 7.45
CA ASN D 327 30.34 0.26 8.40
C ASN D 327 31.75 0.68 8.78
N LYS D 328 31.90 2.00 8.97
CA LYS D 328 33.20 2.59 9.20
C LYS D 328 34.16 2.39 8.03
N SER D 329 33.65 2.22 6.80
CA SER D 329 34.51 2.10 5.63
C SER D 329 34.81 3.47 5.03
N ILE D 330 35.87 3.50 4.24
CA ILE D 330 36.34 4.70 3.58
C ILE D 330 36.30 4.47 2.07
N HIS D 331 35.74 5.46 1.36
CA HIS D 331 35.44 5.31 -0.04
C HIS D 331 35.90 6.57 -0.77
N THR D 332 36.72 6.37 -1.83
CA THR D 332 37.31 7.49 -2.55
C THR D 332 36.72 7.55 -3.97
N ASN D 333 35.58 6.88 -4.16
CA ASN D 333 34.92 6.82 -5.46
C ASN D 333 33.40 6.86 -5.27
N THR D 334 32.74 7.47 -6.26
CA THR D 334 31.32 7.77 -6.16
C THR D 334 30.49 6.51 -6.40
N LYS D 335 31.15 5.42 -6.83
CA LYS D 335 30.49 4.13 -6.95
C LYS D 335 30.91 3.27 -5.78
N ILE D 336 29.90 2.67 -5.15
CA ILE D 336 30.04 1.90 -3.93
C ILE D 336 29.54 0.49 -4.22
N PRO D 337 30.40 -0.56 -4.14
CA PRO D 337 29.94 -1.94 -4.30
C PRO D 337 28.90 -2.24 -3.22
N LEU D 338 27.84 -2.94 -3.62
CA LEU D 338 26.76 -3.30 -2.72
C LEU D 338 26.62 -4.82 -2.79
N GLU D 339 26.83 -5.49 -1.64
CA GLU D 339 26.60 -6.92 -1.52
C GLU D 339 25.65 -7.16 -0.35
N LEU D 340 24.64 -8.01 -0.57
CA LEU D 340 23.60 -8.30 0.42
C LEU D 340 23.27 -9.79 0.44
N TYR D 341 22.88 -10.29 1.62
CA TYR D 341 22.34 -11.64 1.78
C TYR D 341 20.93 -11.56 2.36
N ASN D 342 19.94 -12.01 1.60
CA ASN D 342 18.55 -11.79 1.95
C ASN D 342 17.86 -13.13 2.14
N ASP D 343 17.16 -13.30 3.28
CA ASP D 343 16.26 -14.43 3.44
C ASP D 343 15.03 -14.18 2.59
N LYS D 344 14.20 -15.22 2.47
CA LYS D 344 13.18 -15.26 1.44
C LYS D 344 12.08 -14.23 1.67
N ASP D 345 12.09 -13.55 2.82
CA ASP D 345 11.03 -12.62 3.18
C ASP D 345 11.32 -11.19 2.75
N VAL D 346 12.56 -10.92 2.31
CA VAL D 346 12.94 -9.61 1.82
C VAL D 346 12.46 -9.53 0.38
N LYS D 347 11.58 -8.57 0.10
CA LYS D 347 11.02 -8.39 -1.23
C LYS D 347 11.48 -7.07 -1.85
N LYS D 348 12.00 -6.15 -1.04
CA LYS D 348 12.56 -4.90 -1.56
C LYS D 348 13.59 -4.37 -0.56
N VAL D 349 14.59 -3.65 -1.09
CA VAL D 349 15.61 -2.99 -0.28
C VAL D 349 15.80 -1.59 -0.81
N VAL D 350 15.92 -0.63 0.10
CA VAL D 350 16.02 0.77 -0.26
C VAL D 350 17.13 1.36 0.60
N VAL D 351 17.85 2.33 0.04
CA VAL D 351 18.92 3.01 0.75
C VAL D 351 18.59 4.49 0.64
N LYS D 352 18.60 5.19 1.77
CA LYS D 352 18.31 6.61 1.77
C LYS D 352 19.51 7.38 2.28
N PHE D 353 19.64 8.64 1.84
CA PHE D 353 20.64 9.53 2.38
C PHE D 353 19.97 10.89 2.56
N ARG D 354 20.17 11.49 3.74
CA ARG D 354 19.46 12.69 4.18
C ARG D 354 17.99 12.64 3.73
N ASP D 355 17.34 11.49 3.89
CA ASP D 355 15.91 11.33 3.70
C ASP D 355 15.50 11.19 2.26
N LYS D 356 16.44 11.08 1.30
CA LYS D 356 16.11 10.84 -0.09
C LYS D 356 16.61 9.46 -0.52
N VAL D 357 15.82 8.77 -1.36
CA VAL D 357 16.21 7.50 -1.94
C VAL D 357 17.42 7.68 -2.86
N ILE D 358 18.37 6.73 -2.81
CA ILE D 358 19.50 6.68 -3.74
C ILE D 358 19.63 5.29 -4.36
N TYR D 359 18.99 4.29 -3.75
CA TYR D 359 18.92 2.95 -4.32
C TYR D 359 17.59 2.30 -3.96
N SER D 360 16.96 1.64 -4.92
CA SER D 360 15.73 0.88 -4.66
C SER D 360 15.61 -0.28 -5.63
N LYS D 361 15.87 -1.50 -5.11
CA LYS D 361 15.72 -2.72 -5.89
C LYS D 361 14.59 -3.55 -5.29
N ASN D 362 13.84 -4.21 -6.17
CA ASN D 362 12.86 -5.21 -5.82
C ASN D 362 13.54 -6.56 -5.94
N ILE D 363 13.57 -7.32 -4.84
CA ILE D 363 14.36 -8.55 -4.76
C ILE D 363 13.52 -9.72 -5.25
N THR D 364 13.88 -10.28 -6.41
CA THR D 364 13.18 -11.43 -6.96
C THR D 364 13.72 -12.72 -6.35
N SER D 365 15.04 -12.83 -6.19
CA SER D 365 15.64 -14.06 -5.71
C SER D 365 16.26 -13.90 -4.32
N GLU D 366 16.14 -14.93 -3.48
CA GLU D 366 16.73 -14.84 -2.17
C GLU D 366 18.21 -15.16 -2.24
N GLY D 367 18.92 -14.82 -1.15
CA GLY D 367 20.33 -15.12 -1.00
C GLY D 367 21.24 -13.97 -1.46
N TYR D 368 22.36 -14.32 -2.12
CA TYR D 368 23.40 -13.35 -2.36
C TYR D 368 22.95 -12.52 -3.51
N MET D 369 23.22 -11.21 -3.44
CA MET D 369 22.88 -10.24 -4.47
C MET D 369 23.96 -9.17 -4.45
N ALA D 370 24.38 -8.69 -5.64
CA ALA D 370 25.44 -7.70 -5.76
C ALA D 370 25.02 -6.57 -6.69
N ASP D 371 25.49 -5.35 -6.41
CA ASP D 371 25.08 -4.17 -7.17
C ASP D 371 26.01 -3.01 -6.81
N GLU D 372 25.69 -1.81 -7.30
CA GLU D 372 26.45 -0.60 -6.99
C GLU D 372 25.54 0.49 -6.46
N LEU D 373 26.08 1.32 -5.55
CA LEU D 373 25.41 2.54 -5.12
C LEU D 373 26.02 3.70 -5.90
N THR D 374 25.29 4.82 -6.03
CA THR D 374 25.91 6.05 -6.47
C THR D 374 25.61 7.19 -5.49
N ILE D 375 26.67 7.64 -4.82
CA ILE D 375 26.67 8.80 -3.94
C ILE D 375 27.34 9.98 -4.65
N ASP D 376 27.00 11.21 -4.23
CA ASP D 376 27.58 12.43 -4.80
C ASP D 376 28.14 13.28 -3.67
N PRO D 377 29.17 12.82 -2.94
CA PRO D 377 29.65 13.54 -1.75
C PRO D 377 30.40 14.83 -2.05
N VAL D 378 30.28 15.83 -1.15
CA VAL D 378 31.02 17.07 -1.27
C VAL D 378 32.28 17.05 -0.42
N GLY D 379 33.37 17.57 -1.00
CA GLY D 379 34.62 17.67 -0.27
C GLY D 379 34.94 16.29 0.26
N ILE D 380 35.17 16.23 1.58
CA ILE D 380 35.07 14.99 2.31
C ILE D 380 33.77 15.08 3.10
N GLU D 381 32.96 14.04 3.06
CA GLU D 381 31.63 14.09 3.73
C GLU D 381 31.31 12.80 4.48
N ASP D 382 30.88 12.91 5.74
CA ASP D 382 30.42 11.73 6.51
C ASP D 382 29.04 11.37 6.02
N MET D 383 28.73 10.08 5.88
CA MET D 383 27.41 9.71 5.31
C MET D 383 26.78 8.50 6.00
N GLU D 384 25.68 8.70 6.75
CA GLU D 384 24.93 7.58 7.29
C GLU D 384 23.97 7.07 6.22
N LEU D 385 24.28 5.89 5.68
CA LEU D 385 23.50 5.28 4.62
C LEU D 385 22.37 4.49 5.27
N ALA D 386 21.14 4.74 4.86
CA ALA D 386 20.02 4.22 5.64
C ALA D 386 19.33 3.10 4.89
N PHE D 387 19.61 1.86 5.30
CA PHE D 387 19.05 0.70 4.64
C PHE D 387 17.70 0.35 5.26
N GLU D 388 16.80 -0.13 4.39
CA GLU D 388 15.43 -0.37 4.74
C GLU D 388 14.95 -1.64 4.02
N PHE D 389 14.69 -2.72 4.78
CA PHE D 389 14.24 -3.99 4.19
C PHE D 389 12.72 -4.17 4.33
N TYR D 390 12.06 -4.40 3.18
CA TYR D 390 10.61 -4.52 3.11
C TYR D 390 10.19 -5.94 2.74
N ASP D 391 9.01 -6.34 3.23
CA ASP D 391 8.45 -7.67 3.03
C ASP D 391 7.47 -7.63 1.86
N SER D 392 6.63 -8.67 1.70
CA SER D 392 5.68 -8.77 0.59
C SER D 392 4.39 -8.00 0.85
N ASP D 393 4.27 -7.26 1.95
CA ASP D 393 3.17 -6.32 2.10
C ASP D 393 3.74 -4.90 2.13
N ASN D 394 5.00 -4.79 1.72
CA ASN D 394 5.73 -3.53 1.63
C ASN D 394 5.91 -2.90 3.01
N LYS D 395 6.12 -3.73 4.07
CA LYS D 395 6.27 -3.25 5.44
C LYS D 395 7.70 -3.39 5.91
N ILE D 396 8.31 -2.30 6.37
CA ILE D 396 9.70 -2.31 6.77
C ILE D 396 9.84 -3.35 7.86
N ILE D 397 10.77 -4.29 7.68
CA ILE D 397 11.01 -5.28 8.72
C ILE D 397 12.37 -5.05 9.36
N LYS D 398 13.18 -4.15 8.80
CA LYS D 398 14.49 -3.93 9.37
C LYS D 398 15.03 -2.58 8.92
N ASN D 399 15.60 -1.85 9.89
CA ASN D 399 16.45 -0.71 9.62
C ASN D 399 17.87 -1.09 9.99
N GLU D 400 18.85 -0.45 9.36
CA GLU D 400 20.27 -0.61 9.64
C GLU D 400 20.99 0.47 8.86
N SER D 401 21.90 1.16 9.55
CA SER D 401 22.68 2.23 8.94
C SER D 401 24.06 1.69 8.58
N ILE D 402 24.64 2.17 7.47
CA ILE D 402 26.08 2.00 7.24
C ILE D 402 26.72 3.37 7.12
N ASN D 403 27.69 3.63 7.99
CA ASN D 403 28.31 4.95 8.11
C ASN D 403 29.60 4.86 7.33
N ILE D 404 29.72 5.70 6.30
CA ILE D 404 30.91 5.69 5.48
C ILE D 404 31.49 7.08 5.56
N LEU D 405 32.76 7.22 5.17
CA LEU D 405 33.41 8.51 5.06
C LEU D 405 33.89 8.63 3.62
N ALA D 406 33.20 9.45 2.83
CA ALA D 406 33.22 9.35 1.37
C ALA D 406 33.93 10.54 0.73
N SER D 407 34.46 10.35 -0.48
CA SER D 407 34.89 11.49 -1.29
C SER D 407 35.04 11.10 -2.76
N LYS D 408 35.16 12.10 -3.63
CA LYS D 408 35.20 11.85 -5.06
C LYS D 408 36.62 11.53 -5.53
N THR D 409 37.61 11.82 -4.65
CA THR D 409 38.99 11.34 -4.81
C THR D 409 39.59 11.15 -3.41
N ALA D 410 40.85 10.73 -3.38
CA ALA D 410 41.50 10.34 -2.15
C ALA D 410 41.86 11.54 -1.29
N PHE D 411 42.00 11.30 0.02
CA PHE D 411 42.30 12.32 1.01
C PHE D 411 43.24 11.74 2.07
N GLU D 412 43.98 12.66 2.71
CA GLU D 412 44.94 12.37 3.75
C GLU D 412 44.23 12.05 5.07
N LEU D 413 44.35 10.82 5.55
CA LEU D 413 43.95 10.44 6.90
C LEU D 413 45.06 10.79 7.89
N PRO D 414 44.75 10.98 9.18
CA PRO D 414 45.79 10.93 10.22
C PRO D 414 46.26 9.48 10.36
N GLU D 415 47.45 9.29 10.92
CA GLU D 415 47.95 7.93 10.99
C GLU D 415 48.81 7.73 12.22
N LEU D 416 48.66 6.54 12.82
CA LEU D 416 49.39 6.18 14.01
C LEU D 416 50.30 5.02 13.62
N THR D 417 51.57 5.13 14.02
CA THR D 417 52.50 4.03 13.89
C THR D 417 53.24 3.89 15.22
N ILE D 418 53.81 2.71 15.47
CA ILE D 418 54.58 2.46 16.68
C ILE D 418 55.90 1.79 16.32
N GLU D 419 56.85 1.84 17.27
CA GLU D 419 58.17 1.24 17.13
C GLU D 419 58.47 0.57 18.47
N VAL D 420 58.72 -0.74 18.44
CA VAL D 420 58.69 -1.52 19.67
C VAL D 420 60.09 -2.01 20.00
N THR D 421 60.41 -2.05 21.29
CA THR D 421 61.67 -2.63 21.72
C THR D 421 61.36 -3.79 22.68
N PRO D 422 62.05 -4.95 22.59
CA PRO D 422 62.77 -5.38 21.39
C PRO D 422 61.93 -5.55 20.13
N GLU D 423 62.46 -5.12 18.99
CA GLU D 423 61.79 -5.20 17.68
C GLU D 423 61.55 -6.64 17.24
N LYS D 424 62.60 -7.47 17.19
CA LYS D 424 62.49 -8.76 16.52
C LYS D 424 62.38 -9.91 17.52
N ASP D 425 63.23 -9.91 18.56
CA ASP D 425 63.38 -11.10 19.39
C ASP D 425 63.43 -10.72 20.87
N LEU D 426 62.47 -11.20 21.65
CA LEU D 426 62.26 -10.78 23.02
C LEU D 426 63.46 -11.10 23.91
N ASN D 427 64.28 -12.08 23.52
CA ASN D 427 65.44 -12.48 24.32
C ASN D 427 66.39 -11.30 24.52
N GLU D 428 66.29 -10.28 23.68
CA GLU D 428 67.23 -9.17 23.68
C GLU D 428 67.11 -8.28 24.91
N GLY D 429 65.96 -8.29 25.58
CA GLY D 429 65.81 -7.49 26.79
C GLY D 429 64.87 -8.20 27.77
N LYS D 430 64.95 -7.73 29.03
CA LYS D 430 63.92 -8.03 30.02
C LYS D 430 62.92 -6.88 30.12
N ILE D 431 63.21 -5.74 29.47
CA ILE D 431 62.29 -4.60 29.43
C ILE D 431 61.97 -4.26 27.98
N ALA D 432 60.72 -3.90 27.71
CA ALA D 432 60.29 -3.49 26.39
C ALA D 432 59.80 -2.04 26.44
N SER D 433 59.79 -1.37 25.28
CA SER D 433 59.15 -0.07 25.17
C SER D 433 58.27 -0.06 23.93
N ILE D 434 57.21 0.77 23.96
CA ILE D 434 56.45 1.16 22.78
C ILE D 434 56.52 2.68 22.61
N LYS D 435 57.13 3.12 21.51
CA LYS D 435 57.14 4.52 21.10
C LYS D 435 56.02 4.74 20.10
N THR D 436 55.03 5.55 20.48
CA THR D 436 53.84 5.82 19.68
C THR D 436 54.02 7.12 18.91
N LYS D 437 53.65 7.13 17.61
CA LYS D 437 53.80 8.31 16.77
C LYS D 437 52.54 8.56 15.93
N ILE D 438 51.93 9.74 16.13
CA ILE D 438 50.67 10.10 15.52
C ILE D 438 50.85 11.34 14.67
N GLU D 439 50.48 11.21 13.39
CA GLU D 439 50.55 12.29 12.43
C GLU D 439 49.16 12.87 12.23
N THR D 440 49.04 14.18 12.49
CA THR D 440 47.75 14.83 12.52
C THR D 440 47.44 15.35 11.12
N SER D 441 46.16 15.29 10.76
CA SER D 441 45.62 16.07 9.65
C SER D 441 44.63 17.07 10.24
N GLU D 442 44.46 18.24 9.61
CA GLU D 442 43.48 19.19 10.09
C GLU D 442 42.08 18.75 9.67
N ASN D 443 41.10 18.96 10.55
CA ASN D 443 39.70 18.67 10.25
C ASN D 443 39.33 17.25 10.66
N PHE D 444 40.32 16.42 10.97
CA PHE D 444 40.06 15.19 11.70
C PHE D 444 40.48 15.41 13.15
N THR D 445 39.57 15.13 14.08
CA THR D 445 39.79 15.46 15.48
C THR D 445 40.23 14.19 16.21
N LEU D 446 41.39 14.28 16.86
CA LEU D 446 41.81 13.27 17.80
C LEU D 446 41.03 13.47 19.10
N LEU D 447 40.83 12.40 19.85
CA LEU D 447 40.13 12.59 21.10
C LEU D 447 40.60 11.67 22.21
N ASP D 448 40.06 11.96 23.40
CA ASP D 448 40.25 11.20 24.63
C ASP D 448 41.70 10.80 24.77
N ASP D 449 41.93 9.49 24.78
CA ASP D 449 43.19 8.90 25.26
C ASP D 449 43.73 7.87 24.28
N LEU D 450 44.96 8.15 23.88
CA LEU D 450 45.79 7.13 23.29
C LEU D 450 45.88 5.95 24.26
N LYS D 451 45.60 4.74 23.74
CA LYS D 451 45.67 3.51 24.51
C LYS D 451 46.79 2.62 23.97
N ILE D 452 47.52 1.94 24.88
CA ILE D 452 48.68 1.13 24.55
C ILE D 452 48.55 -0.23 25.25
N SER D 453 48.76 -1.32 24.50
CA SER D 453 48.71 -2.67 25.06
C SER D 453 50.03 -3.37 24.78
N TYR D 454 50.50 -4.17 25.74
CA TYR D 454 51.58 -5.14 25.57
C TYR D 454 51.11 -6.52 26.06
N ASN D 455 50.39 -7.22 25.19
CA ASN D 455 49.68 -8.43 25.60
C ASN D 455 50.64 -9.59 25.49
N THR D 456 51.16 -9.99 26.67
CA THR D 456 52.24 -10.94 26.83
C THR D 456 51.80 -12.36 26.45
N HIS D 457 50.47 -12.64 26.45
CA HIS D 457 49.88 -13.88 25.94
C HIS D 457 49.89 -15.02 26.99
N LEU D 458 50.04 -14.66 28.27
CA LEU D 458 50.12 -15.59 29.37
C LEU D 458 48.71 -16.08 29.68
N GLY D 459 48.32 -17.24 29.16
CA GLY D 459 46.95 -17.68 29.23
C GLY D 459 46.01 -16.57 28.72
N TRP D 460 45.00 -16.20 29.54
CA TRP D 460 43.98 -15.23 29.16
C TRP D 460 44.36 -13.82 29.61
N ALA D 461 45.44 -13.73 30.41
CA ALA D 461 45.95 -12.43 30.82
C ALA D 461 46.38 -11.63 29.60
N ILE D 462 45.80 -10.43 29.45
CA ILE D 462 46.01 -9.52 28.33
C ILE D 462 47.24 -8.64 28.57
N GLY D 463 47.82 -8.69 29.79
CA GLY D 463 49.04 -7.94 30.10
C GLY D 463 48.77 -6.44 30.23
N SER D 464 49.85 -5.65 30.21
CA SER D 464 49.75 -4.22 30.46
C SER D 464 48.84 -3.51 29.45
N GLN D 465 48.23 -2.45 30.00
CA GLN D 465 47.54 -1.42 29.24
C GLN D 465 47.89 -0.07 29.85
N ALA D 466 47.76 0.96 29.02
CA ALA D 466 48.14 2.29 29.47
C ALA D 466 47.24 3.29 28.78
N SER D 467 46.91 4.36 29.48
CA SER D 467 46.09 5.39 28.87
C SER D 467 46.84 6.71 28.91
N VAL D 468 47.22 7.21 27.75
CA VAL D 468 47.99 8.42 27.74
C VAL D 468 47.09 9.59 27.34
N SER D 469 47.22 10.67 28.10
CA SER D 469 46.54 11.93 27.82
C SER D 469 47.41 12.69 26.83
N ILE D 470 46.79 13.28 25.80
CA ILE D 470 47.55 14.01 24.79
C ILE D 470 47.14 15.47 24.79
N SER D 471 46.32 15.85 25.79
CA SER D 471 45.91 17.21 26.06
C SER D 471 47.03 18.21 25.72
N ASP D 472 48.21 17.98 26.31
CA ASP D 472 49.31 18.94 26.18
C ASP D 472 49.99 18.83 24.82
N GLN D 473 49.36 18.20 23.82
CA GLN D 473 50.00 18.11 22.52
C GLN D 473 49.02 18.30 21.35
N LEU D 474 47.73 18.56 21.63
CA LEU D 474 46.73 18.70 20.59
C LEU D 474 47.15 19.67 19.50
N ASP D 475 47.97 20.68 19.84
CA ASP D 475 48.45 21.68 18.87
C ASP D 475 49.42 21.08 17.84
N LYS D 476 50.28 20.15 18.26
CA LYS D 476 51.44 19.75 17.48
C LYS D 476 51.01 19.02 16.20
N LYS D 477 51.92 19.01 15.21
CA LYS D 477 51.67 18.35 13.94
C LYS D 477 51.91 16.84 14.10
N ILE D 478 52.92 16.47 14.89
CA ILE D 478 53.24 15.08 15.23
C ILE D 478 53.11 14.92 16.75
N ILE D 479 52.31 13.93 17.18
CA ILE D 479 52.23 13.59 18.60
C ILE D 479 53.06 12.34 18.85
N THR D 480 53.82 12.30 19.96
CA THR D 480 54.63 11.13 20.32
C THR D 480 54.43 10.77 21.79
N SER D 481 54.59 9.47 22.09
CA SER D 481 54.61 8.95 23.45
C SER D 481 55.61 7.81 23.55
N GLU D 482 56.08 7.52 24.77
CA GLU D 482 57.02 6.42 24.96
C GLU D 482 56.64 5.74 26.27
N ASN D 483 56.35 4.44 26.20
CA ASN D 483 55.78 3.71 27.31
C ASN D 483 56.48 2.37 27.48
N PHE D 484 56.89 2.03 28.71
CA PHE D 484 57.78 0.91 29.00
C PHE D 484 57.00 -0.24 29.67
N PHE D 485 57.41 -1.49 29.39
CA PHE D 485 56.75 -2.67 29.92
C PHE D 485 57.76 -3.76 30.27
N ASN D 486 57.71 -4.25 31.52
CA ASN D 486 58.51 -5.39 31.94
C ASN D 486 58.06 -6.64 31.17
N ILE D 487 59.01 -7.30 30.50
CA ILE D 487 58.75 -8.57 29.82
C ILE D 487 58.82 -9.69 30.87
N PRO D 488 57.78 -10.55 30.96
CA PRO D 488 57.83 -11.74 31.80
C PRO D 488 58.73 -12.80 31.18
N ASP D 489 59.54 -13.47 32.01
CA ASP D 489 60.49 -14.46 31.52
C ASP D 489 59.77 -15.56 30.74
N ASN D 490 58.52 -15.85 31.09
CA ASN D 490 57.75 -16.89 30.43
C ASN D 490 56.75 -16.29 29.44
N CYS D 491 57.11 -15.13 28.84
CA CYS D 491 56.41 -14.61 27.68
C CYS D 491 57.13 -15.10 26.42
N TRP D 492 56.38 -15.84 25.59
CA TRP D 492 56.86 -16.44 24.37
C TRP D 492 56.47 -15.60 23.17
N VAL D 493 55.43 -14.78 23.30
CA VAL D 493 54.99 -13.92 22.21
C VAL D 493 54.22 -12.73 22.78
N VAL D 494 54.33 -11.59 22.09
CA VAL D 494 53.68 -10.38 22.53
C VAL D 494 53.02 -9.75 21.32
N ASN D 495 51.82 -9.15 21.54
CA ASN D 495 51.17 -8.31 20.55
C ASN D 495 51.21 -6.89 21.09
N ALA D 496 52.05 -6.06 20.48
CA ALA D 496 52.25 -4.69 20.93
C ALA D 496 51.41 -3.75 20.07
N SER D 497 50.31 -3.23 20.64
CA SER D 497 49.44 -2.37 19.86
C SER D 497 49.24 -1.01 20.53
N ALA D 498 48.74 -0.04 19.77
CA ALA D 498 48.46 1.29 20.28
C ALA D 498 47.37 1.91 19.40
N GLY D 499 46.42 2.61 20.01
CA GLY D 499 45.28 3.11 19.26
C GLY D 499 44.70 4.38 19.87
N ILE D 500 43.95 5.11 19.05
CA ILE D 500 43.27 6.34 19.44
C ILE D 500 42.08 6.51 18.49
N SER D 501 40.98 7.09 19.01
CA SER D 501 39.78 7.36 18.23
C SER D 501 39.86 8.70 17.48
N VAL D 502 39.35 8.75 16.25
CA VAL D 502 39.33 9.97 15.43
C VAL D 502 37.89 10.32 15.07
N ARG D 503 37.60 11.61 14.86
CA ARG D 503 36.24 12.01 14.53
C ARG D 503 36.27 12.99 13.38
N TYR D 504 35.35 12.78 12.43
CA TYR D 504 35.11 13.68 11.33
C TYR D 504 33.59 13.82 11.19
N GLY D 505 33.03 14.98 11.54
CA GLY D 505 31.58 15.04 11.59
C GLY D 505 31.06 13.89 12.45
N LYS D 506 30.12 13.09 11.91
CA LYS D 506 29.42 12.09 12.69
C LYS D 506 30.14 10.75 12.67
N PHE D 507 31.23 10.67 11.91
CA PHE D 507 31.94 9.42 11.70
C PHE D 507 33.15 9.33 12.63
N THR D 508 33.14 8.32 13.47
CA THR D 508 34.26 8.05 14.36
C THR D 508 34.81 6.66 14.08
N PHE D 509 36.12 6.54 14.28
CA PHE D 509 36.85 5.39 13.82
C PHE D 509 38.17 5.43 14.56
N LYS D 510 39.02 4.41 14.32
CA LYS D 510 40.25 4.25 15.08
C LYS D 510 41.46 4.18 14.14
N ILE D 511 42.58 4.68 14.66
CA ILE D 511 43.85 4.56 13.97
C ILE D 511 44.80 3.94 14.98
N HIS D 512 45.71 3.08 14.48
CA HIS D 512 46.32 2.09 15.32
C HIS D 512 47.42 1.32 14.61
N ASP D 513 48.16 0.54 15.36
CA ASP D 513 49.25 -0.24 14.81
C ASP D 513 49.50 -1.40 15.77
N GLN D 514 50.12 -2.48 15.25
CA GLN D 514 50.26 -3.75 15.93
C GLN D 514 51.51 -4.49 15.50
N LYS D 515 52.32 -4.92 16.47
CA LYS D 515 53.50 -5.73 16.17
C LYS D 515 53.43 -7.05 16.93
N ILE D 516 53.72 -8.16 16.23
CA ILE D 516 53.74 -9.47 16.82
C ILE D 516 55.19 -9.95 16.84
N ILE D 517 55.73 -10.12 18.05
CA ILE D 517 57.15 -10.33 18.28
C ILE D 517 57.36 -11.53 19.21
N TYR D 518 58.23 -12.47 18.79
CA TYR D 518 58.38 -13.75 19.46
C TYR D 518 59.60 -13.73 20.36
N ARG D 519 59.68 -14.70 21.29
CA ARG D 519 60.92 -15.01 22.00
C ARG D 519 61.62 -16.16 21.28
N GLY D 520 62.90 -15.96 20.97
CA GLY D 520 63.68 -16.97 20.26
C GLY D 520 62.98 -17.40 18.97
N ASP D 521 63.04 -18.71 18.68
CA ASP D 521 62.61 -19.23 17.39
C ASP D 521 61.63 -20.38 17.59
N TRP D 522 60.90 -20.35 18.72
CA TRP D 522 60.00 -21.43 19.04
C TRP D 522 58.89 -21.51 18.01
N ALA D 523 58.58 -20.39 17.37
CA ALA D 523 57.42 -20.37 16.49
C ALA D 523 57.86 -20.42 15.03
N LYS D 524 58.95 -21.13 14.75
CA LYS D 524 59.44 -21.20 13.39
C LYS D 524 58.44 -21.95 12.51
N GLU D 525 57.54 -22.74 13.13
CA GLU D 525 56.58 -23.53 12.38
C GLU D 525 55.17 -22.99 12.58
N VAL D 526 54.78 -22.87 13.85
CA VAL D 526 53.38 -22.67 14.20
C VAL D 526 52.95 -21.26 13.79
N GLY D 527 53.90 -20.30 13.81
CA GLY D 527 53.61 -18.89 13.64
C GLY D 527 53.51 -18.47 12.17
N ARG D 528 52.88 -17.30 11.99
CA ARG D 528 52.56 -16.77 10.68
C ARG D 528 53.83 -16.36 9.96
N LYS D 529 53.96 -16.78 8.69
CA LYS D 529 55.11 -16.49 7.84
C LYS D 529 54.87 -15.27 6.96
N LEU D 530 55.91 -14.87 6.21
CA LEU D 530 55.83 -13.92 5.09
C LEU D 530 55.51 -12.50 5.64
C2 BGC E . 10.91 23.97 21.77
C3 BGC E . 10.65 23.74 20.29
C4 BGC E . 11.90 23.25 19.59
C5 BGC E . 12.48 22.07 20.33
C6 BGC E . 13.73 21.50 19.69
C1 BGC E . 11.71 22.84 22.40
O1 BGC E . 12.11 23.16 23.68
O2 BGC E . 9.68 24.12 22.47
O3 BGC E . 10.20 24.96 19.70
O4 BGC E . 11.59 22.86 18.25
O5 BGC E . 12.85 22.53 21.62
O6 BGC E . 14.89 21.82 20.45
C2 BGC E . 8.55 26.40 18.89
C3 BGC E . 7.17 26.51 18.32
C4 BGC E . 7.00 25.51 17.20
C5 BGC E . 7.31 24.12 17.70
C6 BGC E . 7.20 23.05 16.64
C1 BGC E . 8.87 24.98 19.29
O2 BGC E . 8.71 27.26 20.01
O3 BGC E . 6.96 27.83 17.83
O4 BGC E . 5.65 25.57 16.73
O5 BGC E . 8.66 24.10 18.18
O6 BGC E . 7.87 23.43 15.45
C2 BGC F . 35.54 -20.80 24.41
C3 BGC F . 34.27 -21.44 24.93
C4 BGC F . 33.62 -20.59 26.03
C5 BGC F . 33.53 -19.16 25.58
C6 BGC F . 32.89 -18.26 26.59
C1 BGC F . 35.50 -19.27 24.32
O1 BGC F . 36.74 -18.69 24.31
O2 BGC F . 35.85 -21.33 23.12
O3 BGC F . 34.56 -22.72 25.48
O4 BGC F . 32.32 -21.08 26.30
O5 BGC F . 34.86 -18.71 25.45
O6 BGC F . 33.67 -17.07 26.78
C2 BGC F . 34.69 -25.03 25.44
C3 BGC F . 34.18 -26.30 24.82
C4 BGC F . 32.67 -26.34 24.90
C5 BGC F . 32.10 -25.09 24.26
C6 BGC F . 30.59 -25.01 24.37
C1 BGC F . 34.05 -23.83 24.80
O2 BGC F . 36.10 -24.95 25.34
O3 BGC F . 34.73 -27.42 25.52
O4 BGC F . 32.18 -27.50 24.21
O5 BGC F . 32.63 -23.94 24.92
O6 BGC F . 30.16 -25.28 25.69
C1 MLA G . 18.86 23.47 23.88
O1A MLA G . 19.35 22.37 24.15
O1B MLA G . 19.54 24.51 23.78
C2 MLA G . 17.36 23.52 23.65
C3 MLA G . 16.98 24.21 22.35
O3A MLA G . 15.96 23.82 21.74
O3B MLA G . 17.70 25.17 21.95
C1 MLA H . 17.30 7.11 41.99
O1A MLA H . 18.46 7.48 41.73
O1B MLA H . 16.62 6.35 41.26
C2 MLA H . 16.69 7.56 43.32
C3 MLA H . 16.37 6.34 44.19
O3A MLA H . 15.84 5.34 43.63
O3B MLA H . 16.66 6.40 45.41
C1 GOL I . 15.04 -6.00 25.92
O1 GOL I . 15.28 -5.26 27.13
C2 GOL I . 15.77 -5.43 24.69
O2 GOL I . 14.85 -5.24 23.62
C3 GOL I . 16.49 -4.13 24.95
O3 GOL I . 17.05 -3.62 23.74
C1 GOL J . 19.53 -10.78 34.96
O1 GOL J . 20.48 -9.77 34.70
C2 GOL J . 19.79 -12.04 34.16
O2 GOL J . 20.65 -12.90 34.92
C3 GOL J . 18.50 -12.73 33.77
O3 GOL J . 18.72 -14.01 33.19
C1 GOL K . -30.49 -22.34 -17.55
O1 GOL K . -30.13 -21.85 -18.85
C2 GOL K . -29.71 -21.68 -16.42
O2 GOL K . -30.33 -20.44 -16.04
C3 GOL K . -29.56 -22.58 -15.21
O3 GOL K . -29.21 -21.86 -14.02
C2 BGC L . -30.23 -21.17 -3.97
C3 BGC L . -30.38 -21.20 -2.42
C4 BGC L . -29.19 -20.57 -1.77
C5 BGC L . -29.07 -19.17 -2.29
C6 BGC L . -27.94 -18.38 -1.68
C1 BGC L . -30.03 -19.74 -4.42
O1 BGC L . -29.96 -19.56 -5.84
O2 BGC L . -31.30 -21.77 -4.69
O3 BGC L . -30.52 -22.51 -1.90
O4 BGC L . -29.34 -20.57 -0.35
O5 BGC L . -28.85 -19.28 -3.71
O6 BGC L . -26.70 -19.02 -1.91
C1 GOL M . -17.31 -1.53 -15.86
O1 GOL M . -17.67 -0.74 -16.99
C2 GOL M . -16.25 -0.85 -15.02
O2 GOL M . -14.97 -1.10 -15.61
C3 GOL M . -16.40 0.64 -14.85
O3 GOL M . -15.28 1.18 -14.14
C1 MLA N . -18.98 1.79 -29.61
O1A MLA N . -19.20 0.97 -28.71
O1B MLA N . -18.10 2.68 -29.57
C2 MLA N . -19.85 1.72 -30.85
C3 MLA N . -19.61 0.43 -31.61
O3A MLA N . -18.51 0.31 -32.20
O3B MLA N . -20.52 -0.42 -31.62
O1 PG4 O . -20.36 5.56 -45.83
C1 PG4 O . -21.19 5.61 -44.67
C2 PG4 O . -20.80 6.69 -43.66
O2 PG4 O . -19.44 7.09 -43.83
C3 PG4 O . -18.86 7.70 -42.67
C4 PG4 O . -18.85 9.17 -42.82
O3 PG4 O . -17.78 9.75 -42.08
C5 PG4 O . -17.68 11.14 -42.40
C6 PG4 O . -16.68 11.81 -41.51
O4 PG4 O . -16.91 13.23 -41.58
C7 PG4 O . -16.04 14.00 -40.74
C8 PG4 O . -16.14 13.56 -39.29
O5 PG4 O . -15.84 14.59 -38.35
C2 BGC P . 38.08 -15.33 28.07
C3 BGC P . 37.26 -16.65 28.08
C4 BGC P . 37.94 -17.64 29.04
C5 BGC P . 38.03 -17.03 30.47
C6 BGC P . 38.83 -17.94 31.39
C1 BGC P . 38.09 -14.70 29.47
O1 BGC P . 38.69 -13.37 29.38
O2 BGC P . 37.62 -14.37 27.14
O3 BGC P . 37.10 -17.22 26.75
O4 BGC P . 37.24 -18.92 29.10
O5 BGC P . 38.65 -15.65 30.46
O6 BGC P . 38.37 -17.99 32.74
C1 MLA Q . 51.35 12.00 3.71
O1A MLA Q . 50.15 12.07 3.44
O1B MLA Q . 52.13 11.21 3.14
C2 MLA Q . 51.91 12.91 4.78
C3 MLA Q . 52.16 14.32 4.25
O3A MLA Q . 52.30 15.24 5.08
O3B MLA Q . 52.23 14.48 3.02
#